data_3K35
#
_entry.id   3K35
#
_cell.length_a   89.388
_cell.length_b   136.266
_cell.length_c   89.260
_cell.angle_alpha   90.00
_cell.angle_beta   119.87
_cell.angle_gamma   90.00
#
_symmetry.space_group_name_H-M   'P 1 21 1'
#
loop_
_entity.id
_entity.type
_entity.pdbx_description
1 polymer 'NAD-dependent deacetylase sirtuin-6'
2 non-polymer 'ZINC ION'
3 non-polymer ADENOSINE-5-DIPHOSPHORIBOSE
4 non-polymer 'SULFATE ION'
5 non-polymer 'UNKNOWN ATOM OR ION'
6 water water
#
_entity_poly.entity_id   1
_entity_poly.type   'polypeptide(L)'
_entity_poly.pdbx_seq_one_letter_code
;GSVNYAAGLSPYADKGKCGLPEIFDPPEELERKVWELARLVWQSSSVVFHTGAGISTASGIPDFRGPHGVWTMEERGLAP
KFDTTFESARPTQTHMALVQLERVGLLRFLVSQNVDGLHVRSGFPRDKLAELHGNMFVEECAKCKTQYVRDTVVGTMGLK
ATGRLCTVAKARGLRACRGELRDTILDWEDSLPDRDLALADEASRNADLSITLGTSLQIRPSGNLPLATKRRGGRLVIVN
LQPTKHDRHADLRIHGYVDEVMTRLMKHLGLEIPAWDGPRVLERALPPLPRPPTPKLEPKEESPTRINGSIPAGPKQE
;
_entity_poly.pdbx_strand_id   A,B,C,D,E,F
#
# COMPACT_ATOMS: atom_id res chain seq x y z
N LYS A 15 -9.83 -5.13 20.65
CA LYS A 15 -10.33 -5.28 19.24
C LYS A 15 -10.50 -3.91 18.65
N GLY A 16 -9.99 -3.72 17.43
CA GLY A 16 -10.05 -2.45 16.73
C GLY A 16 -9.10 -1.37 17.25
N LYS A 17 -9.37 -0.14 16.83
CA LYS A 17 -8.49 0.99 17.09
C LYS A 17 -8.91 1.68 18.39
N CYS A 18 -7.99 1.72 19.35
CA CYS A 18 -8.29 2.19 20.71
C CYS A 18 -7.54 3.46 21.08
N GLY A 19 -8.20 4.33 21.84
CA GLY A 19 -7.51 5.47 22.46
C GLY A 19 -7.18 6.65 21.58
N LEU A 20 -7.81 6.74 20.40
CA LEU A 20 -7.62 7.91 19.53
C LEU A 20 -8.00 9.22 20.24
N PRO A 21 -7.32 10.35 19.89
CA PRO A 21 -7.68 11.63 20.51
C PRO A 21 -9.10 12.08 20.14
N GLU A 22 -9.77 12.72 21.07
CA GLU A 22 -11.09 13.24 20.84
C GLU A 22 -11.03 14.59 20.18
N ILE A 23 -12.16 14.97 19.58
CA ILE A 23 -12.32 16.22 18.88
C ILE A 23 -13.56 16.92 19.41
N PHE A 24 -13.48 18.24 19.57
CA PHE A 24 -14.61 19.06 19.99
C PHE A 24 -14.80 20.24 19.04
N ASP A 25 -15.87 20.20 18.27
CA ASP A 25 -16.34 21.38 17.53
C ASP A 25 -16.54 22.54 18.52
N PRO A 26 -15.99 23.74 18.22
CA PRO A 26 -16.23 24.91 19.10
C PRO A 26 -17.72 25.35 19.07
N PRO A 27 -18.14 26.20 19.98
CA PRO A 27 -19.54 26.51 20.07
C PRO A 27 -20.21 26.88 18.79
N GLU A 28 -19.63 27.75 17.98
CA GLU A 28 -20.31 28.19 16.79
C GLU A 28 -20.32 27.14 15.72
N GLU A 29 -19.31 26.30 15.66
CA GLU A 29 -19.26 25.18 14.74
C GLU A 29 -20.35 24.20 15.11
N LEU A 30 -20.43 23.88 16.39
CA LEU A 30 -21.39 22.93 16.92
C LEU A 30 -22.83 23.38 16.61
N GLU A 31 -23.16 24.63 16.99
CA GLU A 31 -24.51 25.15 16.78
C GLU A 31 -24.94 25.04 15.31
N ARG A 32 -24.02 25.40 14.41
CA ARG A 32 -24.29 25.40 12.97
C ARG A 32 -24.60 23.98 12.50
N LYS A 33 -23.76 23.06 12.97
CA LYS A 33 -23.90 21.63 12.69
C LYS A 33 -25.19 21.04 13.28
N VAL A 34 -25.59 21.49 14.47
CA VAL A 34 -26.84 20.99 15.08
C VAL A 34 -28.08 21.56 14.37
N TRP A 35 -27.99 22.80 13.88
CA TRP A 35 -29.05 23.36 13.03
C TRP A 35 -29.18 22.56 11.73
N GLU A 36 -28.04 22.22 11.13
CA GLU A 36 -28.01 21.40 9.92
C GLU A 36 -28.62 20.03 10.18
N LEU A 37 -28.34 19.46 11.35
CA LEU A 37 -28.95 18.18 11.73
C LEU A 37 -30.47 18.31 11.89
N ALA A 38 -30.93 19.39 12.51
CA ALA A 38 -32.35 19.66 12.67
C ALA A 38 -33.05 19.66 11.33
N ARG A 39 -32.44 20.37 10.39
CA ARG A 39 -32.86 20.47 9.00
C ARG A 39 -32.97 19.08 8.37
N LEU A 40 -31.96 18.24 8.56
CA LEU A 40 -32.00 16.88 7.98
C LEU A 40 -33.15 16.05 8.56
N VAL A 41 -33.35 16.17 9.87
CA VAL A 41 -34.45 15.50 10.57
C VAL A 41 -35.81 15.97 10.05
N TRP A 42 -35.99 17.29 9.97
CA TRP A 42 -37.26 17.85 9.45
C TRP A 42 -37.61 17.30 8.06
N GLN A 43 -36.61 17.25 7.20
CA GLN A 43 -36.78 16.92 5.77
C GLN A 43 -36.78 15.43 5.41
N SER A 44 -36.56 14.57 6.41
CA SER A 44 -36.44 13.13 6.20
C SER A 44 -37.64 12.40 6.79
N SER A 45 -38.34 11.59 5.97
CA SER A 45 -39.50 10.85 6.48
C SER A 45 -39.12 9.70 7.41
N SER A 46 -38.06 8.98 7.05
CA SER A 46 -37.58 7.87 7.87
C SER A 46 -36.23 8.19 8.52
N VAL A 47 -36.23 8.37 9.84
CA VAL A 47 -34.98 8.67 10.58
C VAL A 47 -34.64 7.47 11.44
N VAL A 48 -33.46 6.89 11.21
CA VAL A 48 -32.98 5.74 11.99
C VAL A 48 -31.72 6.13 12.76
N PHE A 49 -31.76 5.85 14.06
CA PHE A 49 -30.66 6.07 14.95
C PHE A 49 -29.92 4.80 15.23
N HIS A 50 -28.61 4.94 15.30
CA HIS A 50 -27.70 3.86 15.59
C HIS A 50 -26.88 4.26 16.83
N THR A 51 -27.05 3.54 17.92
CA THR A 51 -26.33 3.93 19.15
C THR A 51 -25.25 2.94 19.61
N GLY A 52 -24.15 3.50 20.13
CA GLY A 52 -23.10 2.75 20.79
C GLY A 52 -22.82 3.22 22.21
N ALA A 53 -21.74 2.68 22.78
CA ALA A 53 -21.41 2.79 24.20
C ALA A 53 -21.18 4.23 24.67
N GLY A 54 -20.84 5.11 23.74
CA GLY A 54 -20.68 6.54 24.04
C GLY A 54 -21.92 7.26 24.55
N ILE A 55 -23.11 6.72 24.27
CA ILE A 55 -24.32 7.34 24.78
C ILE A 55 -24.59 6.95 26.24
N SER A 56 -23.69 6.16 26.84
CA SER A 56 -23.95 5.71 28.21
C SER A 56 -22.86 6.16 29.16
N THR A 57 -21.82 6.81 28.64
CA THR A 57 -20.68 7.22 29.45
C THR A 57 -21.06 8.32 30.49
N ALA A 58 -21.95 9.23 30.09
CA ALA A 58 -22.50 10.30 30.98
C ALA A 58 -23.39 9.76 32.13
N SER A 59 -23.75 8.47 32.05
CA SER A 59 -24.37 7.79 33.18
C SER A 59 -23.39 6.95 34.06
N GLY A 60 -22.09 6.95 33.73
CA GLY A 60 -21.12 6.17 34.52
C GLY A 60 -20.67 4.82 33.95
N ILE A 61 -21.12 4.48 32.75
CA ILE A 61 -20.72 3.22 32.13
C ILE A 61 -19.61 3.50 31.13
N PRO A 62 -18.45 2.85 31.31
CA PRO A 62 -17.34 3.19 30.42
C PRO A 62 -17.61 2.65 29.00
N ASP A 63 -17.04 3.28 27.96
CA ASP A 63 -17.10 2.72 26.62
C ASP A 63 -15.97 1.69 26.45
N PHE A 64 -15.66 1.35 25.20
CA PHE A 64 -14.70 0.29 24.92
C PHE A 64 -13.41 0.84 24.34
N ARG A 65 -13.52 1.86 23.48
CA ARG A 65 -12.36 2.34 22.72
C ARG A 65 -12.02 3.80 22.95
N GLY A 66 -12.72 4.44 23.90
CA GLY A 66 -12.40 5.82 24.26
C GLY A 66 -11.14 5.86 25.13
N PRO A 67 -10.78 7.06 25.64
CA PRO A 67 -9.50 7.22 26.36
C PRO A 67 -9.35 6.33 27.59
N HIS A 68 -10.42 6.16 28.34
CA HIS A 68 -10.49 5.24 29.46
C HIS A 68 -11.46 4.09 29.12
N GLY A 69 -11.66 3.82 27.83
CA GLY A 69 -12.50 2.69 27.39
C GLY A 69 -11.97 1.35 27.88
N VAL A 70 -12.84 0.35 27.91
CA VAL A 70 -12.49 -1.01 28.37
C VAL A 70 -11.21 -1.55 27.70
N TRP A 71 -11.18 -1.53 26.37
CA TRP A 71 -10.05 -2.07 25.62
C TRP A 71 -8.81 -1.19 25.72
N THR A 72 -9.01 0.13 25.71
CA THR A 72 -7.91 1.10 25.86
C THR A 72 -7.22 0.89 27.20
N MET A 73 -8.01 0.58 28.23
CA MET A 73 -7.47 0.51 29.55
C MET A 73 -6.82 -0.86 29.70
N GLU A 74 -7.44 -1.87 29.10
CA GLU A 74 -6.85 -3.21 29.08
C GLU A 74 -5.41 -3.17 28.51
N GLU A 75 -5.21 -2.36 27.48
CA GLU A 75 -3.89 -2.15 26.87
C GLU A 75 -2.85 -1.60 27.85
N ARG A 76 -3.33 -0.93 28.89
CA ARG A 76 -2.45 -0.38 29.94
C ARG A 76 -2.41 -1.26 31.18
N GLY A 77 -3.09 -2.39 31.12
CA GLY A 77 -3.18 -3.32 32.24
C GLY A 77 -3.99 -2.67 33.37
N LEU A 78 -5.05 -1.97 32.98
CA LEU A 78 -5.96 -1.31 33.90
C LEU A 78 -7.38 -1.87 33.71
N ALA A 79 -8.13 -2.01 34.80
CA ALA A 79 -9.53 -2.38 34.69
C ALA A 79 -10.41 -1.14 34.41
N PRO A 80 -11.55 -1.34 33.72
CA PRO A 80 -12.52 -0.27 33.45
C PRO A 80 -13.17 0.22 34.74
N LYS A 81 -13.52 1.50 34.78
CA LYS A 81 -14.15 2.09 35.96
C LYS A 81 -15.63 2.37 35.67
N PHE A 82 -16.50 1.77 36.48
CA PHE A 82 -17.92 2.07 36.50
C PHE A 82 -18.21 3.07 37.62
N ASP A 83 -19.08 4.03 37.38
CA ASP A 83 -19.53 4.92 38.45
C ASP A 83 -20.95 4.57 38.85
N THR A 84 -21.40 3.41 38.41
CA THR A 84 -22.77 2.91 38.66
C THR A 84 -22.76 1.41 38.50
N THR A 85 -23.74 0.70 39.06
CA THR A 85 -24.03 -0.66 38.63
C THR A 85 -24.94 -0.56 37.39
N PHE A 86 -25.08 -1.64 36.61
CA PHE A 86 -26.05 -1.60 35.52
C PHE A 86 -27.45 -1.28 36.09
N GLU A 87 -27.77 -1.86 37.24
CA GLU A 87 -29.09 -1.66 37.90
C GLU A 87 -29.41 -0.23 38.36
N SER A 88 -28.42 0.51 38.84
CA SER A 88 -28.67 1.85 39.39
C SER A 88 -28.39 2.92 38.33
N ALA A 89 -28.07 2.46 37.11
CA ALA A 89 -27.82 3.38 36.00
C ALA A 89 -29.10 4.06 35.56
N ARG A 90 -28.99 5.36 35.30
CA ARG A 90 -30.08 6.20 34.82
C ARG A 90 -29.90 6.42 33.32
N PRO A 91 -30.99 6.32 32.53
CA PRO A 91 -30.87 6.81 31.16
C PRO A 91 -30.41 8.24 31.12
N THR A 92 -29.54 8.55 30.15
CA THR A 92 -29.01 9.89 29.97
C THR A 92 -30.04 10.74 29.22
N GLN A 93 -29.75 12.04 29.10
CA GLN A 93 -30.56 12.97 28.32
C GLN A 93 -30.73 12.47 26.89
N THR A 94 -29.68 11.83 26.39
CA THR A 94 -29.69 11.30 25.05
C THR A 94 -30.71 10.13 24.97
N HIS A 95 -30.72 9.24 25.97
CA HIS A 95 -31.65 8.11 25.98
C HIS A 95 -33.09 8.63 25.94
N MET A 96 -33.35 9.57 26.84
CA MET A 96 -34.68 10.18 26.96
C MET A 96 -35.10 11.00 25.74
N ALA A 97 -34.14 11.62 25.04
CA ALA A 97 -34.45 12.41 23.84
C ALA A 97 -34.96 11.51 22.74
N LEU A 98 -34.33 10.34 22.62
CA LEU A 98 -34.70 9.29 21.69
C LEU A 98 -36.09 8.67 22.01
N VAL A 99 -36.41 8.52 23.30
CA VAL A 99 -37.79 8.20 23.70
C VAL A 99 -38.78 9.21 23.11
N GLN A 100 -38.48 10.50 23.25
CA GLN A 100 -39.42 11.53 22.81
C GLN A 100 -39.51 11.63 21.29
N LEU A 101 -38.37 11.46 20.61
CA LEU A 101 -38.32 11.51 19.13
C LEU A 101 -39.19 10.41 18.57
N GLU A 102 -39.16 9.26 19.23
CA GLU A 102 -40.00 8.15 18.80
C GLU A 102 -41.48 8.48 19.05
N ARG A 103 -41.78 9.08 20.21
CA ARG A 103 -43.19 9.37 20.56
C ARG A 103 -43.86 10.32 19.59
N VAL A 104 -43.11 11.32 19.13
CA VAL A 104 -43.68 12.32 18.23
C VAL A 104 -43.55 11.91 16.74
N GLY A 105 -42.99 10.73 16.50
CA GLY A 105 -42.85 10.25 15.13
C GLY A 105 -41.62 10.68 14.36
N LEU A 106 -40.64 11.30 15.01
CA LEU A 106 -39.39 11.67 14.33
C LEU A 106 -38.26 10.64 14.45
N LEU A 107 -38.58 9.44 14.91
CA LEU A 107 -37.65 8.31 14.94
C LEU A 107 -38.40 7.07 14.46
N ARG A 108 -37.97 6.51 13.34
CA ARG A 108 -38.61 5.28 12.80
C ARG A 108 -38.17 4.02 13.54
N PHE A 109 -36.85 3.91 13.77
CA PHE A 109 -36.27 2.73 14.37
C PHE A 109 -34.97 3.05 15.11
N LEU A 110 -34.66 2.25 16.10
CA LEU A 110 -33.42 2.39 16.84
C LEU A 110 -32.58 1.12 16.87
N VAL A 111 -31.37 1.20 16.33
CA VAL A 111 -30.43 0.09 16.37
C VAL A 111 -29.33 0.32 17.41
N SER A 112 -29.22 -0.59 18.39
CA SER A 112 -28.21 -0.43 19.39
C SER A 112 -27.22 -1.57 19.42
N GLN A 113 -25.96 -1.23 19.65
CA GLN A 113 -24.93 -2.21 20.02
C GLN A 113 -24.76 -2.38 21.56
N ASN A 114 -25.45 -1.56 22.38
CA ASN A 114 -25.28 -1.63 23.87
C ASN A 114 -26.01 -2.76 24.59
N VAL A 115 -25.28 -3.39 25.51
CA VAL A 115 -25.84 -4.43 26.34
C VAL A 115 -26.36 -3.87 27.68
N ASP A 116 -26.15 -2.58 27.90
CA ASP A 116 -26.45 -1.95 29.20
C ASP A 116 -27.95 -1.92 29.59
N GLY A 117 -28.85 -2.27 28.67
CA GLY A 117 -30.28 -2.30 28.99
C GLY A 117 -30.96 -0.96 29.17
N LEU A 118 -30.24 0.15 28.93
CA LEU A 118 -30.79 1.48 29.19
C LEU A 118 -31.93 1.92 28.23
N HIS A 119 -31.86 1.54 26.95
CA HIS A 119 -32.95 1.89 26.04
C HIS A 119 -34.30 1.32 26.52
N VAL A 120 -34.35 0.00 26.76
CA VAL A 120 -35.55 -0.69 27.34
C VAL A 120 -36.06 -0.06 28.65
N ARG A 121 -35.15 0.18 29.58
CA ARG A 121 -35.49 0.70 30.92
C ARG A 121 -35.92 2.18 30.88
N SER A 122 -35.53 2.91 29.83
CA SER A 122 -35.98 4.28 29.59
C SER A 122 -37.44 4.39 29.12
N GLY A 123 -38.00 3.25 28.68
CA GLY A 123 -39.37 3.16 28.17
C GLY A 123 -39.47 3.20 26.65
N PHE A 124 -38.34 3.01 25.96
CA PHE A 124 -38.35 2.93 24.49
C PHE A 124 -39.07 1.65 24.02
N PRO A 125 -40.01 1.77 23.04
CA PRO A 125 -40.78 0.59 22.66
C PRO A 125 -39.88 -0.45 21.99
N ARG A 126 -39.99 -1.66 22.49
CA ARG A 126 -39.11 -2.73 22.12
C ARG A 126 -39.33 -3.08 20.64
N ASP A 127 -40.56 -2.91 20.12
CA ASP A 127 -40.80 -3.23 18.68
C ASP A 127 -40.12 -2.30 17.66
N LYS A 128 -39.52 -1.21 18.14
CA LYS A 128 -38.74 -0.31 17.28
C LYS A 128 -37.28 -0.29 17.73
N LEU A 129 -36.89 -1.33 18.43
CA LEU A 129 -35.52 -1.47 18.94
C LEU A 129 -34.85 -2.83 18.58
N ALA A 130 -33.67 -2.75 18.01
CA ALA A 130 -32.83 -3.90 17.74
C ALA A 130 -31.66 -3.83 18.69
N GLU A 131 -31.47 -4.85 19.51
CA GLU A 131 -30.31 -4.86 20.41
C GLU A 131 -29.42 -5.95 19.88
N LEU A 132 -28.47 -5.54 19.05
CA LEU A 132 -27.70 -6.45 18.21
C LEU A 132 -26.74 -7.33 19.00
N HIS A 133 -26.26 -6.83 20.15
CA HIS A 133 -25.25 -7.50 20.94
C HIS A 133 -25.82 -8.10 22.23
N GLY A 134 -27.13 -7.96 22.40
CA GLY A 134 -27.81 -8.52 23.57
C GLY A 134 -28.14 -7.41 24.58
N ASN A 135 -28.70 -7.83 25.71
CA ASN A 135 -29.15 -6.94 26.78
C ASN A 135 -28.93 -7.68 28.10
N MET A 136 -28.20 -7.05 29.02
CA MET A 136 -27.84 -7.66 30.32
C MET A 136 -29.02 -8.14 31.14
N PHE A 137 -30.17 -7.48 30.97
CA PHE A 137 -31.38 -7.77 31.73
C PHE A 137 -32.32 -8.78 31.08
N VAL A 138 -31.99 -9.23 29.88
CA VAL A 138 -32.92 -10.08 29.12
C VAL A 138 -32.40 -11.50 29.04
N GLU A 139 -33.29 -12.45 29.31
CA GLU A 139 -33.05 -13.86 29.07
C GLU A 139 -34.09 -14.42 28.09
N GLU A 140 -33.75 -15.51 27.43
CA GLU A 140 -34.54 -16.04 26.33
C GLU A 140 -34.68 -17.55 26.46
N CYS A 141 -35.89 -18.05 26.22
CA CYS A 141 -36.12 -19.49 26.29
C CYS A 141 -35.45 -20.21 25.12
N ALA A 142 -34.60 -21.18 25.43
CA ALA A 142 -34.00 -22.04 24.40
C ALA A 142 -35.06 -22.75 23.55
N LYS A 143 -36.20 -23.07 24.18
CA LYS A 143 -37.30 -23.82 23.55
C LYS A 143 -38.26 -22.91 22.76
N CYS A 144 -39.03 -22.07 23.45
CA CYS A 144 -40.04 -21.25 22.77
C CYS A 144 -39.54 -19.91 22.20
N LYS A 145 -38.36 -19.47 22.65
CA LYS A 145 -37.78 -18.17 22.24
C LYS A 145 -38.43 -16.89 22.82
N THR A 146 -39.31 -17.06 23.80
CA THR A 146 -39.92 -15.90 24.45
C THR A 146 -38.92 -15.25 25.40
N GLN A 147 -38.86 -13.93 25.34
CA GLN A 147 -37.85 -13.18 26.09
C GLN A 147 -38.41 -12.69 27.41
N TYR A 148 -37.54 -12.57 28.42
CA TYR A 148 -37.91 -12.04 29.73
C TYR A 148 -37.04 -10.83 30.07
N VAL A 149 -37.67 -9.68 30.21
CA VAL A 149 -36.94 -8.52 30.66
C VAL A 149 -37.01 -8.50 32.18
N ARG A 150 -35.85 -8.65 32.83
CA ARG A 150 -35.75 -8.66 34.27
C ARG A 150 -35.41 -7.31 34.89
N ASP A 151 -35.71 -7.17 36.18
CA ASP A 151 -35.37 -5.93 36.87
C ASP A 151 -33.89 -5.79 37.25
N THR A 152 -33.14 -6.90 37.17
CA THR A 152 -31.73 -6.90 37.56
C THR A 152 -31.00 -7.71 36.51
N VAL A 153 -29.68 -7.55 36.39
CA VAL A 153 -28.91 -8.28 35.35
C VAL A 153 -29.06 -9.78 35.55
N VAL A 154 -29.10 -10.51 34.44
CA VAL A 154 -29.47 -11.91 34.46
C VAL A 154 -28.46 -12.83 35.18
N GLY A 155 -27.19 -12.46 35.14
CA GLY A 155 -26.15 -13.20 35.86
C GLY A 155 -25.18 -14.01 35.01
N THR A 156 -25.47 -14.18 33.72
CA THR A 156 -24.54 -14.87 32.83
C THR A 156 -24.35 -14.15 31.47
N MET A 157 -23.23 -14.44 30.80
CA MET A 157 -22.90 -13.89 29.49
C MET A 157 -22.43 -15.04 28.60
N GLY A 158 -22.55 -14.90 27.29
CA GLY A 158 -22.11 -15.93 26.36
C GLY A 158 -23.21 -16.93 26.02
N LEU A 159 -24.45 -16.50 26.17
CA LEU A 159 -25.63 -17.29 25.82
C LEU A 159 -25.72 -18.59 26.62
N LYS A 160 -25.47 -18.47 27.93
CA LYS A 160 -25.42 -19.60 28.85
C LYS A 160 -26.68 -19.74 29.69
N ALA A 161 -26.93 -20.96 30.19
CA ALA A 161 -28.06 -21.23 31.09
C ALA A 161 -28.00 -20.35 32.34
N THR A 162 -29.09 -19.64 32.61
CA THR A 162 -29.13 -18.69 33.72
C THR A 162 -29.49 -19.41 35.01
N GLY A 163 -30.04 -20.61 34.88
CA GLY A 163 -30.50 -21.38 36.03
C GLY A 163 -31.99 -21.21 36.29
N ARG A 164 -32.68 -20.62 35.31
CA ARG A 164 -34.14 -20.44 35.37
C ARG A 164 -34.89 -21.15 34.25
N LEU A 165 -36.10 -21.60 34.57
CA LEU A 165 -36.96 -22.25 33.60
C LEU A 165 -38.07 -21.30 33.14
N CYS A 166 -38.50 -21.50 31.90
CA CYS A 166 -39.52 -20.67 31.26
C CYS A 166 -40.92 -20.94 31.82
N THR A 167 -41.76 -19.90 31.82
CA THR A 167 -43.11 -19.97 32.41
C THR A 167 -44.25 -19.71 31.41
N VAL A 168 -43.98 -19.79 30.11
CA VAL A 168 -45.01 -19.61 29.06
C VAL A 168 -45.60 -20.95 28.59
N CYS A 177 -44.27 -24.62 29.41
CA CYS A 177 -43.05 -24.82 28.62
C CYS A 177 -41.88 -25.40 29.44
N ARG A 178 -41.50 -24.70 30.51
CA ARG A 178 -40.41 -25.12 31.41
C ARG A 178 -39.02 -25.21 30.75
N GLY A 179 -38.90 -24.72 29.52
CA GLY A 179 -37.64 -24.65 28.79
C GLY A 179 -36.53 -23.85 29.49
N GLU A 180 -35.30 -24.08 29.04
CA GLU A 180 -34.13 -23.50 29.66
C GLU A 180 -33.92 -22.04 29.24
N LEU A 181 -33.78 -21.16 30.23
CA LEU A 181 -33.55 -19.72 29.97
C LEU A 181 -32.06 -19.43 29.96
N ARG A 182 -31.65 -18.62 28.97
CA ARG A 182 -30.27 -18.30 28.74
C ARG A 182 -30.12 -16.78 28.58
N ASP A 183 -28.95 -16.24 28.89
CA ASP A 183 -28.70 -14.83 28.62
C ASP A 183 -28.68 -14.56 27.11
N THR A 184 -28.75 -13.28 26.72
CA THR A 184 -28.65 -12.92 25.31
C THR A 184 -27.39 -12.16 25.00
N ILE A 185 -26.38 -12.22 25.89
CA ILE A 185 -25.14 -11.50 25.65
C ILE A 185 -24.28 -12.32 24.71
N LEU A 186 -24.08 -11.79 23.51
CA LEU A 186 -23.26 -12.46 22.51
C LEU A 186 -21.82 -12.54 22.99
N ASP A 187 -21.18 -13.69 22.75
CA ASP A 187 -19.74 -13.82 22.94
C ASP A 187 -19.08 -13.52 21.61
N TRP A 188 -17.75 -13.44 21.61
CA TRP A 188 -16.95 -13.06 20.44
C TRP A 188 -17.33 -13.81 19.17
N GLU A 189 -17.50 -15.12 19.30
CA GLU A 189 -17.77 -16.00 18.17
C GLU A 189 -19.24 -16.09 17.77
N ASP A 190 -20.13 -15.65 18.67
CA ASP A 190 -21.59 -15.80 18.50
C ASP A 190 -22.16 -14.89 17.41
N SER A 191 -23.08 -15.43 16.61
CA SER A 191 -23.74 -14.67 15.57
C SER A 191 -24.90 -13.83 16.13
N LEU A 192 -25.29 -12.80 15.38
CA LEU A 192 -26.31 -11.84 15.84
C LEU A 192 -27.71 -12.42 15.87
N PRO A 193 -28.57 -11.93 16.79
CA PRO A 193 -29.96 -12.37 16.82
C PRO A 193 -30.64 -12.11 15.48
N ASP A 194 -31.21 -13.18 14.90
CA ASP A 194 -31.86 -13.18 13.59
C ASP A 194 -32.89 -12.06 13.42
N ARG A 195 -33.89 -12.02 14.30
CA ARG A 195 -34.94 -11.00 14.20
C ARG A 195 -34.39 -9.56 14.31
N ASP A 196 -33.55 -9.30 15.30
CA ASP A 196 -33.04 -7.91 15.51
C ASP A 196 -32.29 -7.42 14.27
N LEU A 197 -31.40 -8.26 13.73
CA LEU A 197 -30.65 -7.89 12.55
C LEU A 197 -31.56 -7.67 11.34
N ALA A 198 -32.66 -8.43 11.28
CA ALA A 198 -33.58 -8.37 10.11
C ALA A 198 -34.31 -7.05 10.11
N LEU A 199 -34.79 -6.67 11.29
CA LEU A 199 -35.40 -5.37 11.52
C LEU A 199 -34.42 -4.20 11.38
N ALA A 200 -33.17 -4.35 11.86
CA ALA A 200 -32.11 -3.34 11.67
C ALA A 200 -31.77 -3.07 10.20
N ASP A 201 -31.57 -4.16 9.45
CA ASP A 201 -31.36 -4.10 7.99
C ASP A 201 -32.47 -3.36 7.28
N GLU A 202 -33.71 -3.78 7.56
CA GLU A 202 -34.89 -3.24 6.88
C GLU A 202 -34.97 -1.76 7.14
N ALA A 203 -34.82 -1.37 8.41
CA ALA A 203 -34.90 0.04 8.78
C ALA A 203 -33.78 0.85 8.13
N SER A 204 -32.54 0.32 8.15
CA SER A 204 -31.41 1.07 7.58
C SER A 204 -31.44 1.21 6.05
N ARG A 205 -31.83 0.16 5.36
CA ARG A 205 -31.89 0.15 3.88
C ARG A 205 -32.96 1.11 3.40
N ASN A 206 -34.08 1.11 4.12
CA ASN A 206 -35.23 1.95 3.78
C ASN A 206 -35.19 3.37 4.39
N ALA A 207 -34.16 3.70 5.17
CA ALA A 207 -34.07 5.04 5.81
C ALA A 207 -33.65 6.15 4.85
N ASP A 208 -34.26 7.32 5.04
CA ASP A 208 -33.87 8.58 4.37
C ASP A 208 -32.66 9.22 5.06
N LEU A 209 -32.52 8.92 6.35
CA LEU A 209 -31.48 9.53 7.19
C LEU A 209 -31.05 8.55 8.31
N SER A 210 -29.76 8.27 8.41
CA SER A 210 -29.23 7.48 9.54
C SER A 210 -28.32 8.39 10.34
N ILE A 211 -28.50 8.37 11.66
CA ILE A 211 -27.70 9.16 12.56
C ILE A 211 -27.05 8.18 13.54
N THR A 212 -25.73 8.17 13.59
CA THR A 212 -25.03 7.38 14.58
C THR A 212 -24.67 8.27 15.80
N LEU A 213 -24.76 7.70 17.00
CA LEU A 213 -24.48 8.44 18.24
C LEU A 213 -23.58 7.58 19.09
N GLY A 214 -22.41 8.09 19.43
CA GLY A 214 -21.53 7.46 20.40
C GLY A 214 -21.10 6.03 20.08
N THR A 215 -20.86 5.76 18.80
CA THR A 215 -20.24 4.50 18.34
C THR A 215 -19.12 4.81 17.34
N SER A 216 -18.01 4.07 17.43
CA SER A 216 -16.90 4.25 16.51
C SER A 216 -17.09 3.44 15.22
N LEU A 217 -18.12 2.61 15.16
CA LEU A 217 -18.53 1.87 13.94
C LEU A 217 -17.50 0.84 13.44
N GLN A 218 -16.77 0.24 14.38
CA GLN A 218 -15.74 -0.74 14.04
C GLN A 218 -16.17 -2.20 14.00
N ILE A 219 -17.34 -2.54 14.57
CA ILE A 219 -17.86 -3.90 14.59
C ILE A 219 -18.84 -4.19 13.45
N ARG A 220 -18.52 -5.12 12.56
CA ARG A 220 -19.48 -5.56 11.55
C ARG A 220 -20.39 -6.62 12.12
N PRO A 221 -21.61 -6.73 11.65
CA PRO A 221 -22.31 -5.89 10.67
C PRO A 221 -22.83 -4.56 11.23
N SER A 222 -22.93 -4.45 12.57
CA SER A 222 -23.45 -3.25 13.25
C SER A 222 -22.99 -1.91 12.71
N GLY A 223 -21.68 -1.73 12.58
CA GLY A 223 -21.04 -0.48 12.12
C GLY A 223 -21.28 -0.13 10.65
N ASN A 224 -21.65 -1.12 9.84
CA ASN A 224 -21.90 -0.89 8.39
C ASN A 224 -23.37 -0.61 8.06
N LEU A 225 -24.28 -0.92 8.99
CA LEU A 225 -25.70 -0.64 8.79
C LEU A 225 -26.00 0.81 8.40
N PRO A 226 -25.36 1.82 9.07
CA PRO A 226 -25.64 3.23 8.66
C PRO A 226 -25.22 3.55 7.22
N LEU A 227 -24.27 2.78 6.67
CA LEU A 227 -23.84 2.93 5.27
C LEU A 227 -24.86 2.42 4.27
N ALA A 228 -25.65 1.42 4.66
CA ALA A 228 -26.69 0.92 3.76
C ALA A 228 -27.68 2.03 3.41
N THR A 229 -27.90 2.94 4.37
CA THR A 229 -28.72 4.12 4.13
C THR A 229 -28.07 5.05 3.08
N LYS A 230 -26.77 5.31 3.23
CA LYS A 230 -25.99 6.13 2.29
C LYS A 230 -26.01 5.52 0.87
N ARG A 231 -25.75 4.22 0.78
CA ARG A 231 -25.75 3.46 -0.48
C ARG A 231 -27.08 3.59 -1.21
N ARG A 232 -28.17 3.48 -0.46
CA ARG A 232 -29.53 3.61 -0.98
C ARG A 232 -29.99 5.06 -1.20
N GLY A 233 -29.09 6.02 -1.25
CA GLY A 233 -29.47 7.42 -1.55
C GLY A 233 -29.76 8.33 -0.36
N GLY A 234 -29.90 7.73 0.83
CA GLY A 234 -30.11 8.48 2.07
C GLY A 234 -28.90 9.26 2.58
N ARG A 235 -29.11 10.02 3.64
CA ARG A 235 -28.09 10.87 4.26
C ARG A 235 -27.52 10.21 5.52
N LEU A 236 -26.28 10.54 5.86
CA LEU A 236 -25.60 9.95 7.02
C LEU A 236 -25.00 11.03 7.93
N VAL A 237 -25.35 10.96 9.22
CA VAL A 237 -24.78 11.86 10.23
C VAL A 237 -24.08 11.02 11.30
N ILE A 238 -22.83 11.37 11.59
CA ILE A 238 -22.06 10.66 12.62
C ILE A 238 -21.78 11.63 13.75
N VAL A 239 -22.25 11.31 14.95
CA VAL A 239 -22.00 12.13 16.16
C VAL A 239 -21.12 11.32 17.08
N ASN A 240 -19.90 11.83 17.30
CA ASN A 240 -18.90 11.06 18.04
C ASN A 240 -17.74 11.94 18.41
N LEU A 241 -17.12 11.66 19.55
CA LEU A 241 -16.01 12.46 20.04
C LEU A 241 -14.70 12.12 19.33
N GLN A 242 -14.52 10.84 19.00
CA GLN A 242 -13.34 10.35 18.24
C GLN A 242 -13.67 10.15 16.77
N PRO A 243 -12.63 9.99 15.90
CA PRO A 243 -12.92 9.51 14.56
C PRO A 243 -13.63 8.18 14.58
N THR A 244 -14.33 7.86 13.48
CA THR A 244 -14.94 6.56 13.30
C THR A 244 -14.44 5.96 11.99
N LYS A 245 -14.70 4.67 11.81
CA LYS A 245 -14.33 3.95 10.58
C LYS A 245 -14.94 4.57 9.30
N HIS A 246 -16.18 5.05 9.38
CA HIS A 246 -16.90 5.54 8.19
C HIS A 246 -17.01 7.07 8.07
N ASP A 247 -16.16 7.79 8.81
CA ASP A 247 -16.18 9.24 8.78
C ASP A 247 -16.31 9.82 7.38
N ARG A 248 -15.58 9.26 6.42
CA ARG A 248 -15.52 9.88 5.08
C ARG A 248 -16.85 9.80 4.33
N HIS A 249 -17.74 8.90 4.76
CA HIS A 249 -19.02 8.64 4.09
C HIS A 249 -20.16 9.51 4.63
N ALA A 250 -19.92 10.19 5.74
CA ALA A 250 -20.96 11.01 6.39
C ALA A 250 -21.22 12.35 5.73
N ASP A 251 -22.47 12.78 5.72
CA ASP A 251 -22.84 14.08 5.16
C ASP A 251 -22.59 15.22 6.15
N LEU A 252 -22.55 14.86 7.43
CA LEU A 252 -22.33 15.78 8.56
C LEU A 252 -21.65 14.97 9.66
N ARG A 253 -20.51 15.44 10.15
CA ARG A 253 -19.85 14.81 11.30
C ARG A 253 -19.91 15.83 12.43
N ILE A 254 -20.37 15.42 13.61
CA ILE A 254 -20.49 16.35 14.73
C ILE A 254 -19.66 15.88 15.92
N HIS A 255 -18.64 16.64 16.27
CA HIS A 255 -17.76 16.24 17.36
C HIS A 255 -18.12 16.97 18.65
N GLY A 256 -18.89 16.30 19.49
CA GLY A 256 -19.25 16.88 20.79
C GLY A 256 -19.87 15.83 21.69
N TYR A 257 -20.06 16.17 22.99
CA TYR A 257 -20.81 15.27 23.85
C TYR A 257 -22.21 15.10 23.28
N VAL A 258 -22.64 13.83 23.14
N VAL A 258 -22.66 13.85 23.14
CA VAL A 258 -23.97 13.51 22.62
CA VAL A 258 -23.98 13.61 22.54
C VAL A 258 -25.09 14.24 23.35
C VAL A 258 -25.17 14.13 23.37
N ASP A 259 -25.01 14.26 24.69
CA ASP A 259 -26.06 14.91 25.51
C ASP A 259 -26.22 16.36 25.12
N GLU A 260 -25.10 17.05 24.91
CA GLU A 260 -25.15 18.40 24.43
C GLU A 260 -25.74 18.50 23.02
N VAL A 261 -25.24 17.71 22.08
CA VAL A 261 -25.78 17.66 20.72
C VAL A 261 -27.30 17.45 20.73
N MET A 262 -27.77 16.50 21.55
CA MET A 262 -29.20 16.14 21.60
C MET A 262 -30.02 17.21 22.32
N THR A 263 -29.50 17.76 23.40
CA THR A 263 -30.18 18.87 24.06
C THR A 263 -30.45 20.01 23.07
N ARG A 264 -29.42 20.37 22.30
CA ARG A 264 -29.55 21.46 21.31
C ARG A 264 -30.52 21.13 20.17
N LEU A 265 -30.43 19.89 19.68
CA LEU A 265 -31.34 19.41 18.64
C LEU A 265 -32.82 19.48 19.06
N MET A 266 -33.13 18.96 20.25
CA MET A 266 -34.50 18.93 20.78
C MET A 266 -35.03 20.36 20.97
N LYS A 267 -34.17 21.27 21.37
CA LYS A 267 -34.53 22.67 21.49
C LYS A 267 -34.95 23.22 20.17
N HIS A 268 -34.14 23.04 19.14
CA HIS A 268 -34.49 23.42 17.76
C HIS A 268 -35.77 22.80 17.24
N LEU A 269 -36.00 21.53 17.59
CA LEU A 269 -37.19 20.81 17.13
C LEU A 269 -38.43 21.24 17.91
N GLY A 270 -38.21 21.95 19.02
CA GLY A 270 -39.31 22.46 19.86
C GLY A 270 -39.89 21.39 20.77
N LEU A 271 -39.02 20.46 21.21
CA LEU A 271 -39.43 19.28 21.96
C LEU A 271 -38.83 19.24 23.36
N GLU A 272 -39.65 18.86 24.35
CA GLU A 272 -39.16 18.65 25.71
C GLU A 272 -38.50 17.28 25.77
N ILE A 273 -37.45 17.17 26.57
CA ILE A 273 -36.89 15.86 26.88
C ILE A 273 -37.65 15.35 28.12
N PRO A 274 -38.37 14.23 27.99
CA PRO A 274 -39.21 13.84 29.13
C PRO A 274 -38.38 13.32 30.31
N ALA A 275 -38.96 13.37 31.51
CA ALA A 275 -38.26 12.88 32.70
C ALA A 275 -38.41 11.36 32.85
N TRP A 276 -37.37 10.71 33.36
CA TRP A 276 -37.44 9.27 33.64
C TRP A 276 -37.99 9.01 35.04
N ASP A 277 -39.01 8.16 35.11
CA ASP A 277 -39.71 7.86 36.37
C ASP A 277 -39.29 6.52 36.98
N GLY A 278 -38.16 5.98 36.52
CA GLY A 278 -37.66 4.68 36.96
C GLY A 278 -37.84 3.67 35.84
N PRO A 279 -37.30 2.45 36.03
CA PRO A 279 -37.34 1.44 34.96
C PRO A 279 -38.74 1.01 34.50
N ARG A 280 -39.01 1.15 33.20
CA ARG A 280 -40.30 0.78 32.61
C ARG A 280 -40.10 0.11 31.25
N VAL A 281 -40.79 -1.01 31.04
CA VAL A 281 -40.72 -1.75 29.80
C VAL A 281 -42.00 -1.45 29.01
N LEU A 282 -41.81 -1.03 27.78
CA LEU A 282 -42.90 -0.87 26.82
C LEU A 282 -42.61 -1.81 25.67
N GLU A 283 -43.58 -2.67 25.35
CA GLU A 283 -43.39 -3.65 24.28
C GLU A 283 -43.65 -3.09 22.90
N ARG A 284 -44.71 -2.27 22.76
CA ARG A 284 -45.12 -1.77 21.46
C ARG A 284 -45.38 -0.27 21.41
N ALA A 285 -44.85 0.35 20.36
CA ALA A 285 -45.05 1.77 20.04
C ALA A 285 -46.50 2.16 19.77
N LEU A 286 -46.83 3.39 20.15
CA LEU A 286 -48.13 3.97 19.82
C LEU A 286 -48.07 4.83 18.55
N PRO A 287 -49.25 5.23 18.02
CA PRO A 287 -49.24 6.23 16.94
C PRO A 287 -48.57 7.53 17.42
N PRO A 288 -47.99 8.32 16.50
CA PRO A 288 -47.26 9.51 16.93
C PRO A 288 -48.13 10.53 17.65
N LEU A 289 -47.58 11.05 18.74
CA LEU A 289 -48.13 12.19 19.47
C LEU A 289 -47.99 13.49 18.66
N PRO A 290 -48.75 14.55 19.04
CA PRO A 290 -48.62 15.83 18.36
C PRO A 290 -47.18 16.37 18.38
N ARG A 291 -46.74 16.97 17.30
CA ARG A 291 -45.42 17.64 17.29
C ARG A 291 -45.47 18.97 16.56
N PRO A 292 -44.52 19.86 16.88
CA PRO A 292 -44.63 21.20 16.34
C PRO A 292 -44.49 21.23 14.81
N PRO A 293 -44.99 22.31 14.19
CA PRO A 293 -44.91 22.41 12.73
C PRO A 293 -43.46 22.69 12.29
N THR A 294 -43.13 22.34 11.05
CA THR A 294 -41.77 22.43 10.50
CA THR A 294 -41.76 22.45 10.51
C THR A 294 -41.40 23.86 10.03
N PRO A 295 -40.13 24.31 10.27
CA PRO A 295 -39.80 25.66 9.75
C PRO A 295 -39.82 25.79 8.22
N LYS A 296 -39.83 27.03 7.74
CA LYS A 296 -39.58 27.35 6.31
C LYS A 296 -38.09 27.33 5.94
N LYS B 15 -10.65 -33.23 0.98
CA LYS B 15 -11.45 -32.72 2.12
C LYS B 15 -12.95 -32.79 1.74
N GLY B 16 -13.78 -33.16 2.71
CA GLY B 16 -15.21 -33.27 2.51
C GLY B 16 -15.62 -34.54 1.77
N LYS B 17 -16.89 -34.59 1.37
CA LYS B 17 -17.42 -35.74 0.65
C LYS B 17 -17.21 -35.61 -0.85
N CYS B 18 -16.34 -36.47 -1.39
CA CYS B 18 -15.95 -36.44 -2.79
C CYS B 18 -16.54 -37.61 -3.57
N GLY B 19 -16.85 -37.40 -4.84
CA GLY B 19 -17.31 -38.47 -5.73
C GLY B 19 -18.64 -39.11 -5.40
N LEU B 20 -19.53 -38.39 -4.70
CA LEU B 20 -20.93 -38.82 -4.56
C LEU B 20 -21.61 -39.09 -5.90
N PRO B 21 -22.55 -40.03 -5.93
CA PRO B 21 -23.24 -40.31 -7.19
C PRO B 21 -23.99 -39.06 -7.67
N GLU B 22 -24.05 -38.86 -8.98
CA GLU B 22 -24.85 -37.83 -9.57
C GLU B 22 -26.29 -38.27 -9.77
N ILE B 23 -27.18 -37.29 -9.80
CA ILE B 23 -28.61 -37.45 -9.88
C ILE B 23 -29.03 -36.59 -11.05
N PHE B 24 -30.00 -37.08 -11.82
CA PHE B 24 -30.55 -36.38 -12.96
C PHE B 24 -32.06 -36.46 -12.87
N ASP B 25 -32.73 -35.32 -12.77
CA ASP B 25 -34.17 -35.31 -12.87
C ASP B 25 -34.53 -35.72 -14.30
N PRO B 26 -35.52 -36.61 -14.44
CA PRO B 26 -35.99 -36.99 -15.78
C PRO B 26 -36.57 -35.79 -16.53
N PRO B 27 -36.65 -35.85 -17.88
CA PRO B 27 -37.03 -34.70 -18.69
C PRO B 27 -38.25 -33.87 -18.21
N GLU B 28 -39.37 -34.52 -17.87
CA GLU B 28 -40.58 -33.76 -17.53
C GLU B 28 -40.50 -33.04 -16.17
N GLU B 29 -39.80 -33.66 -15.22
CA GLU B 29 -39.59 -33.06 -13.90
C GLU B 29 -38.64 -31.87 -14.02
N LEU B 30 -37.61 -32.01 -14.86
CA LEU B 30 -36.65 -30.95 -15.09
C LEU B 30 -37.38 -29.73 -15.65
N GLU B 31 -38.20 -29.93 -16.68
CA GLU B 31 -39.00 -28.84 -17.27
C GLU B 31 -39.91 -28.15 -16.25
N ARG B 32 -40.62 -28.93 -15.45
N ARG B 32 -40.61 -28.90 -15.44
CA ARG B 32 -41.45 -28.37 -14.39
CA ARG B 32 -41.42 -28.34 -14.38
C ARG B 32 -40.67 -27.55 -13.36
C ARG B 32 -40.64 -27.53 -13.38
N LYS B 33 -39.54 -28.07 -12.93
CA LYS B 33 -38.72 -27.35 -11.92
C LYS B 33 -38.12 -26.06 -12.50
N VAL B 34 -37.71 -26.08 -13.77
CA VAL B 34 -37.17 -24.85 -14.39
C VAL B 34 -38.27 -23.78 -14.48
N TRP B 35 -39.51 -24.19 -14.76
CA TRP B 35 -40.63 -23.25 -14.74
C TRP B 35 -40.84 -22.69 -13.34
N GLU B 36 -40.63 -23.55 -12.33
CA GLU B 36 -40.81 -23.13 -10.95
C GLU B 36 -39.78 -22.07 -10.58
N LEU B 37 -38.55 -22.25 -11.08
CA LEU B 37 -37.48 -21.29 -10.89
C LEU B 37 -37.82 -19.91 -11.46
N ALA B 38 -38.34 -19.91 -12.69
CA ALA B 38 -38.73 -18.68 -13.36
C ALA B 38 -39.78 -17.89 -12.59
N ARG B 39 -40.76 -18.60 -12.01
CA ARG B 39 -41.82 -18.03 -11.16
C ARG B 39 -41.19 -17.40 -9.92
N LEU B 40 -40.25 -18.11 -9.32
CA LEU B 40 -39.52 -17.60 -8.17
C LEU B 40 -38.68 -16.37 -8.51
N VAL B 41 -38.07 -16.38 -9.70
CA VAL B 41 -37.33 -15.23 -10.17
C VAL B 41 -38.26 -14.03 -10.44
N TRP B 42 -39.36 -14.27 -11.17
CA TRP B 42 -40.40 -13.24 -11.39
C TRP B 42 -41.01 -12.71 -10.08
N GLN B 43 -41.13 -13.54 -9.06
CA GLN B 43 -41.74 -13.16 -7.77
C GLN B 43 -40.80 -12.36 -6.84
N SER B 44 -39.49 -12.48 -7.05
CA SER B 44 -38.54 -12.05 -6.02
C SER B 44 -37.89 -10.70 -6.31
N SER B 45 -37.77 -9.87 -5.28
CA SER B 45 -37.23 -8.52 -5.43
C SER B 45 -35.71 -8.45 -5.40
N SER B 46 -35.09 -9.31 -4.59
CA SER B 46 -33.64 -9.25 -4.37
C SER B 46 -33.07 -10.66 -4.57
N VAL B 47 -32.61 -10.95 -5.79
CA VAL B 47 -32.09 -12.30 -6.11
C VAL B 47 -30.56 -12.40 -6.03
N VAL B 48 -30.07 -13.32 -5.19
CA VAL B 48 -28.63 -13.59 -5.09
C VAL B 48 -28.22 -14.99 -5.60
N PHE B 49 -27.25 -15.01 -6.53
CA PHE B 49 -26.67 -16.27 -7.03
C PHE B 49 -25.38 -16.59 -6.32
N HIS B 50 -25.13 -17.90 -6.16
CA HIS B 50 -23.96 -18.43 -5.48
C HIS B 50 -23.34 -19.48 -6.40
N THR B 51 -22.14 -19.20 -6.92
CA THR B 51 -21.54 -20.10 -7.91
C THR B 51 -20.31 -20.83 -7.40
N GLY B 52 -20.13 -22.07 -7.88
CA GLY B 52 -19.02 -22.91 -7.53
C GLY B 52 -18.47 -23.49 -8.81
N ALA B 53 -17.50 -24.40 -8.64
CA ALA B 53 -16.60 -24.87 -9.67
C ALA B 53 -17.36 -25.63 -10.75
N GLY B 54 -18.56 -26.13 -10.39
CA GLY B 54 -19.51 -26.75 -11.32
C GLY B 54 -20.01 -25.94 -12.51
N ILE B 55 -20.03 -24.62 -12.39
CA ILE B 55 -20.43 -23.80 -13.54
C ILE B 55 -19.28 -23.62 -14.56
N SER B 56 -18.09 -24.16 -14.28
CA SER B 56 -16.95 -24.03 -15.21
C SER B 56 -16.51 -25.36 -15.80
N THR B 57 -17.13 -26.45 -15.39
CA THR B 57 -16.72 -27.76 -15.90
C THR B 57 -16.99 -27.86 -17.39
N ALA B 58 -18.08 -27.25 -17.86
CA ALA B 58 -18.38 -27.22 -19.30
C ALA B 58 -17.43 -26.31 -20.11
N SER B 59 -16.55 -25.55 -19.45
CA SER B 59 -15.49 -24.84 -20.19
C SER B 59 -14.17 -25.64 -20.23
N GLY B 60 -14.16 -26.80 -19.60
CA GLY B 60 -12.96 -27.65 -19.57
C GLY B 60 -12.18 -27.64 -18.27
N ILE B 61 -12.66 -26.88 -17.27
CA ILE B 61 -12.03 -26.80 -15.95
C ILE B 61 -12.66 -27.75 -14.93
N PRO B 62 -11.89 -28.70 -14.35
CA PRO B 62 -12.49 -29.74 -13.50
C PRO B 62 -12.97 -29.15 -12.17
N ASP B 63 -14.00 -29.75 -11.55
CA ASP B 63 -14.45 -29.25 -10.22
C ASP B 63 -13.57 -29.90 -9.12
N PHE B 64 -14.03 -29.87 -7.86
CA PHE B 64 -13.27 -30.47 -6.77
C PHE B 64 -13.75 -31.84 -6.30
N ARG B 65 -15.06 -32.01 -6.23
CA ARG B 65 -15.63 -33.13 -5.54
C ARG B 65 -16.54 -33.98 -6.42
N GLY B 66 -16.57 -33.67 -7.72
CA GLY B 66 -17.36 -34.41 -8.67
C GLY B 66 -16.62 -35.72 -8.96
N PRO B 67 -17.22 -36.61 -9.78
CA PRO B 67 -16.58 -37.90 -10.07
C PRO B 67 -15.14 -37.81 -10.57
N HIS B 68 -14.81 -36.79 -11.34
CA HIS B 68 -13.47 -36.57 -11.86
C HIS B 68 -12.90 -35.26 -11.33
N GLY B 69 -13.36 -34.86 -10.15
CA GLY B 69 -12.89 -33.63 -9.49
C GLY B 69 -11.50 -33.73 -8.92
N VAL B 70 -10.87 -32.59 -8.71
CA VAL B 70 -9.49 -32.53 -8.20
C VAL B 70 -9.27 -33.43 -6.97
N TRP B 71 -10.10 -33.26 -5.94
CA TRP B 71 -9.89 -34.03 -4.71
C TRP B 71 -10.25 -35.51 -4.95
N THR B 72 -11.35 -35.76 -5.66
CA THR B 72 -11.76 -37.17 -5.95
C THR B 72 -10.66 -37.94 -6.66
N MET B 73 -10.03 -37.28 -7.64
CA MET B 73 -9.05 -37.93 -8.49
C MET B 73 -7.79 -38.22 -7.70
N GLU B 74 -7.43 -37.33 -6.77
CA GLU B 74 -6.26 -37.55 -5.92
C GLU B 74 -6.42 -38.79 -5.03
N GLU B 75 -7.62 -38.93 -4.44
CA GLU B 75 -8.07 -40.12 -3.70
C GLU B 75 -7.97 -41.44 -4.49
N ARG B 76 -8.12 -41.35 -5.81
CA ARG B 76 -8.00 -42.44 -6.74
C ARG B 76 -6.58 -42.72 -7.13
N GLY B 77 -5.69 -41.89 -6.67
CA GLY B 77 -4.31 -41.93 -7.13
C GLY B 77 -4.12 -41.44 -8.56
N LEU B 78 -5.10 -40.68 -9.07
CA LEU B 78 -5.01 -40.12 -10.41
C LEU B 78 -4.93 -38.59 -10.34
N ALA B 79 -5.15 -37.90 -11.46
CA ALA B 79 -5.04 -36.42 -11.52
C ALA B 79 -6.26 -35.82 -12.19
N PRO B 80 -6.60 -34.56 -11.83
CA PRO B 80 -7.66 -33.93 -12.62
C PRO B 80 -7.14 -33.57 -14.01
N LYS B 81 -8.07 -33.42 -14.95
CA LYS B 81 -7.75 -33.05 -16.32
C LYS B 81 -8.35 -31.72 -16.68
N PHE B 82 -7.51 -30.83 -17.21
CA PHE B 82 -7.95 -29.56 -17.79
C PHE B 82 -8.01 -29.73 -19.30
N ASP B 83 -9.12 -29.31 -19.91
CA ASP B 83 -9.27 -29.33 -21.37
C ASP B 83 -9.02 -27.94 -21.95
N THR B 84 -8.46 -27.07 -21.11
CA THR B 84 -8.15 -25.70 -21.42
C THR B 84 -7.14 -25.15 -20.38
N THR B 85 -6.41 -24.09 -20.72
CA THR B 85 -5.68 -23.27 -19.71
C THR B 85 -6.64 -22.22 -19.19
N PHE B 86 -6.35 -21.61 -18.03
CA PHE B 86 -7.21 -20.57 -17.52
C PHE B 86 -7.32 -19.42 -18.48
N GLU B 87 -6.23 -19.15 -19.20
CA GLU B 87 -6.18 -18.05 -20.16
C GLU B 87 -7.10 -18.23 -21.36
N SER B 88 -7.15 -19.45 -21.88
N SER B 88 -7.16 -19.43 -21.90
CA SER B 88 -7.98 -19.76 -23.04
CA SER B 88 -8.01 -19.67 -23.05
C SER B 88 -9.35 -20.32 -22.68
C SER B 88 -9.45 -20.02 -22.68
N ALA B 89 -9.70 -20.30 -21.39
CA ALA B 89 -11.02 -20.75 -20.93
C ALA B 89 -12.06 -19.71 -21.30
N ARG B 90 -13.19 -20.16 -21.79
CA ARG B 90 -14.22 -19.21 -22.16
C ARG B 90 -15.41 -19.27 -21.22
N PRO B 91 -16.01 -18.12 -20.91
CA PRO B 91 -17.20 -18.17 -20.07
C PRO B 91 -18.29 -19.09 -20.65
N THR B 92 -18.94 -19.87 -19.81
CA THR B 92 -19.99 -20.80 -20.24
C THR B 92 -21.29 -20.05 -20.51
N GLN B 93 -22.25 -20.72 -21.13
CA GLN B 93 -23.61 -20.21 -21.28
C GLN B 93 -24.14 -19.69 -19.93
N THR B 94 -23.88 -20.45 -18.85
CA THR B 94 -24.25 -20.03 -17.49
C THR B 94 -23.57 -18.71 -17.06
N HIS B 95 -22.27 -18.55 -17.34
CA HIS B 95 -21.62 -17.29 -17.03
C HIS B 95 -22.32 -16.13 -17.73
N MET B 96 -22.62 -16.32 -19.02
CA MET B 96 -23.15 -15.25 -19.83
C MET B 96 -24.60 -14.98 -19.47
N ALA B 97 -25.32 -16.00 -19.04
CA ALA B 97 -26.71 -15.85 -18.61
C ALA B 97 -26.74 -14.97 -17.36
N LEU B 98 -25.76 -15.16 -16.47
CA LEU B 98 -25.61 -14.36 -15.26
C LEU B 98 -25.30 -12.88 -15.56
N VAL B 99 -24.49 -12.63 -16.59
CA VAL B 99 -24.27 -11.25 -17.04
C VAL B 99 -25.59 -10.60 -17.45
N GLN B 100 -26.38 -11.33 -18.27
CA GLN B 100 -27.63 -10.76 -18.76
C GLN B 100 -28.68 -10.57 -17.65
N LEU B 101 -28.74 -11.51 -16.74
CA LEU B 101 -29.65 -11.41 -15.63
C LEU B 101 -29.31 -10.15 -14.82
N GLU B 102 -28.03 -9.86 -14.65
CA GLU B 102 -27.63 -8.63 -13.93
C GLU B 102 -28.01 -7.40 -14.73
N ARG B 103 -27.77 -7.44 -16.05
CA ARG B 103 -27.97 -6.27 -16.91
C ARG B 103 -29.43 -5.76 -16.92
N VAL B 104 -30.38 -6.67 -16.83
CA VAL B 104 -31.82 -6.34 -16.88
C VAL B 104 -32.41 -6.18 -15.48
N GLY B 105 -31.58 -6.34 -14.46
CA GLY B 105 -31.96 -6.07 -13.08
C GLY B 105 -32.65 -7.22 -12.39
N LEU B 106 -32.51 -8.45 -12.92
CA LEU B 106 -33.08 -9.63 -12.26
C LEU B 106 -32.09 -10.33 -11.33
N LEU B 107 -30.87 -9.81 -11.22
CA LEU B 107 -29.83 -10.34 -10.33
C LEU B 107 -29.28 -9.21 -9.47
N ARG B 108 -29.38 -9.32 -8.16
CA ARG B 108 -28.88 -8.26 -7.26
C ARG B 108 -27.40 -8.44 -6.94
N PHE B 109 -26.99 -9.68 -6.69
CA PHE B 109 -25.62 -9.91 -6.26
C PHE B 109 -25.17 -11.32 -6.65
N LEU B 110 -23.88 -11.48 -6.89
CA LEU B 110 -23.29 -12.77 -7.25
C LEU B 110 -22.16 -13.13 -6.26
N VAL B 111 -22.28 -14.28 -5.60
CA VAL B 111 -21.25 -14.75 -4.68
C VAL B 111 -20.57 -15.95 -5.28
N SER B 112 -19.27 -15.87 -5.53
CA SER B 112 -18.58 -16.98 -6.17
C SER B 112 -17.38 -17.51 -5.40
N GLN B 113 -17.31 -18.82 -5.32
CA GLN B 113 -16.17 -19.52 -4.73
C GLN B 113 -15.05 -19.78 -5.73
N ASN B 114 -15.32 -19.47 -7.01
CA ASN B 114 -14.39 -19.79 -8.11
C ASN B 114 -13.20 -18.85 -8.22
N VAL B 115 -12.01 -19.41 -8.34
CA VAL B 115 -10.82 -18.61 -8.61
C VAL B 115 -10.51 -18.53 -10.11
N ASP B 116 -11.35 -19.13 -10.95
CA ASP B 116 -11.03 -19.24 -12.37
C ASP B 116 -11.07 -17.90 -13.15
N GLY B 117 -11.48 -16.82 -12.48
CA GLY B 117 -11.52 -15.49 -13.10
C GLY B 117 -12.54 -15.28 -14.22
N LEU B 118 -13.47 -16.22 -14.42
CA LEU B 118 -14.38 -16.14 -15.56
C LEU B 118 -15.53 -15.14 -15.35
N HIS B 119 -16.02 -15.01 -14.12
CA HIS B 119 -17.07 -14.00 -13.88
C HIS B 119 -16.56 -12.61 -14.29
N VAL B 120 -15.38 -12.23 -13.78
CA VAL B 120 -14.79 -10.95 -14.18
C VAL B 120 -14.55 -10.85 -15.69
N ARG B 121 -13.90 -11.86 -16.27
CA ARG B 121 -13.66 -11.89 -17.74
C ARG B 121 -14.91 -11.87 -18.63
N SER B 122 -16.00 -12.44 -18.15
CA SER B 122 -17.29 -12.43 -18.87
C SER B 122 -17.93 -11.01 -18.99
N GLY B 123 -17.43 -10.05 -18.19
CA GLY B 123 -17.91 -8.66 -18.21
C GLY B 123 -18.91 -8.34 -17.13
N PHE B 124 -18.99 -9.23 -16.13
CA PHE B 124 -19.93 -9.06 -14.99
C PHE B 124 -19.36 -7.96 -14.10
N PRO B 125 -20.22 -7.04 -13.61
CA PRO B 125 -19.73 -5.87 -12.88
C PRO B 125 -19.16 -6.23 -11.51
N ARG B 126 -17.88 -5.93 -11.33
CA ARG B 126 -17.18 -6.31 -10.12
C ARG B 126 -17.85 -5.83 -8.84
N ASP B 127 -18.64 -4.76 -8.94
CA ASP B 127 -19.27 -4.23 -7.73
C ASP B 127 -20.53 -5.00 -7.30
N LYS B 128 -20.97 -5.98 -8.09
CA LYS B 128 -22.05 -6.87 -7.68
C LYS B 128 -21.54 -8.31 -7.51
N LEU B 129 -20.23 -8.42 -7.31
CA LEU B 129 -19.52 -9.69 -7.28
C LEU B 129 -18.64 -9.77 -6.05
N ALA B 130 -18.81 -10.83 -5.26
CA ALA B 130 -17.83 -11.21 -4.22
C ALA B 130 -17.06 -12.46 -4.63
N GLU B 131 -15.75 -12.37 -4.71
CA GLU B 131 -14.92 -13.51 -5.04
C GLU B 131 -14.22 -13.95 -3.76
N LEU B 132 -14.91 -14.82 -3.03
CA LEU B 132 -14.52 -15.19 -1.66
C LEU B 132 -13.22 -15.96 -1.50
N HIS B 133 -12.79 -16.65 -2.57
CA HIS B 133 -11.61 -17.47 -2.49
C HIS B 133 -10.47 -16.92 -3.36
N GLY B 134 -10.73 -15.79 -4.02
CA GLY B 134 -9.72 -15.06 -4.81
C GLY B 134 -9.95 -15.28 -6.29
N ASN B 135 -9.02 -14.76 -7.11
CA ASN B 135 -9.12 -14.75 -8.55
C ASN B 135 -7.72 -14.89 -9.15
N MET B 136 -7.48 -15.96 -9.94
CA MET B 136 -6.15 -16.29 -10.52
C MET B 136 -5.46 -15.11 -11.22
N PHE B 137 -6.25 -14.19 -11.73
CA PHE B 137 -5.78 -13.08 -12.57
C PHE B 137 -5.65 -11.78 -11.77
N VAL B 138 -6.04 -11.79 -10.48
CA VAL B 138 -6.13 -10.55 -9.70
C VAL B 138 -5.05 -10.48 -8.63
N GLU B 139 -4.14 -9.50 -8.72
CA GLU B 139 -3.15 -9.30 -7.66
C GLU B 139 -3.46 -8.02 -6.85
N GLU B 140 -3.13 -8.02 -5.57
CA GLU B 140 -3.47 -6.92 -4.69
C GLU B 140 -2.22 -6.30 -4.09
N CYS B 141 -2.20 -4.98 -4.00
CA CYS B 141 -1.14 -4.28 -3.27
C CYS B 141 -1.24 -4.57 -1.76
N ALA B 142 -0.14 -5.01 -1.16
CA ALA B 142 -0.07 -5.24 0.28
C ALA B 142 -0.19 -3.95 1.11
N LYS B 143 0.28 -2.83 0.55
CA LYS B 143 0.21 -1.51 1.22
C LYS B 143 -1.14 -0.80 1.09
N CYS B 144 -1.56 -0.50 -0.14
CA CYS B 144 -2.74 0.37 -0.38
C CYS B 144 -4.01 -0.41 -0.74
N LYS B 145 -3.83 -1.70 -1.01
CA LYS B 145 -4.91 -2.67 -1.25
C LYS B 145 -5.61 -2.53 -2.60
N THR B 146 -5.01 -1.76 -3.49
CA THR B 146 -5.47 -1.61 -4.88
C THR B 146 -5.26 -2.92 -5.68
N GLN B 147 -6.28 -3.32 -6.42
CA GLN B 147 -6.24 -4.58 -7.16
C GLN B 147 -5.95 -4.38 -8.64
N TYR B 148 -5.25 -5.32 -9.24
CA TYR B 148 -4.97 -5.28 -10.66
C TYR B 148 -5.54 -6.54 -11.28
N VAL B 149 -6.43 -6.37 -12.25
CA VAL B 149 -6.99 -7.50 -12.99
C VAL B 149 -6.11 -7.68 -14.20
N ARG B 150 -5.34 -8.77 -14.20
CA ARG B 150 -4.37 -8.94 -15.27
C ARG B 150 -4.93 -9.81 -16.39
N ASP B 151 -4.32 -9.71 -17.56
CA ASP B 151 -4.76 -10.51 -18.69
C ASP B 151 -4.21 -11.92 -18.63
N THR B 152 -3.24 -12.16 -17.75
CA THR B 152 -2.74 -13.53 -17.52
C THR B 152 -2.82 -13.90 -16.03
N VAL B 153 -2.79 -15.19 -15.74
CA VAL B 153 -2.86 -15.66 -14.35
C VAL B 153 -1.65 -15.15 -13.58
N VAL B 154 -1.87 -14.64 -12.37
CA VAL B 154 -0.72 -14.23 -11.57
C VAL B 154 -0.03 -15.54 -11.11
N GLY B 155 1.29 -15.56 -11.22
CA GLY B 155 2.03 -16.82 -11.15
C GLY B 155 2.16 -17.46 -9.80
N THR B 156 1.44 -16.93 -8.80
CA THR B 156 1.55 -17.43 -7.43
C THR B 156 0.18 -17.71 -6.77
N MET B 157 0.16 -18.60 -5.79
CA MET B 157 -1.05 -18.89 -5.02
C MET B 157 -0.64 -18.86 -3.55
N GLY B 158 -1.58 -18.58 -2.64
CA GLY B 158 -1.29 -18.53 -1.21
C GLY B 158 -0.91 -17.16 -0.69
N LEU B 159 -1.31 -16.12 -1.42
CA LEU B 159 -1.08 -14.71 -1.04
C LEU B 159 0.40 -14.34 -1.01
N LYS B 160 1.15 -14.84 -1.99
CA LYS B 160 2.59 -14.62 -2.05
C LYS B 160 2.93 -13.40 -2.91
N ALA B 161 4.14 -12.87 -2.77
CA ALA B 161 4.62 -11.77 -3.61
C ALA B 161 4.78 -12.26 -5.04
N THR B 162 4.29 -11.48 -5.99
CA THR B 162 4.28 -11.90 -7.39
C THR B 162 5.53 -11.42 -8.14
N GLY B 163 6.27 -10.49 -7.53
CA GLY B 163 7.39 -9.82 -8.22
C GLY B 163 7.09 -8.38 -8.61
N ARG B 164 5.87 -8.08 -9.04
CA ARG B 164 5.49 -6.72 -9.43
C ARG B 164 5.21 -5.80 -8.25
N LEU B 165 5.35 -4.51 -8.53
CA LEU B 165 5.16 -3.46 -7.56
C LEU B 165 3.96 -2.60 -7.95
N CYS B 166 3.36 -1.95 -6.95
CA CYS B 166 2.17 -1.12 -7.15
C CYS B 166 2.51 0.21 -7.82
N THR B 167 1.75 0.53 -8.88
CA THR B 167 2.05 1.63 -9.79
C THR B 167 1.19 2.89 -9.58
N VAL B 168 0.24 2.87 -8.65
CA VAL B 168 -0.60 4.06 -8.39
C VAL B 168 0.23 5.21 -7.79
N ALA B 176 3.93 7.57 -5.98
CA ALA B 176 4.19 6.18 -6.34
C ALA B 176 4.19 5.26 -5.11
N CYS B 177 3.24 4.33 -5.07
CA CYS B 177 3.04 3.47 -3.91
C CYS B 177 4.18 2.48 -3.72
N ARG B 178 4.60 1.90 -4.83
CA ARG B 178 5.64 0.90 -4.87
C ARG B 178 5.41 -0.29 -3.93
N GLY B 179 4.21 -0.44 -3.44
CA GLY B 179 3.81 -1.54 -2.56
C GLY B 179 3.94 -2.92 -3.21
N GLU B 180 4.01 -3.95 -2.39
CA GLU B 180 4.31 -5.28 -2.88
C GLU B 180 3.02 -5.98 -3.35
N LEU B 181 2.92 -6.20 -4.67
CA LEU B 181 1.77 -6.92 -5.24
C LEU B 181 1.83 -8.40 -4.89
N ARG B 182 0.71 -8.91 -4.40
CA ARG B 182 0.56 -10.29 -3.96
C ARG B 182 -0.69 -10.91 -4.62
N ASP B 183 -0.67 -12.22 -4.84
CA ASP B 183 -1.85 -12.89 -5.44
C ASP B 183 -3.02 -12.85 -4.50
N THR B 184 -4.21 -13.24 -4.97
CA THR B 184 -5.39 -13.22 -4.10
C THR B 184 -5.94 -14.65 -3.78
N ILE B 185 -5.15 -15.67 -4.08
CA ILE B 185 -5.59 -17.05 -3.86
C ILE B 185 -5.42 -17.49 -2.42
N LEU B 186 -6.55 -17.78 -1.75
CA LEU B 186 -6.50 -18.27 -0.38
C LEU B 186 -5.93 -19.67 -0.34
N ASP B 187 -5.00 -19.90 0.59
CA ASP B 187 -4.63 -21.26 0.97
C ASP B 187 -5.52 -21.75 2.11
N TRP B 188 -5.38 -23.03 2.44
CA TRP B 188 -6.15 -23.71 3.49
C TRP B 188 -6.25 -22.88 4.76
N GLU B 189 -5.13 -22.28 5.15
CA GLU B 189 -5.04 -21.60 6.43
C GLU B 189 -5.61 -20.18 6.41
N ASP B 190 -5.79 -19.64 5.20
CA ASP B 190 -6.12 -18.22 5.04
C ASP B 190 -7.59 -17.90 5.30
N SER B 191 -7.79 -16.77 5.95
CA SER B 191 -9.11 -16.25 6.26
C SER B 191 -9.68 -15.59 5.02
N LEU B 192 -11.01 -15.59 4.89
CA LEU B 192 -11.64 -14.94 3.74
C LEU B 192 -11.43 -13.41 3.77
N PRO B 193 -11.39 -12.77 2.58
CA PRO B 193 -11.31 -11.30 2.51
C PRO B 193 -12.51 -10.65 3.18
N ASP B 194 -12.25 -9.77 4.13
CA ASP B 194 -13.30 -9.26 5.04
C ASP B 194 -14.37 -8.42 4.34
N ARG B 195 -13.97 -7.47 3.51
CA ARG B 195 -14.90 -6.67 2.73
C ARG B 195 -15.77 -7.53 1.83
N ASP B 196 -15.18 -8.37 1.01
CA ASP B 196 -15.92 -9.29 0.14
C ASP B 196 -16.91 -10.18 0.89
N LEU B 197 -16.45 -10.81 1.97
CA LEU B 197 -17.32 -11.59 2.85
C LEU B 197 -18.46 -10.74 3.47
N ALA B 198 -18.18 -9.51 3.88
CA ALA B 198 -19.23 -8.67 4.47
C ALA B 198 -20.29 -8.30 3.43
N LEU B 199 -19.86 -8.02 2.20
CA LEU B 199 -20.76 -7.68 1.11
C LEU B 199 -21.64 -8.87 0.76
N ALA B 200 -21.03 -10.04 0.61
CA ALA B 200 -21.74 -11.29 0.35
C ALA B 200 -22.68 -11.65 1.50
N ASP B 201 -22.25 -11.41 2.73
CA ASP B 201 -23.10 -11.69 3.91
C ASP B 201 -24.36 -10.81 3.89
N GLU B 202 -24.15 -9.53 3.65
CA GLU B 202 -25.20 -8.51 3.62
C GLU B 202 -26.15 -8.78 2.46
N ALA B 203 -25.62 -9.12 1.27
CA ALA B 203 -26.49 -9.48 0.15
C ALA B 203 -27.31 -10.75 0.42
N SER B 204 -26.67 -11.77 0.96
CA SER B 204 -27.34 -13.06 1.18
C SER B 204 -28.48 -12.96 2.24
N ARG B 205 -28.25 -12.22 3.33
CA ARG B 205 -29.25 -12.19 4.41
C ARG B 205 -30.46 -11.32 4.02
N ASN B 206 -30.24 -10.40 3.10
CA ASN B 206 -31.31 -9.54 2.62
C ASN B 206 -31.96 -10.03 1.33
N ALA B 207 -31.43 -11.12 0.78
CA ALA B 207 -32.02 -11.74 -0.41
C ALA B 207 -33.41 -12.30 -0.14
N ASP B 208 -34.37 -12.08 -1.02
CA ASP B 208 -35.58 -12.87 -0.94
C ASP B 208 -35.48 -14.18 -1.74
N LEU B 209 -34.40 -14.31 -2.51
CA LEU B 209 -34.13 -15.55 -3.23
C LEU B 209 -32.65 -15.76 -3.41
N SER B 210 -32.16 -16.91 -2.98
CA SER B 210 -30.81 -17.37 -3.26
C SER B 210 -30.87 -18.58 -4.17
N ILE B 211 -30.09 -18.54 -5.24
CA ILE B 211 -29.95 -19.68 -6.16
C ILE B 211 -28.50 -20.13 -6.16
N THR B 212 -28.28 -21.40 -5.85
CA THR B 212 -26.92 -21.92 -5.88
C THR B 212 -26.72 -22.70 -7.17
N LEU B 213 -25.53 -22.57 -7.77
CA LEU B 213 -25.25 -23.16 -9.08
C LEU B 213 -23.90 -23.85 -9.04
N GLY B 214 -23.87 -25.15 -9.34
CA GLY B 214 -22.60 -25.88 -9.34
C GLY B 214 -21.68 -25.74 -8.11
N THR B 215 -22.28 -25.77 -6.92
CA THR B 215 -21.50 -25.89 -5.71
C THR B 215 -22.06 -26.98 -4.80
N SER B 216 -21.19 -27.71 -4.14
CA SER B 216 -21.63 -28.75 -3.21
C SER B 216 -21.89 -28.16 -1.82
N LEU B 217 -21.57 -26.87 -1.63
CA LEU B 217 -21.91 -26.18 -0.36
C LEU B 217 -21.21 -26.74 0.90
N GLN B 218 -20.03 -27.33 0.72
CA GLN B 218 -19.35 -28.04 1.79
C GLN B 218 -18.32 -27.16 2.52
N ILE B 219 -18.00 -25.98 1.97
CA ILE B 219 -17.02 -25.08 2.60
C ILE B 219 -17.68 -23.98 3.44
N ARG B 220 -17.20 -23.80 4.67
CA ARG B 220 -17.61 -22.73 5.60
C ARG B 220 -16.67 -21.54 5.42
N PRO B 221 -17.19 -20.29 5.36
CA PRO B 221 -18.56 -19.84 5.46
C PRO B 221 -19.29 -19.70 4.10
N SER B 222 -18.56 -19.79 2.99
CA SER B 222 -19.14 -19.70 1.62
C SER B 222 -20.42 -20.50 1.45
N GLY B 223 -20.36 -21.78 1.81
CA GLY B 223 -21.52 -22.67 1.67
C GLY B 223 -22.72 -22.39 2.55
N ASN B 224 -22.54 -21.55 3.58
CA ASN B 224 -23.66 -21.23 4.47
C ASN B 224 -24.43 -19.96 4.14
N LEU B 225 -23.86 -19.11 3.27
CA LEU B 225 -24.53 -17.89 2.84
C LEU B 225 -25.89 -18.11 2.22
N PRO B 226 -26.04 -19.15 1.36
CA PRO B 226 -27.38 -19.37 0.80
C PRO B 226 -28.45 -19.63 1.88
N LEU B 227 -28.04 -20.18 3.02
CA LEU B 227 -28.98 -20.42 4.13
C LEU B 227 -29.49 -19.14 4.82
N ALA B 228 -28.68 -18.09 4.85
CA ALA B 228 -29.08 -16.82 5.48
C ALA B 228 -30.43 -16.34 4.93
N THR B 229 -30.65 -16.55 3.63
CA THR B 229 -31.89 -16.18 2.96
C THR B 229 -33.06 -16.91 3.60
N LYS B 230 -32.83 -18.20 3.85
CA LYS B 230 -33.85 -19.08 4.35
C LYS B 230 -34.22 -18.70 5.79
N ARG B 231 -33.23 -18.19 6.56
CA ARG B 231 -33.45 -17.62 7.90
C ARG B 231 -34.48 -16.50 7.98
N ARG B 232 -34.57 -15.67 6.93
CA ARG B 232 -35.48 -14.54 6.96
C ARG B 232 -36.78 -14.80 6.20
N GLY B 233 -37.14 -16.07 6.01
CA GLY B 233 -38.33 -16.41 5.24
C GLY B 233 -38.17 -16.31 3.72
N GLY B 234 -36.94 -16.15 3.24
CA GLY B 234 -36.65 -16.17 1.77
C GLY B 234 -36.69 -17.57 1.15
N ARG B 235 -36.49 -17.67 -0.16
CA ARG B 235 -36.47 -18.98 -0.84
C ARG B 235 -35.05 -19.33 -1.25
N LEU B 236 -34.77 -20.64 -1.27
CA LEU B 236 -33.50 -21.21 -1.69
C LEU B 236 -33.65 -22.26 -2.82
N VAL B 237 -32.98 -22.03 -3.94
CA VAL B 237 -32.94 -23.03 -5.01
C VAL B 237 -31.52 -23.54 -5.06
N ILE B 238 -31.39 -24.85 -5.25
CA ILE B 238 -30.10 -25.49 -5.38
C ILE B 238 -30.09 -26.26 -6.69
N VAL B 239 -29.15 -25.90 -7.56
CA VAL B 239 -28.94 -26.55 -8.84
C VAL B 239 -27.59 -27.20 -8.78
N ASN B 240 -27.58 -28.53 -8.81
CA ASN B 240 -26.34 -29.31 -8.71
C ASN B 240 -26.54 -30.75 -9.23
N LEU B 241 -25.49 -31.34 -9.80
CA LEU B 241 -25.61 -32.74 -10.23
C LEU B 241 -25.52 -33.72 -9.07
N GLN B 242 -24.65 -33.42 -8.09
CA GLN B 242 -24.52 -34.20 -6.85
C GLN B 242 -25.43 -33.69 -5.73
N PRO B 243 -25.71 -34.54 -4.71
CA PRO B 243 -26.30 -34.03 -3.48
C PRO B 243 -25.43 -32.90 -2.92
N THR B 244 -26.04 -31.99 -2.19
CA THR B 244 -25.25 -30.96 -1.50
C THR B 244 -25.52 -31.05 -0.02
N LYS B 245 -24.69 -30.38 0.77
CA LYS B 245 -24.81 -30.35 2.23
C LYS B 245 -26.19 -29.83 2.71
N HIS B 246 -26.77 -28.88 2.00
CA HIS B 246 -27.98 -28.19 2.48
C HIS B 246 -29.25 -28.54 1.73
N ASP B 247 -29.25 -29.70 1.06
CA ASP B 247 -30.39 -30.15 0.23
C ASP B 247 -31.71 -30.01 0.94
N ARG B 248 -31.76 -30.46 2.20
CA ARG B 248 -33.00 -30.52 2.96
C ARG B 248 -33.60 -29.12 3.23
N HIS B 249 -32.75 -28.08 3.19
CA HIS B 249 -33.18 -26.70 3.42
C HIS B 249 -33.74 -25.98 2.18
N ALA B 250 -33.53 -26.57 1.01
CA ALA B 250 -33.91 -25.94 -0.26
C ALA B 250 -35.41 -26.04 -0.53
N ASP B 251 -36.00 -24.96 -1.02
CA ASP B 251 -37.37 -25.05 -1.52
C ASP B 251 -37.45 -25.82 -2.85
N LEU B 252 -36.36 -25.84 -3.60
CA LEU B 252 -36.33 -26.49 -4.92
C LEU B 252 -34.93 -26.99 -5.21
N ARG B 253 -34.83 -28.26 -5.58
CA ARG B 253 -33.59 -28.89 -5.97
C ARG B 253 -33.67 -29.31 -7.43
N ILE B 254 -32.73 -28.81 -8.23
CA ILE B 254 -32.77 -29.09 -9.66
C ILE B 254 -31.49 -29.84 -9.95
N HIS B 255 -31.65 -31.11 -10.32
CA HIS B 255 -30.56 -32.01 -10.67
C HIS B 255 -30.42 -32.14 -12.18
N GLY B 256 -29.47 -31.37 -12.69
CA GLY B 256 -29.20 -31.21 -14.10
C GLY B 256 -27.97 -30.35 -14.27
N TYR B 257 -27.48 -30.30 -15.50
CA TYR B 257 -26.39 -29.44 -15.94
C TYR B 257 -26.83 -28.01 -15.88
N VAL B 258 -25.99 -27.15 -15.28
CA VAL B 258 -26.38 -25.76 -15.05
C VAL B 258 -26.69 -25.05 -16.36
N ASP B 259 -25.85 -25.27 -17.37
CA ASP B 259 -26.08 -24.71 -18.72
C ASP B 259 -27.50 -24.98 -19.28
N GLU B 260 -27.97 -26.21 -19.14
CA GLU B 260 -29.28 -26.56 -19.68
C GLU B 260 -30.38 -25.92 -18.83
N VAL B 261 -30.19 -25.90 -17.52
CA VAL B 261 -31.12 -25.18 -16.60
C VAL B 261 -31.19 -23.70 -16.95
N MET B 262 -30.04 -23.04 -17.10
CA MET B 262 -30.04 -21.58 -17.29
C MET B 262 -30.55 -21.16 -18.67
N THR B 263 -30.21 -21.98 -19.68
CA THR B 263 -30.66 -21.76 -21.05
C THR B 263 -32.18 -21.83 -21.09
N ARG B 264 -32.72 -22.85 -20.43
CA ARG B 264 -34.18 -23.01 -20.36
C ARG B 264 -34.78 -21.85 -19.58
N LEU B 265 -34.19 -21.52 -18.43
CA LEU B 265 -34.68 -20.40 -17.60
C LEU B 265 -34.78 -19.07 -18.39
N MET B 266 -33.66 -18.67 -19.00
CA MET B 266 -33.60 -17.49 -19.85
C MET B 266 -34.69 -17.43 -20.94
N LYS B 267 -34.95 -18.58 -21.58
CA LYS B 267 -36.02 -18.70 -22.55
C LYS B 267 -37.35 -18.40 -21.90
N HIS B 268 -37.60 -18.95 -20.74
CA HIS B 268 -38.84 -18.60 -20.01
C HIS B 268 -38.95 -17.12 -19.68
N LEU B 269 -37.79 -16.51 -19.41
CA LEU B 269 -37.75 -15.09 -19.02
C LEU B 269 -37.82 -14.14 -20.23
N GLY B 270 -37.71 -14.71 -21.42
CA GLY B 270 -37.74 -13.98 -22.68
C GLY B 270 -36.48 -13.18 -22.93
N LEU B 271 -35.36 -13.70 -22.43
CA LEU B 271 -34.07 -13.01 -22.44
C LEU B 271 -33.07 -13.74 -23.34
N GLU B 272 -32.27 -13.01 -24.09
CA GLU B 272 -31.14 -13.56 -24.85
C GLU B 272 -29.91 -13.74 -23.95
N ILE B 273 -29.09 -14.74 -24.27
CA ILE B 273 -27.81 -14.90 -23.62
C ILE B 273 -26.80 -14.20 -24.53
N PRO B 274 -26.20 -13.09 -24.06
CA PRO B 274 -25.30 -12.30 -24.89
C PRO B 274 -24.01 -13.03 -25.25
N ALA B 275 -23.48 -12.71 -26.43
CA ALA B 275 -22.22 -13.29 -26.91
C ALA B 275 -21.05 -12.68 -26.15
N TRP B 276 -20.01 -13.46 -25.96
CA TRP B 276 -18.79 -13.03 -25.32
C TRP B 276 -17.74 -12.73 -26.36
N ASP B 277 -17.19 -11.54 -26.29
CA ASP B 277 -16.15 -11.17 -27.20
C ASP B 277 -14.90 -10.89 -26.45
N GLY B 278 -14.28 -11.93 -25.94
CA GLY B 278 -13.05 -11.80 -25.24
C GLY B 278 -13.11 -11.13 -23.91
N PRO B 279 -12.03 -11.28 -23.17
CA PRO B 279 -11.94 -10.76 -21.79
C PRO B 279 -12.18 -9.24 -21.66
N ARG B 280 -13.09 -8.88 -20.77
CA ARG B 280 -13.48 -7.50 -20.52
C ARG B 280 -13.82 -7.27 -19.07
N VAL B 281 -13.27 -6.21 -18.50
CA VAL B 281 -13.49 -5.89 -17.09
C VAL B 281 -14.44 -4.71 -16.98
N LEU B 282 -15.53 -4.89 -16.24
CA LEU B 282 -16.48 -3.83 -15.92
C LEU B 282 -16.44 -3.64 -14.44
N GLU B 283 -16.09 -2.44 -13.99
CA GLU B 283 -15.98 -2.16 -12.58
C GLU B 283 -17.34 -1.99 -11.91
N ARG B 284 -18.22 -1.24 -12.56
CA ARG B 284 -19.47 -0.80 -12.00
C ARG B 284 -20.69 -1.10 -12.85
N ALA B 285 -21.69 -1.65 -12.18
CA ALA B 285 -22.98 -1.94 -12.82
C ALA B 285 -23.67 -0.65 -13.20
N LEU B 286 -24.43 -0.70 -14.30
CA LEU B 286 -25.26 0.39 -14.81
C LEU B 286 -26.73 0.21 -14.38
N PRO B 287 -27.59 1.23 -14.62
CA PRO B 287 -29.03 1.02 -14.34
C PRO B 287 -29.52 -0.17 -15.20
N PRO B 288 -30.63 -0.84 -14.79
CA PRO B 288 -31.10 -1.97 -15.61
C PRO B 288 -31.52 -1.60 -17.02
N LEU B 289 -31.29 -2.52 -17.95
CA LEU B 289 -31.79 -2.46 -19.32
C LEU B 289 -33.27 -2.87 -19.33
N PRO B 290 -34.04 -2.39 -20.32
CA PRO B 290 -35.45 -2.79 -20.46
C PRO B 290 -35.58 -4.33 -20.50
N ARG B 291 -36.61 -4.88 -19.88
CA ARG B 291 -36.86 -6.32 -19.95
C ARG B 291 -38.34 -6.62 -20.14
N PRO B 292 -38.69 -7.85 -20.62
CA PRO B 292 -40.12 -8.11 -20.84
C PRO B 292 -40.97 -7.80 -19.59
N PRO B 293 -42.23 -7.38 -19.80
CA PRO B 293 -43.18 -7.25 -18.69
C PRO B 293 -43.35 -8.59 -17.92
N THR B 294 -43.60 -8.51 -16.61
CA THR B 294 -43.72 -9.66 -15.69
C THR B 294 -45.10 -10.35 -15.80
N PRO B 295 -45.13 -11.70 -15.83
CA PRO B 295 -46.46 -12.35 -15.81
C PRO B 295 -47.22 -12.13 -14.48
N LYS B 296 -48.53 -12.38 -14.49
CA LYS B 296 -49.34 -12.21 -13.29
C LYS B 296 -49.02 -13.25 -12.21
N LEU B 297 -48.83 -14.51 -12.66
CA LEU B 297 -48.52 -15.66 -11.78
C LEU B 297 -49.10 -15.60 -10.34
N LYS C 15 -8.20 20.27 12.46
CA LYS C 15 -7.95 20.64 13.88
C LYS C 15 -6.46 20.52 14.24
N GLY C 16 -6.00 19.29 14.44
CA GLY C 16 -4.59 19.03 14.72
C GLY C 16 -4.23 19.07 16.20
N LYS C 17 -2.92 19.09 16.45
CA LYS C 17 -2.37 19.15 17.79
C LYS C 17 -2.08 20.61 18.12
N CYS C 18 -2.76 21.11 19.15
CA CYS C 18 -2.72 22.53 19.51
C CYS C 18 -2.08 22.72 20.87
N GLY C 19 -1.35 23.83 21.04
CA GLY C 19 -0.70 24.16 22.32
C GLY C 19 0.35 23.16 22.81
N LEU C 20 0.98 22.43 21.90
CA LEU C 20 2.14 21.60 22.30
C LEU C 20 3.22 22.48 22.93
N PRO C 21 4.03 21.91 23.86
CA PRO C 21 5.05 22.77 24.46
C PRO C 21 6.17 23.17 23.48
N GLU C 22 6.74 24.34 23.70
CA GLU C 22 7.86 24.84 22.91
C GLU C 22 9.18 24.34 23.47
N ILE C 23 10.18 24.24 22.61
CA ILE C 23 11.51 23.72 22.92
C ILE C 23 12.55 24.72 22.42
N PHE C 24 13.65 24.91 23.15
CA PHE C 24 14.61 25.98 22.87
C PHE C 24 16.02 25.43 22.87
N ASP C 25 16.72 25.59 21.73
CA ASP C 25 18.17 25.33 21.67
C ASP C 25 18.89 26.43 22.46
N PRO C 26 19.76 26.05 23.42
CA PRO C 26 20.58 27.02 24.15
C PRO C 26 21.64 27.68 23.24
N PRO C 27 22.24 28.82 23.67
CA PRO C 27 23.04 29.63 22.73
C PRO C 27 24.10 28.90 21.85
N GLU C 28 25.05 28.18 22.46
CA GLU C 28 26.15 27.53 21.72
C GLU C 28 25.66 26.44 20.77
N GLU C 29 24.66 25.68 21.23
CA GLU C 29 24.10 24.60 20.45
C GLU C 29 23.34 25.19 19.27
N LEU C 30 22.74 26.36 19.47
CA LEU C 30 22.05 27.05 18.37
C LEU C 30 23.04 27.57 17.32
N GLU C 31 24.15 28.17 17.77
CA GLU C 31 25.22 28.61 16.85
C GLU C 31 25.71 27.44 15.98
N ARG C 32 25.99 26.29 16.61
CA ARG C 32 26.44 25.12 15.88
C ARG C 32 25.48 24.77 14.76
N LYS C 33 24.18 24.73 15.08
CA LYS C 33 23.13 24.37 14.11
C LYS C 33 23.04 25.37 12.96
N VAL C 34 23.13 26.66 13.29
CA VAL C 34 23.07 27.71 12.30
C VAL C 34 24.29 27.64 11.36
N TRP C 35 25.47 27.32 11.91
CA TRP C 35 26.64 27.10 11.05
C TRP C 35 26.37 25.92 10.09
N GLU C 36 25.72 24.89 10.61
CA GLU C 36 25.44 23.70 9.79
C GLU C 36 24.41 24.02 8.69
N LEU C 37 23.44 24.88 9.04
CA LEU C 37 22.44 25.38 8.06
C LEU C 37 23.15 26.18 6.98
N ALA C 38 24.10 27.01 7.40
CA ALA C 38 24.91 27.79 6.45
C ALA C 38 25.62 26.87 5.44
N ARG C 39 26.32 25.86 5.96
CA ARG C 39 26.98 24.82 5.12
C ARG C 39 26.04 24.21 4.10
N LEU C 40 24.88 23.75 4.55
CA LEU C 40 23.85 23.18 3.66
C LEU C 40 23.38 24.16 2.57
N VAL C 41 23.20 25.43 2.95
CA VAL C 41 22.79 26.45 2.00
C VAL C 41 23.84 26.67 0.90
N TRP C 42 25.09 26.81 1.32
CA TRP C 42 26.23 26.96 0.41
C TRP C 42 26.35 25.78 -0.56
N GLN C 43 26.22 24.56 -0.03
CA GLN C 43 26.43 23.34 -0.79
C GLN C 43 25.32 22.94 -1.75
N SER C 44 24.12 23.48 -1.53
CA SER C 44 22.93 23.05 -2.28
C SER C 44 22.70 23.80 -3.59
N SER C 45 22.27 23.08 -4.61
CA SER C 45 22.04 23.63 -5.93
C SER C 45 20.66 24.31 -6.02
N SER C 46 19.69 23.76 -5.30
CA SER C 46 18.32 24.25 -5.41
C SER C 46 17.66 24.23 -4.03
N VAL C 47 17.48 25.42 -3.47
CA VAL C 47 16.97 25.62 -2.10
C VAL C 47 15.50 26.09 -2.08
N VAL C 48 14.68 25.35 -1.37
CA VAL C 48 13.28 25.73 -1.24
C VAL C 48 12.84 25.94 0.21
N PHE C 49 12.25 27.10 0.45
CA PHE C 49 11.75 27.45 1.76
C PHE C 49 10.26 27.27 1.80
N HIS C 50 9.78 26.82 2.95
CA HIS C 50 8.36 26.58 3.24
C HIS C 50 8.01 27.35 4.53
N THR C 51 7.12 28.31 4.46
CA THR C 51 6.87 29.12 5.64
C THR C 51 5.42 28.97 6.06
N GLY C 52 5.17 29.12 7.36
CA GLY C 52 3.85 29.20 7.88
C GLY C 52 3.75 30.31 8.89
N ALA C 53 2.68 30.25 9.68
CA ALA C 53 2.24 31.39 10.51
C ALA C 53 3.25 31.89 11.52
N GLY C 54 4.18 30.99 11.87
CA GLY C 54 5.24 31.24 12.83
C GLY C 54 6.21 32.35 12.40
N ILE C 55 6.37 32.55 11.09
CA ILE C 55 7.24 33.66 10.63
C ILE C 55 6.60 35.06 10.76
N SER C 56 5.33 35.12 11.14
CA SER C 56 4.59 36.37 11.23
C SER C 56 4.17 36.74 12.67
N THR C 57 4.46 35.87 13.62
CA THR C 57 4.07 36.15 15.02
C THR C 57 4.83 37.33 15.57
N ALA C 58 6.08 37.50 15.11
CA ALA C 58 6.93 38.65 15.48
C ALA C 58 6.48 39.98 14.83
N SER C 59 5.49 39.92 13.95
CA SER C 59 4.82 41.11 13.37
C SER C 59 3.47 41.43 14.08
N GLY C 60 3.08 40.57 15.03
CA GLY C 60 1.84 40.79 15.80
C GLY C 60 0.64 39.97 15.36
N ILE C 61 0.85 39.10 14.36
CA ILE C 61 -0.19 38.20 13.84
C ILE C 61 -0.06 36.86 14.54
N PRO C 62 -1.12 36.37 15.19
CA PRO C 62 -1.05 35.12 15.96
C PRO C 62 -0.98 33.91 15.03
N ASP C 63 -0.34 32.84 15.47
CA ASP C 63 -0.38 31.61 14.69
C ASP C 63 -1.64 30.84 15.07
N PHE C 64 -1.72 29.59 14.64
CA PHE C 64 -2.91 28.76 14.84
C PHE C 64 -2.79 27.80 16.02
N ARG C 65 -1.61 27.21 16.20
CA ARG C 65 -1.46 26.11 17.15
C ARG C 65 -0.40 26.34 18.22
N GLY C 66 0.21 27.53 18.24
CA GLY C 66 1.16 27.88 19.33
C GLY C 66 0.46 27.96 20.67
N PRO C 67 1.20 28.24 21.77
CA PRO C 67 0.51 28.40 23.07
C PRO C 67 -0.68 29.38 23.07
N HIS C 68 -0.61 30.47 22.27
CA HIS C 68 -1.72 31.43 22.16
C HIS C 68 -2.31 31.53 20.76
N GLY C 69 -2.04 30.52 19.92
CA GLY C 69 -2.62 30.46 18.59
C GLY C 69 -4.14 30.44 18.52
N VAL C 70 -4.65 30.66 17.31
CA VAL C 70 -6.10 30.68 17.03
C VAL C 70 -6.84 29.44 17.56
N TRP C 71 -6.36 28.26 17.22
CA TRP C 71 -7.04 27.02 17.62
C TRP C 71 -6.88 26.74 19.09
N THR C 72 -5.70 27.03 19.62
CA THR C 72 -5.35 26.81 21.03
C THR C 72 -6.17 27.65 22.00
N MET C 73 -6.44 28.90 21.61
CA MET C 73 -7.28 29.78 22.41
C MET C 73 -8.75 29.39 22.24
N GLU C 74 -9.13 29.01 21.02
CA GLU C 74 -10.47 28.51 20.74
C GLU C 74 -10.80 27.33 21.67
N GLU C 75 -9.93 26.34 21.73
CA GLU C 75 -10.08 25.22 22.65
C GLU C 75 -10.29 25.66 24.09
N ARG C 76 -10.18 26.93 24.36
CA ARG C 76 -10.13 27.38 25.71
C ARG C 76 -11.22 28.36 25.98
N GLY C 77 -12.02 28.61 24.98
CA GLY C 77 -13.03 29.62 25.06
C GLY C 77 -12.51 31.04 25.08
N LEU C 78 -11.28 31.22 24.63
CA LEU C 78 -10.69 32.56 24.50
C LEU C 78 -10.46 32.89 23.04
N ALA C 79 -10.03 34.12 22.78
CA ALA C 79 -9.78 34.56 21.42
C ALA C 79 -8.29 34.76 21.09
N PRO C 80 -7.91 34.63 19.78
CA PRO C 80 -6.57 35.06 19.41
C PRO C 80 -6.46 36.58 19.48
N LYS C 81 -5.24 37.09 19.60
CA LYS C 81 -5.01 38.52 19.69
C LYS C 81 -4.11 39.00 18.54
N PHE C 82 -4.55 40.06 17.86
CA PHE C 82 -3.73 40.69 16.83
C PHE C 82 -3.16 41.99 17.41
N ASP C 83 -1.86 42.22 17.20
CA ASP C 83 -1.21 43.45 17.66
C ASP C 83 -1.00 44.39 16.51
N THR C 84 -1.57 44.00 15.37
CA THR C 84 -1.54 44.77 14.15
C THR C 84 -2.80 44.43 13.34
N THR C 85 -3.11 45.28 12.37
CA THR C 85 -4.05 44.95 11.28
C THR C 85 -3.23 44.29 10.20
N PHE C 86 -3.87 43.65 9.21
CA PHE C 86 -3.09 43.09 8.10
C PHE C 86 -2.37 44.24 7.37
N GLU C 87 -3.10 45.33 7.12
CA GLU C 87 -2.57 46.52 6.42
C GLU C 87 -1.35 47.13 7.12
N SER C 88 -1.36 47.13 8.45
CA SER C 88 -0.31 47.83 9.17
C SER C 88 0.85 46.92 9.57
N ALA C 89 0.76 45.61 9.27
CA ALA C 89 1.83 44.70 9.61
C ALA C 89 3.03 44.93 8.74
N ARG C 90 4.20 44.78 9.35
CA ARG C 90 5.49 44.97 8.71
C ARG C 90 6.12 43.58 8.54
N PRO C 91 6.60 43.27 7.33
CA PRO C 91 7.43 42.07 7.20
C PRO C 91 8.50 42.02 8.28
N THR C 92 8.68 40.85 8.89
CA THR C 92 9.72 40.59 9.86
C THR C 92 11.11 40.51 9.24
N GLN C 93 12.12 40.38 10.10
CA GLN C 93 13.51 40.10 9.73
C GLN C 93 13.60 38.82 8.85
N THR C 94 12.75 37.84 9.15
CA THR C 94 12.69 36.59 8.38
C THR C 94 12.19 36.85 6.96
N HIS C 95 11.12 37.63 6.80
CA HIS C 95 10.61 37.94 5.48
C HIS C 95 11.67 38.63 4.65
N MET C 96 12.32 39.64 5.26
CA MET C 96 13.35 40.41 4.57
C MET C 96 14.63 39.57 4.25
N ALA C 97 14.94 38.57 5.09
CA ALA C 97 16.09 37.70 4.83
C ALA C 97 15.81 36.84 3.59
N LEU C 98 14.57 36.37 3.46
CA LEU C 98 14.16 35.52 2.32
C LEU C 98 14.20 36.35 1.03
N VAL C 99 13.79 37.61 1.09
CA VAL C 99 13.94 38.50 -0.07
C VAL C 99 15.42 38.55 -0.53
N GLN C 100 16.31 38.82 0.42
CA GLN C 100 17.73 38.92 0.09
C GLN C 100 18.29 37.59 -0.38
N LEU C 101 17.94 36.49 0.31
CA LEU C 101 18.41 35.16 -0.13
C LEU C 101 18.02 34.89 -1.57
N GLU C 102 16.81 35.29 -1.94
CA GLU C 102 16.38 35.14 -3.34
C GLU C 102 17.23 36.06 -4.26
N ARG C 103 17.49 37.28 -3.80
CA ARG C 103 18.24 38.24 -4.63
C ARG C 103 19.63 37.81 -5.07
N VAL C 104 20.28 37.02 -4.24
CA VAL C 104 21.68 36.63 -4.40
C VAL C 104 21.80 35.20 -4.89
N GLY C 105 20.68 34.56 -5.24
CA GLY C 105 20.74 33.23 -5.88
C GLY C 105 20.74 32.03 -4.94
N LEU C 106 20.39 32.25 -3.67
CA LEU C 106 20.37 31.17 -2.69
C LEU C 106 18.97 30.74 -2.31
N LEU C 107 17.99 31.11 -3.12
CA LEU C 107 16.61 30.65 -2.89
C LEU C 107 15.94 30.43 -4.24
N ARG C 108 15.60 29.18 -4.53
CA ARG C 108 15.00 28.84 -5.82
C ARG C 108 13.48 29.11 -5.85
N PHE C 109 12.82 28.85 -4.74
CA PHE C 109 11.37 28.93 -4.66
C PHE C 109 10.93 29.04 -3.19
N LEU C 110 9.78 29.65 -2.98
CA LEU C 110 9.22 29.83 -1.64
C LEU C 110 7.75 29.39 -1.67
N VAL C 111 7.41 28.44 -0.80
CA VAL C 111 6.03 27.97 -0.66
C VAL C 111 5.48 28.50 0.67
N SER C 112 4.36 29.25 0.65
CA SER C 112 3.81 29.71 1.93
C SER C 112 2.37 29.29 2.12
N GLN C 113 2.04 28.97 3.35
CA GLN C 113 0.65 28.71 3.77
C GLN C 113 -0.02 29.98 4.32
N ASN C 114 0.73 31.10 4.39
CA ASN C 114 0.24 32.37 5.00
C ASN C 114 -0.62 33.21 4.08
N VAL C 115 -1.73 33.66 4.64
CA VAL C 115 -2.66 34.54 3.94
C VAL C 115 -2.39 36.00 4.28
N ASP C 116 -1.36 36.26 5.09
CA ASP C 116 -1.09 37.62 5.62
C ASP C 116 -0.61 38.64 4.60
N GLY C 117 -0.29 38.19 3.39
CA GLY C 117 0.17 39.08 2.34
C GLY C 117 1.58 39.67 2.48
N LEU C 118 2.31 39.22 3.49
CA LEU C 118 3.58 39.83 3.85
C LEU C 118 4.74 39.44 2.92
N HIS C 119 4.72 38.22 2.38
CA HIS C 119 5.72 37.85 1.41
C HIS C 119 5.65 38.76 0.16
N VAL C 120 4.46 38.88 -0.44
CA VAL C 120 4.24 39.83 -1.55
C VAL C 120 4.64 41.29 -1.20
N ARG C 121 4.20 41.77 -0.05
CA ARG C 121 4.40 43.18 0.31
C ARG C 121 5.85 43.49 0.66
N SER C 122 6.61 42.46 1.07
CA SER C 122 8.06 42.60 1.33
C SER C 122 8.89 42.89 0.06
N GLY C 123 8.28 42.73 -1.11
CA GLY C 123 8.98 42.82 -2.39
C GLY C 123 9.42 41.48 -3.01
N PHE C 124 9.04 40.35 -2.41
CA PHE C 124 9.50 39.02 -2.88
C PHE C 124 8.87 38.71 -4.24
N PRO C 125 9.67 38.22 -5.20
CA PRO C 125 9.18 38.00 -6.59
C PRO C 125 8.06 36.95 -6.65
N ARG C 126 6.92 37.36 -7.14
CA ARG C 126 5.73 36.52 -7.18
C ARG C 126 5.92 35.27 -8.05
N ASP C 127 6.75 35.36 -9.07
CA ASP C 127 7.00 34.16 -9.90
C ASP C 127 7.88 33.08 -9.20
N LYS C 128 8.36 33.36 -7.97
CA LYS C 128 9.07 32.35 -7.19
C LYS C 128 8.31 32.07 -5.88
N LEU C 129 7.03 32.44 -5.88
CA LEU C 129 6.17 32.24 -4.71
C LEU C 129 4.90 31.43 -5.03
N ALA C 130 4.65 30.36 -4.28
CA ALA C 130 3.31 29.73 -4.26
C ALA C 130 2.60 30.18 -3.00
N GLU C 131 1.41 30.79 -3.11
CA GLU C 131 0.61 31.10 -1.95
C GLU C 131 -0.57 30.13 -1.82
N LEU C 132 -0.35 29.07 -1.06
CA LEU C 132 -1.20 27.88 -1.14
C LEU C 132 -2.59 28.05 -0.55
N HIS C 133 -2.72 28.93 0.43
CA HIS C 133 -4.00 29.11 1.11
C HIS C 133 -4.64 30.47 0.78
N GLY C 134 -4.00 31.23 -0.10
CA GLY C 134 -4.50 32.53 -0.55
C GLY C 134 -3.72 33.69 0.08
N ASN C 135 -4.26 34.89 -0.07
CA ASN C 135 -3.61 36.13 0.27
C ASN C 135 -4.72 37.10 0.47
N MET C 136 -4.80 37.74 1.67
CA MET C 136 -5.90 38.66 2.04
C MET C 136 -6.04 39.86 1.11
N PHE C 137 -4.91 40.25 0.48
CA PHE C 137 -4.87 41.43 -0.40
C PHE C 137 -5.13 41.11 -1.88
N VAL C 138 -5.36 39.84 -2.23
CA VAL C 138 -5.44 39.45 -3.65
C VAL C 138 -6.83 39.02 -4.02
N GLU C 139 -7.42 39.69 -5.02
CA GLU C 139 -8.66 39.21 -5.62
C GLU C 139 -8.40 38.73 -7.04
N GLU C 140 -9.25 37.82 -7.52
CA GLU C 140 -9.01 37.14 -8.80
C GLU C 140 -10.27 37.12 -9.68
N CYS C 141 -10.10 37.40 -10.97
CA CYS C 141 -11.24 37.41 -11.90
C CYS C 141 -11.71 35.96 -12.07
N ALA C 142 -13.00 35.75 -11.90
CA ALA C 142 -13.61 34.42 -12.12
C ALA C 142 -13.57 33.98 -13.58
N LYS C 143 -13.53 34.95 -14.50
CA LYS C 143 -13.48 34.68 -15.93
C LYS C 143 -12.06 34.45 -16.43
N CYS C 144 -11.25 35.51 -16.45
CA CYS C 144 -9.92 35.45 -17.03
C CYS C 144 -8.78 35.05 -16.07
N LYS C 145 -9.07 34.98 -14.80
CA LYS C 145 -8.14 34.54 -13.78
C LYS C 145 -7.04 35.53 -13.44
N THR C 146 -7.06 36.68 -14.07
CA THR C 146 -6.09 37.72 -13.81
C THR C 146 -6.26 38.16 -12.35
N GLN C 147 -5.14 38.37 -11.67
CA GLN C 147 -5.14 38.68 -10.24
C GLN C 147 -4.77 40.11 -9.96
N TYR C 148 -5.35 40.68 -8.90
CA TYR C 148 -5.10 42.05 -8.48
C TYR C 148 -4.54 42.04 -7.07
N VAL C 149 -3.38 42.67 -6.88
CA VAL C 149 -2.82 42.78 -5.55
C VAL C 149 -3.18 44.18 -5.06
N ARG C 150 -4.07 44.21 -4.06
CA ARG C 150 -4.59 45.48 -3.55
C ARG C 150 -3.77 46.00 -2.39
N ASP C 151 -3.87 47.30 -2.14
CA ASP C 151 -3.22 47.94 -0.99
C ASP C 151 -3.92 47.70 0.35
N THR C 152 -5.15 47.16 0.26
N THR C 152 -5.16 47.19 0.28
CA THR C 152 -6.04 46.89 1.39
CA THR C 152 -5.93 46.84 1.46
C THR C 152 -6.53 45.45 1.27
C THR C 152 -6.47 45.43 1.29
N VAL C 153 -6.90 44.82 2.40
CA VAL C 153 -7.52 43.48 2.34
C VAL C 153 -8.79 43.57 1.51
N VAL C 154 -9.09 42.54 0.70
CA VAL C 154 -10.16 42.68 -0.29
C VAL C 154 -11.55 42.66 0.31
N GLY C 155 -11.68 42.22 1.56
CA GLY C 155 -12.94 42.38 2.29
C GLY C 155 -13.84 41.15 2.43
N THR C 156 -13.61 40.11 1.62
CA THR C 156 -14.31 38.83 1.77
C THR C 156 -13.31 37.67 1.97
N MET C 157 -13.78 36.60 2.61
CA MET C 157 -13.07 35.30 2.66
C MET C 157 -14.00 34.18 2.20
N GLY C 158 -13.41 33.09 1.71
CA GLY C 158 -14.20 31.94 1.20
C GLY C 158 -14.43 31.93 -0.30
N LEU C 159 -13.57 32.60 -1.05
CA LEU C 159 -13.68 32.68 -2.52
C LEU C 159 -15.03 33.25 -3.01
N LYS C 160 -15.53 34.23 -2.25
CA LYS C 160 -16.77 34.94 -2.54
C LYS C 160 -16.50 36.20 -3.35
N ALA C 161 -17.57 36.74 -3.93
CA ALA C 161 -17.51 37.98 -4.72
C ALA C 161 -17.18 39.15 -3.82
N THR C 162 -16.23 39.97 -4.25
CA THR C 162 -15.83 41.11 -3.45
C THR C 162 -16.63 42.38 -3.76
N GLY C 163 -17.36 42.39 -4.88
CA GLY C 163 -18.15 43.55 -5.28
C GLY C 163 -17.51 44.38 -6.38
N ARG C 164 -16.20 44.19 -6.59
CA ARG C 164 -15.45 44.81 -7.72
C ARG C 164 -15.50 43.96 -9.00
N LEU C 165 -15.29 44.60 -10.14
CA LEU C 165 -15.31 43.92 -11.44
C LEU C 165 -13.96 44.00 -12.13
N CYS C 166 -13.69 43.02 -12.98
CA CYS C 166 -12.43 42.96 -13.70
C CYS C 166 -12.32 44.17 -14.63
N THR C 167 -11.14 44.78 -14.72
CA THR C 167 -10.90 45.97 -15.55
C THR C 167 -9.88 45.77 -16.70
N VAL C 168 -9.62 44.52 -17.09
CA VAL C 168 -8.62 44.28 -18.14
C VAL C 168 -9.21 44.60 -19.52
N ALA C 176 -13.11 45.43 -22.21
CA ALA C 176 -13.30 45.48 -20.76
C ALA C 176 -13.96 44.18 -20.22
N CYS C 177 -13.15 43.32 -19.60
CA CYS C 177 -13.57 41.95 -19.25
C CYS C 177 -14.78 41.91 -18.34
N ARG C 178 -14.79 42.75 -17.32
CA ARG C 178 -15.94 42.88 -16.41
C ARG C 178 -16.27 41.65 -15.55
N GLY C 179 -15.42 40.62 -15.60
CA GLY C 179 -15.59 39.45 -14.73
C GLY C 179 -15.73 39.79 -13.25
N GLU C 180 -16.47 38.96 -12.53
CA GLU C 180 -16.68 39.07 -11.08
C GLU C 180 -15.36 38.77 -10.37
N LEU C 181 -14.87 39.73 -9.58
CA LEU C 181 -13.66 39.47 -8.79
C LEU C 181 -14.07 38.76 -7.49
N ARG C 182 -13.25 37.79 -7.09
CA ARG C 182 -13.44 37.09 -5.82
C ARG C 182 -12.12 37.02 -5.04
N ASP C 183 -12.24 36.82 -3.74
CA ASP C 183 -11.06 36.66 -2.88
C ASP C 183 -10.41 35.30 -3.15
N THR C 184 -9.19 35.15 -2.64
CA THR C 184 -8.43 33.91 -2.81
C THR C 184 -8.20 33.14 -1.49
N ILE C 185 -8.92 33.54 -0.44
CA ILE C 185 -8.84 32.87 0.86
C ILE C 185 -9.66 31.58 0.87
N LEU C 186 -8.98 30.45 0.91
CA LEU C 186 -9.63 29.17 1.03
C LEU C 186 -10.41 29.10 2.35
N ASP C 187 -11.64 28.60 2.26
CA ASP C 187 -12.36 28.07 3.42
C ASP C 187 -11.95 26.60 3.58
N TRP C 188 -12.44 25.95 4.65
CA TRP C 188 -12.06 24.58 4.99
C TRP C 188 -12.28 23.49 3.92
N GLU C 189 -13.40 23.55 3.20
CA GLU C 189 -13.70 22.52 2.22
C GLU C 189 -12.98 22.72 0.87
N ASP C 190 -12.47 23.93 0.64
CA ASP C 190 -11.88 24.34 -0.66
C ASP C 190 -10.57 23.64 -1.01
N SER C 191 -10.47 23.10 -2.23
CA SER C 191 -9.20 22.52 -2.62
C SER C 191 -8.19 23.64 -2.90
N LEU C 192 -6.90 23.32 -2.86
CA LEU C 192 -5.84 24.31 -3.08
C LEU C 192 -5.83 24.80 -4.52
N PRO C 193 -5.44 26.09 -4.73
CA PRO C 193 -5.26 26.62 -6.09
C PRO C 193 -4.25 25.78 -6.85
N ASP C 194 -4.67 25.24 -7.99
CA ASP C 194 -3.94 24.15 -8.62
C ASP C 194 -2.64 24.58 -9.30
N ARG C 195 -2.59 25.80 -9.83
CA ARG C 195 -1.34 26.33 -10.39
C ARG C 195 -0.23 26.51 -9.34
N ASP C 196 -0.58 27.07 -8.17
CA ASP C 196 0.39 27.29 -7.10
C ASP C 196 0.90 25.96 -6.56
N LEU C 197 -0.04 25.05 -6.29
CA LEU C 197 0.32 23.76 -5.75
C LEU C 197 1.26 23.07 -6.72
N ALA C 198 0.90 23.08 -8.01
CA ALA C 198 1.77 22.48 -9.02
C ALA C 198 3.19 23.06 -8.99
N LEU C 199 3.32 24.38 -8.96
CA LEU C 199 4.67 24.96 -8.91
C LEU C 199 5.38 24.60 -7.58
N ALA C 200 4.64 24.58 -6.48
CA ALA C 200 5.15 24.11 -5.18
C ALA C 200 5.62 22.66 -5.23
N ASP C 201 4.85 21.79 -5.93
CA ASP C 201 5.20 20.39 -6.12
C ASP C 201 6.50 20.25 -6.92
N GLU C 202 6.57 20.94 -8.06
CA GLU C 202 7.77 20.95 -8.89
C GLU C 202 9.04 21.41 -8.14
N ALA C 203 8.91 22.54 -7.46
CA ALA C 203 10.03 23.09 -6.71
C ALA C 203 10.52 22.12 -5.66
N SER C 204 9.59 21.60 -4.87
CA SER C 204 9.89 20.70 -3.75
C SER C 204 10.54 19.40 -4.25
N ARG C 205 10.01 18.89 -5.37
CA ARG C 205 10.59 17.69 -5.97
C ARG C 205 12.01 17.88 -6.46
N ASN C 206 12.25 19.00 -7.15
CA ASN C 206 13.56 19.30 -7.72
C ASN C 206 14.63 19.88 -6.74
N ALA C 207 14.21 20.30 -5.54
CA ALA C 207 15.12 20.89 -4.52
C ALA C 207 16.05 19.85 -3.93
N ASP C 208 17.33 20.17 -3.77
CA ASP C 208 18.16 19.31 -2.89
C ASP C 208 18.14 19.79 -1.44
N LEU C 209 17.44 20.87 -1.14
CA LEU C 209 17.34 21.35 0.26
C LEU C 209 16.02 22.03 0.46
N SER C 210 15.16 21.44 1.30
CA SER C 210 13.97 22.16 1.80
C SER C 210 14.16 22.63 3.23
N ILE C 211 13.83 23.88 3.47
CA ILE C 211 13.95 24.50 4.81
C ILE C 211 12.56 25.02 5.20
N THR C 212 12.00 24.47 6.28
CA THR C 212 10.67 24.91 6.72
C THR C 212 10.84 25.90 7.85
N LEU C 213 10.01 26.95 7.86
CA LEU C 213 10.14 28.00 8.90
C LEU C 213 8.79 28.28 9.50
N GLY C 214 8.64 28.07 10.79
CA GLY C 214 7.43 28.52 11.47
C GLY C 214 6.16 27.87 10.94
N THR C 215 6.27 26.58 10.59
CA THR C 215 5.10 25.76 10.33
C THR C 215 5.15 24.45 11.13
N SER C 216 4.03 24.05 11.74
CA SER C 216 3.90 22.76 12.43
C SER C 216 3.74 21.58 11.44
N LEU C 217 3.60 21.89 10.15
CA LEU C 217 3.46 20.89 9.06
C LEU C 217 2.29 19.89 9.21
N GLN C 218 1.23 20.31 9.91
CA GLN C 218 0.11 19.42 10.25
C GLN C 218 -0.98 19.40 9.20
N ILE C 219 -0.96 20.37 8.29
CA ILE C 219 -2.04 20.53 7.35
C ILE C 219 -1.52 20.06 6.03
N ARG C 220 -2.22 19.08 5.43
CA ARG C 220 -1.90 18.57 4.11
C ARG C 220 -2.73 19.21 2.96
N PRO C 221 -2.20 19.23 1.72
CA PRO C 221 -0.92 18.68 1.28
C PRO C 221 0.29 19.56 1.59
N SER C 222 0.06 20.77 2.08
CA SER C 222 1.18 21.73 2.22
C SER C 222 2.29 21.22 3.11
N GLY C 223 1.90 20.62 4.23
CA GLY C 223 2.87 20.11 5.22
C GLY C 223 3.69 18.92 4.77
N ASN C 224 3.26 18.23 3.69
CA ASN C 224 3.98 17.07 3.17
C ASN C 224 4.98 17.42 2.08
N LEU C 225 4.82 18.60 1.49
CA LEU C 225 5.72 19.08 0.43
C LEU C 225 7.22 19.03 0.74
N PRO C 226 7.64 19.44 1.95
CA PRO C 226 9.07 19.30 2.29
C PRO C 226 9.62 17.85 2.22
N LEU C 227 8.76 16.85 2.47
CA LEU C 227 9.14 15.43 2.34
C LEU C 227 9.38 14.97 0.91
N ALA C 228 8.94 15.75 -0.08
CA ALA C 228 9.13 15.36 -1.48
C ALA C 228 10.58 15.57 -1.86
N THR C 229 11.21 16.55 -1.21
CA THR C 229 12.63 16.82 -1.34
C THR C 229 13.46 15.64 -0.78
N LYS C 230 13.07 15.18 0.41
CA LYS C 230 13.68 14.04 1.08
C LYS C 230 13.57 12.75 0.28
N ARG C 231 12.38 12.49 -0.27
CA ARG C 231 12.12 11.30 -1.08
C ARG C 231 12.93 11.27 -2.36
N ARG C 232 13.39 12.42 -2.82
CA ARG C 232 14.15 12.54 -4.08
C ARG C 232 15.65 12.75 -3.87
N GLY C 233 16.18 12.30 -2.73
CA GLY C 233 17.61 12.39 -2.42
C GLY C 233 18.13 13.64 -1.68
N GLY C 234 17.26 14.63 -1.44
CA GLY C 234 17.67 15.91 -0.81
C GLY C 234 17.67 15.93 0.71
N ARG C 235 18.03 17.09 1.30
CA ARG C 235 18.02 17.26 2.78
C ARG C 235 16.82 18.10 3.22
N LEU C 236 16.43 17.93 4.48
CA LEU C 236 15.31 18.67 5.07
C LEU C 236 15.77 19.34 6.38
N VAL C 237 15.55 20.65 6.48
CA VAL C 237 15.73 21.43 7.73
C VAL C 237 14.37 21.88 8.27
N ILE C 238 14.15 21.72 9.57
CA ILE C 238 12.93 22.18 10.19
C ILE C 238 13.26 23.19 11.29
N VAL C 239 12.73 24.40 11.13
CA VAL C 239 12.95 25.43 12.13
C VAL C 239 11.58 25.76 12.71
N ASN C 240 11.38 25.50 14.00
CA ASN C 240 10.09 25.70 14.65
C ASN C 240 10.21 25.63 16.17
N LEU C 241 9.47 26.50 16.87
CA LEU C 241 9.51 26.44 18.34
C LEU C 241 8.89 25.13 18.89
N GLN C 242 7.67 24.82 18.48
CA GLN C 242 7.00 23.58 18.88
C GLN C 242 7.48 22.40 18.04
N PRO C 243 7.17 21.13 18.46
CA PRO C 243 7.36 20.02 17.50
C PRO C 243 6.59 20.25 16.21
N THR C 244 6.94 19.49 15.18
CA THR C 244 6.18 19.48 13.92
C THR C 244 5.86 18.04 13.56
N LYS C 245 4.91 17.86 12.65
CA LYS C 245 4.47 16.54 12.24
C LYS C 245 5.62 15.69 11.67
N HIS C 246 6.63 16.35 11.12
CA HIS C 246 7.67 15.64 10.35
C HIS C 246 9.06 15.73 10.95
N ASP C 247 9.14 15.97 12.25
CA ASP C 247 10.43 16.01 12.96
C ASP C 247 11.32 14.80 12.69
N ARG C 248 10.69 13.63 12.63
CA ARG C 248 11.37 12.35 12.39
C ARG C 248 12.14 12.34 11.07
N HIS C 249 11.77 13.22 10.14
CA HIS C 249 12.40 13.26 8.81
C HIS C 249 13.50 14.31 8.60
N ALA C 250 13.65 15.23 9.54
CA ALA C 250 14.61 16.32 9.39
C ALA C 250 16.04 15.82 9.44
N ASP C 251 16.89 16.36 8.59
CA ASP C 251 18.31 16.14 8.66
C ASP C 251 18.95 17.06 9.71
N LEU C 252 18.34 18.22 9.91
CA LEU C 252 18.82 19.25 10.83
C LEU C 252 17.58 19.81 11.43
N ARG C 253 17.55 19.92 12.74
CA ARG C 253 16.36 20.38 13.40
C ARG C 253 16.67 21.50 14.41
N ILE C 254 16.11 22.69 14.14
CA ILE C 254 16.35 23.88 14.94
C ILE C 254 15.12 24.33 15.71
N HIS C 255 15.31 24.51 17.02
CA HIS C 255 14.27 24.97 17.93
C HIS C 255 14.69 26.36 18.41
N GLY C 256 14.04 27.38 17.84
CA GLY C 256 14.40 28.78 18.08
C GLY C 256 13.43 29.69 17.35
N TYR C 257 13.45 30.96 17.73
CA TYR C 257 12.68 32.03 17.08
C TYR C 257 13.26 32.17 15.68
N VAL C 258 12.40 32.14 14.67
CA VAL C 258 12.88 32.29 13.29
C VAL C 258 13.69 33.57 13.04
N ASP C 259 13.32 34.72 13.59
CA ASP C 259 14.15 35.91 13.32
C ASP C 259 15.57 35.71 13.83
N GLU C 260 15.71 35.10 15.01
CA GLU C 260 17.06 34.85 15.52
C GLU C 260 17.80 33.88 14.59
N VAL C 261 17.15 32.78 14.21
CA VAL C 261 17.81 31.82 13.35
C VAL C 261 18.27 32.49 12.04
N MET C 262 17.39 33.25 11.41
CA MET C 262 17.71 33.81 10.10
C MET C 262 18.70 34.96 10.19
N THR C 263 18.62 35.75 11.27
CA THR C 263 19.61 36.80 11.49
C THR C 263 21.03 36.22 11.56
N ARG C 264 21.22 35.21 12.42
CA ARG C 264 22.50 34.50 12.54
C ARG C 264 22.94 33.81 11.23
N LEU C 265 21.97 33.30 10.49
CA LEU C 265 22.29 32.68 9.20
C LEU C 265 22.84 33.74 8.22
N MET C 266 22.14 34.87 8.08
CA MET C 266 22.58 35.93 7.15
C MET C 266 23.96 36.44 7.53
N LYS C 267 24.24 36.53 8.81
CA LYS C 267 25.57 36.89 9.27
C LYS C 267 26.60 35.92 8.80
N HIS C 268 26.33 34.64 9.02
CA HIS C 268 27.25 33.59 8.56
C HIS C 268 27.46 33.61 7.04
N LEU C 269 26.38 33.91 6.31
CA LEU C 269 26.46 33.99 4.83
C LEU C 269 27.15 35.27 4.31
N GLY C 270 27.36 36.25 5.22
CA GLY C 270 27.91 37.56 4.87
C GLY C 270 26.97 38.48 4.14
N LEU C 271 25.67 38.34 4.40
CA LEU C 271 24.66 39.08 3.65
C LEU C 271 23.91 40.03 4.57
N GLU C 272 23.57 41.22 4.09
CA GLU C 272 22.77 42.19 4.86
C GLU C 272 21.28 41.95 4.69
N ILE C 273 20.48 42.21 5.71
CA ILE C 273 19.04 42.13 5.57
C ILE C 273 18.52 43.47 5.03
N PRO C 274 17.88 43.48 3.83
CA PRO C 274 17.51 44.77 3.25
C PRO C 274 16.40 45.52 3.99
N ALA C 275 16.37 46.83 3.75
CA ALA C 275 15.38 47.75 4.26
C ALA C 275 14.02 47.50 3.63
N TRP C 276 12.96 47.72 4.40
CA TRP C 276 11.65 47.63 3.79
C TRP C 276 11.11 49.04 3.87
N ASP C 277 10.89 49.64 2.69
CA ASP C 277 10.26 50.96 2.63
C ASP C 277 8.84 50.88 2.10
N GLY C 278 7.98 50.20 2.88
CA GLY C 278 6.58 50.10 2.56
C GLY C 278 6.23 49.04 1.52
N PRO C 279 4.94 48.75 1.38
CA PRO C 279 4.55 47.62 0.52
C PRO C 279 4.94 47.85 -0.94
N ARG C 280 5.55 46.83 -1.54
CA ARG C 280 5.99 46.85 -2.93
C ARG C 280 5.74 45.48 -3.57
N VAL C 281 5.19 45.48 -4.77
CA VAL C 281 4.91 44.25 -5.53
C VAL C 281 5.91 44.07 -6.69
N LEU C 282 6.63 42.93 -6.70
CA LEU C 282 7.54 42.52 -7.77
C LEU C 282 6.96 41.28 -8.47
N GLU C 283 6.67 41.39 -9.77
CA GLU C 283 6.13 40.20 -10.45
C GLU C 283 7.17 39.11 -10.71
N ARG C 284 8.38 39.52 -11.10
CA ARG C 284 9.36 38.56 -11.62
C ARG C 284 10.77 38.76 -11.07
N ALA C 285 11.42 37.65 -10.74
CA ALA C 285 12.78 37.66 -10.18
C ALA C 285 13.83 38.03 -11.22
N LEU C 286 14.94 38.60 -10.73
CA LEU C 286 16.06 39.02 -11.57
C LEU C 286 17.17 37.96 -11.51
N PRO C 287 18.18 38.01 -12.42
CA PRO C 287 19.36 37.17 -12.19
C PRO C 287 19.96 37.49 -10.82
N PRO C 288 20.72 36.55 -10.23
CA PRO C 288 21.23 36.87 -8.91
C PRO C 288 22.25 38.02 -8.84
N LEU C 289 22.16 38.77 -7.75
CA LEU C 289 23.17 39.75 -7.33
C LEU C 289 24.48 39.05 -6.90
N PRO C 290 25.61 39.80 -6.85
CA PRO C 290 26.83 39.16 -6.37
C PRO C 290 26.66 38.73 -4.90
N ARG C 291 27.36 37.68 -4.50
CA ARG C 291 27.36 37.25 -3.12
C ARG C 291 28.75 36.80 -2.69
N PRO C 292 29.04 36.79 -1.37
CA PRO C 292 30.38 36.42 -0.94
C PRO C 292 30.74 35.00 -1.37
N PRO C 293 32.04 34.78 -1.67
CA PRO C 293 32.48 33.45 -2.05
C PRO C 293 32.28 32.47 -0.89
N THR C 294 32.04 31.22 -1.26
CA THR C 294 31.79 30.12 -0.33
C THR C 294 33.04 29.74 0.46
N PRO C 295 32.89 29.48 1.79
CA PRO C 295 34.00 28.90 2.58
C PRO C 295 34.43 27.51 2.12
N LYS C 296 35.65 27.12 2.48
CA LYS C 296 36.09 25.75 2.24
C LYS C 296 35.37 24.74 3.14
N GLY D 16 5.66 31.61 -36.45
CA GLY D 16 6.86 31.00 -35.82
C GLY D 16 7.70 30.26 -36.84
N LYS D 17 8.25 29.10 -36.45
CA LYS D 17 9.08 28.29 -37.33
C LYS D 17 8.24 27.38 -38.25
N CYS D 18 8.29 27.67 -39.54
CA CYS D 18 7.49 26.97 -40.51
C CYS D 18 8.36 26.04 -41.35
N GLY D 19 7.75 24.93 -41.76
CA GLY D 19 8.32 24.00 -42.72
C GLY D 19 9.66 23.41 -42.37
N LEU D 20 9.94 23.21 -41.07
CA LEU D 20 11.07 22.38 -40.64
C LEU D 20 10.98 20.98 -41.28
N PRO D 21 12.13 20.33 -41.55
CA PRO D 21 12.08 19.01 -42.19
C PRO D 21 11.34 18.01 -41.30
N GLU D 22 10.67 17.04 -41.94
CA GLU D 22 10.02 15.96 -41.21
C GLU D 22 10.98 14.86 -40.85
N ILE D 23 10.61 14.10 -39.81
CA ILE D 23 11.40 13.01 -39.28
C ILE D 23 10.56 11.71 -39.30
N PHE D 24 11.11 10.62 -39.84
CA PHE D 24 10.40 9.35 -39.81
C PHE D 24 11.23 8.32 -39.04
N ASP D 25 10.66 7.77 -37.98
CA ASP D 25 11.32 6.69 -37.24
C ASP D 25 11.32 5.45 -38.14
N PRO D 26 12.44 4.69 -38.19
CA PRO D 26 12.34 3.48 -39.01
C PRO D 26 11.36 2.47 -38.40
N PRO D 27 10.95 1.44 -39.16
CA PRO D 27 9.97 0.43 -38.73
C PRO D 27 10.20 -0.20 -37.37
N GLU D 28 11.38 -0.75 -37.11
CA GLU D 28 11.69 -1.37 -35.82
C GLU D 28 11.57 -0.36 -34.66
N GLU D 29 12.16 0.82 -34.85
CA GLU D 29 12.14 1.88 -33.84
C GLU D 29 10.73 2.41 -33.53
N LEU D 30 9.90 2.46 -34.56
CA LEU D 30 8.55 2.95 -34.40
C LEU D 30 7.70 1.95 -33.66
N GLU D 31 7.84 0.67 -34.03
CA GLU D 31 7.16 -0.44 -33.33
C GLU D 31 7.47 -0.47 -31.84
N ARG D 32 8.73 -0.26 -31.47
CA ARG D 32 9.14 -0.26 -30.06
C ARG D 32 8.53 0.91 -29.33
N LYS D 33 8.57 2.07 -29.97
CA LYS D 33 8.08 3.29 -29.31
C LYS D 33 6.56 3.24 -29.04
N VAL D 34 5.80 2.67 -29.98
CA VAL D 34 4.34 2.56 -29.77
C VAL D 34 3.99 1.61 -28.62
N TRP D 35 4.73 0.51 -28.55
CA TRP D 35 4.63 -0.41 -27.41
C TRP D 35 4.97 0.29 -26.10
N GLU D 36 5.98 1.16 -26.10
CA GLU D 36 6.29 1.98 -24.91
C GLU D 36 5.15 2.92 -24.51
N LEU D 37 4.50 3.53 -25.51
CA LEU D 37 3.29 4.35 -25.31
C LEU D 37 2.11 3.54 -24.72
N ALA D 38 1.83 2.38 -25.31
CA ALA D 38 0.89 1.42 -24.71
C ALA D 38 1.23 1.08 -23.25
N ARG D 39 2.51 0.86 -22.96
CA ARG D 39 2.93 0.62 -21.58
C ARG D 39 2.58 1.80 -20.69
N LEU D 40 2.80 3.02 -21.20
CA LEU D 40 2.52 4.23 -20.43
C LEU D 40 1.03 4.44 -20.24
N VAL D 41 0.22 4.11 -21.25
CA VAL D 41 -1.23 4.19 -21.14
C VAL D 41 -1.77 3.22 -20.03
N TRP D 42 -1.31 1.98 -20.05
CA TRP D 42 -1.74 0.96 -19.07
C TRP D 42 -1.44 1.39 -17.61
N GLN D 43 -0.25 1.94 -17.38
CA GLN D 43 0.19 2.34 -16.03
C GLN D 43 -0.26 3.72 -15.58
N SER D 44 -0.92 4.47 -16.44
CA SER D 44 -1.31 5.84 -16.08
C SER D 44 -2.76 5.92 -15.72
N SER D 45 -3.07 6.73 -14.71
CA SER D 45 -4.47 6.84 -14.30
C SER D 45 -5.17 8.02 -14.95
N SER D 46 -4.43 9.11 -15.16
CA SER D 46 -4.99 10.35 -15.64
C SER D 46 -4.32 10.73 -16.97
N VAL D 47 -5.00 10.42 -18.08
CA VAL D 47 -4.38 10.54 -19.37
C VAL D 47 -5.01 11.71 -20.13
N VAL D 48 -4.18 12.67 -20.53
CA VAL D 48 -4.69 13.84 -21.26
C VAL D 48 -4.03 13.94 -22.63
N PHE D 49 -4.86 14.03 -23.66
CA PHE D 49 -4.38 14.25 -24.99
C PHE D 49 -4.56 15.70 -25.36
N HIS D 50 -3.69 16.13 -26.26
CA HIS D 50 -3.58 17.50 -26.67
C HIS D 50 -3.46 17.37 -28.18
N THR D 51 -4.44 17.81 -28.95
CA THR D 51 -4.32 17.65 -30.42
C THR D 51 -4.22 18.99 -31.14
N GLY D 52 -3.53 18.96 -32.27
CA GLY D 52 -3.49 20.08 -33.17
C GLY D 52 -3.72 19.65 -34.59
N ALA D 53 -3.41 20.56 -35.49
CA ALA D 53 -3.85 20.48 -36.90
C ALA D 53 -3.36 19.26 -37.65
N GLY D 54 -2.25 18.72 -37.18
CA GLY D 54 -1.72 17.48 -37.72
C GLY D 54 -2.67 16.29 -37.64
N ILE D 55 -3.62 16.28 -36.69
CA ILE D 55 -4.51 15.10 -36.66
C ILE D 55 -5.61 15.17 -37.71
N SER D 56 -5.65 16.25 -38.49
CA SER D 56 -6.72 16.48 -39.46
C SER D 56 -6.23 16.59 -40.90
N THR D 57 -4.92 16.53 -41.11
CA THR D 57 -4.37 16.62 -42.46
C THR D 57 -4.73 15.39 -43.31
N ALA D 58 -4.85 14.22 -42.65
CA ALA D 58 -5.31 12.99 -43.29
C ALA D 58 -6.80 12.98 -43.64
N SER D 59 -7.54 14.01 -43.23
CA SER D 59 -8.91 14.23 -43.68
C SER D 59 -8.97 15.27 -44.81
N GLY D 60 -7.82 15.79 -45.24
CA GLY D 60 -7.78 16.82 -46.29
C GLY D 60 -7.65 18.26 -45.84
N ILE D 61 -7.52 18.50 -44.53
CA ILE D 61 -7.42 19.86 -43.99
C ILE D 61 -5.96 20.15 -43.67
N PRO D 62 -5.37 21.19 -44.31
CA PRO D 62 -3.94 21.45 -44.20
C PRO D 62 -3.60 21.93 -42.79
N ASP D 63 -2.37 21.67 -42.33
CA ASP D 63 -1.95 22.23 -41.05
C ASP D 63 -1.39 23.66 -41.27
N PHE D 64 -0.60 24.16 -40.33
CA PHE D 64 -0.09 25.54 -40.37
C PHE D 64 1.40 25.63 -40.71
N ARG D 65 2.19 24.74 -40.10
CA ARG D 65 3.64 24.81 -40.17
C ARG D 65 4.36 23.62 -40.83
N GLY D 66 3.58 22.61 -41.27
CA GLY D 66 4.13 21.48 -42.03
C GLY D 66 4.64 21.96 -43.38
N PRO D 67 5.25 21.07 -44.19
CA PRO D 67 5.76 21.46 -45.51
C PRO D 67 4.73 22.21 -46.38
N HIS D 68 3.45 21.87 -46.28
CA HIS D 68 2.44 22.55 -47.08
C HIS D 68 1.39 23.24 -46.25
N GLY D 69 1.76 23.56 -45.00
CA GLY D 69 0.90 24.32 -44.11
C GLY D 69 0.64 25.75 -44.55
N VAL D 70 -0.42 26.34 -43.98
CA VAL D 70 -0.90 27.69 -44.30
C VAL D 70 0.23 28.73 -44.32
N TRP D 71 0.98 28.78 -43.23
CA TRP D 71 2.08 29.74 -43.11
C TRP D 71 3.24 29.40 -44.03
N THR D 72 3.60 28.11 -44.14
CA THR D 72 4.71 27.69 -44.96
C THR D 72 4.45 28.01 -46.45
N MET D 73 3.22 27.78 -46.89
CA MET D 73 2.79 28.07 -48.25
C MET D 73 2.77 29.57 -48.48
N GLU D 74 2.36 30.33 -47.46
CA GLU D 74 2.32 31.77 -47.54
C GLU D 74 3.73 32.36 -47.75
N GLU D 75 4.70 31.85 -46.99
CA GLU D 75 6.11 32.19 -47.17
C GLU D 75 6.59 31.87 -48.59
N ARG D 76 6.03 30.82 -49.19
CA ARG D 76 6.42 30.40 -50.53
C ARG D 76 5.54 31.02 -51.61
N GLY D 77 4.79 32.07 -51.27
CA GLY D 77 3.92 32.77 -52.23
C GLY D 77 2.71 31.97 -52.69
N LEU D 78 2.27 31.03 -51.85
CA LEU D 78 1.19 30.12 -52.18
C LEU D 78 0.10 30.09 -51.11
N ALA D 79 -1.03 29.51 -51.50
CA ALA D 79 -2.21 29.37 -50.64
C ALA D 79 -2.25 27.93 -50.09
N PRO D 80 -2.84 27.72 -48.89
CA PRO D 80 -3.04 26.34 -48.44
C PRO D 80 -4.07 25.64 -49.31
N LYS D 81 -4.00 24.32 -49.41
CA LYS D 81 -4.98 23.59 -50.22
C LYS D 81 -5.88 22.74 -49.32
N PHE D 82 -7.21 22.87 -49.49
CA PHE D 82 -8.18 22.00 -48.79
C PHE D 82 -8.68 20.88 -49.72
N ASP D 83 -8.68 19.62 -49.26
CA ASP D 83 -9.16 18.53 -50.13
C ASP D 83 -10.56 18.15 -49.74
N THR D 84 -11.14 19.03 -48.91
CA THR D 84 -12.47 18.88 -48.32
C THR D 84 -13.00 20.25 -47.88
N THR D 85 -14.32 20.36 -47.67
CA THR D 85 -14.90 21.47 -46.90
C THR D 85 -14.91 21.05 -45.43
N PHE D 86 -15.05 22.00 -44.50
CA PHE D 86 -15.21 21.62 -43.08
C PHE D 86 -16.42 20.70 -42.87
N GLU D 87 -17.50 20.98 -43.60
CA GLU D 87 -18.74 20.20 -43.48
C GLU D 87 -18.60 18.77 -43.99
N SER D 88 -17.84 18.59 -45.08
CA SER D 88 -17.72 17.28 -45.70
C SER D 88 -16.50 16.55 -45.14
N ALA D 89 -15.73 17.20 -44.26
CA ALA D 89 -14.58 16.51 -43.65
C ALA D 89 -15.07 15.35 -42.78
N ARG D 90 -14.30 14.27 -42.81
CA ARG D 90 -14.56 13.09 -42.02
C ARG D 90 -13.51 13.00 -40.94
N PRO D 91 -13.94 12.72 -39.68
CA PRO D 91 -12.99 12.48 -38.58
C PRO D 91 -12.05 11.36 -38.98
N THR D 92 -10.77 11.48 -38.64
CA THR D 92 -9.78 10.47 -39.02
C THR D 92 -9.80 9.30 -38.08
N GLN D 93 -8.98 8.30 -38.40
CA GLN D 93 -8.71 7.18 -37.55
C GLN D 93 -8.33 7.61 -36.11
N THR D 94 -7.53 8.68 -36.01
CA THR D 94 -7.07 9.24 -34.72
C THR D 94 -8.25 9.80 -33.95
N HIS D 95 -9.11 10.58 -34.61
CA HIS D 95 -10.31 11.12 -33.99
C HIS D 95 -11.14 10.01 -33.38
N MET D 96 -11.40 8.94 -34.15
CA MET D 96 -12.30 7.84 -33.77
C MET D 96 -11.67 7.00 -32.66
N ALA D 97 -10.35 6.82 -32.74
CA ALA D 97 -9.56 6.18 -31.66
C ALA D 97 -9.64 6.92 -30.29
N LEU D 98 -9.56 8.24 -30.34
CA LEU D 98 -9.75 9.11 -29.14
C LEU D 98 -11.16 8.99 -28.52
N VAL D 99 -12.17 8.91 -29.39
CA VAL D 99 -13.52 8.59 -28.95
C VAL D 99 -13.57 7.28 -28.16
N GLN D 100 -12.95 6.22 -28.69
CA GLN D 100 -12.95 4.92 -28.03
C GLN D 100 -12.15 4.94 -26.69
N LEU D 101 -11.00 5.60 -26.67
CA LEU D 101 -10.18 5.64 -25.44
C LEU D 101 -10.95 6.30 -24.32
N GLU D 102 -11.65 7.39 -24.65
CA GLU D 102 -12.54 8.04 -23.72
C GLU D 102 -13.66 7.06 -23.27
N ARG D 103 -14.30 6.39 -24.22
CA ARG D 103 -15.39 5.46 -23.86
C ARG D 103 -14.99 4.36 -22.87
N VAL D 104 -13.77 3.84 -23.03
CA VAL D 104 -13.31 2.74 -22.14
C VAL D 104 -12.54 3.17 -20.88
N GLY D 105 -12.53 4.46 -20.58
CA GLY D 105 -11.89 5.00 -19.38
C GLY D 105 -10.39 5.29 -19.47
N LEU D 106 -9.81 5.29 -20.67
CA LEU D 106 -8.35 5.46 -20.80
C LEU D 106 -7.86 6.88 -21.14
N LEU D 107 -8.82 7.78 -21.33
CA LEU D 107 -8.55 9.19 -21.59
C LEU D 107 -9.42 10.00 -20.64
N ARG D 108 -8.78 10.79 -19.79
CA ARG D 108 -9.45 11.68 -18.84
C ARG D 108 -9.93 13.02 -19.48
N PHE D 109 -9.09 13.61 -20.34
CA PHE D 109 -9.45 14.88 -20.94
C PHE D 109 -8.74 15.11 -22.27
N LEU D 110 -9.36 15.93 -23.14
CA LEU D 110 -8.85 16.18 -24.51
C LEU D 110 -8.74 17.68 -24.76
N VAL D 111 -7.51 18.15 -24.95
CA VAL D 111 -7.28 19.58 -25.20
C VAL D 111 -6.95 19.77 -26.67
N SER D 112 -7.77 20.53 -27.35
CA SER D 112 -7.54 20.72 -28.78
C SER D 112 -7.41 22.16 -29.20
N GLN D 113 -6.48 22.37 -30.14
CA GLN D 113 -6.25 23.66 -30.77
C GLN D 113 -7.03 23.84 -32.05
N ASN D 114 -7.64 22.76 -32.51
CA ASN D 114 -8.35 22.73 -33.78
C ASN D 114 -9.69 23.42 -33.75
N VAL D 115 -9.93 24.23 -34.77
CA VAL D 115 -11.20 24.88 -35.00
C VAL D 115 -12.03 24.10 -36.00
N ASP D 116 -11.53 22.96 -36.48
CA ASP D 116 -12.18 22.22 -37.58
C ASP D 116 -13.51 21.51 -37.22
N GLY D 117 -13.87 21.53 -35.95
CA GLY D 117 -15.12 20.93 -35.48
C GLY D 117 -15.18 19.41 -35.43
N LEU D 118 -14.08 18.72 -35.73
CA LEU D 118 -14.13 17.25 -35.90
C LEU D 118 -14.21 16.44 -34.60
N HIS D 119 -13.59 16.93 -33.53
CA HIS D 119 -13.80 16.25 -32.24
C HIS D 119 -15.30 16.16 -31.87
N VAL D 120 -15.99 17.30 -31.86
CA VAL D 120 -17.43 17.33 -31.58
C VAL D 120 -18.20 16.41 -32.55
N ARG D 121 -18.01 16.60 -33.87
CA ARG D 121 -18.76 15.80 -34.84
C ARG D 121 -18.45 14.30 -34.76
N SER D 122 -17.27 13.91 -34.25
CA SER D 122 -16.94 12.49 -34.00
C SER D 122 -17.78 11.79 -32.91
N GLY D 123 -18.53 12.54 -32.12
CA GLY D 123 -19.24 11.98 -30.96
C GLY D 123 -18.46 12.03 -29.66
N PHE D 124 -17.38 12.80 -29.63
CA PHE D 124 -16.58 12.93 -28.40
C PHE D 124 -17.35 13.82 -27.40
N PRO D 125 -17.41 13.43 -26.12
CA PRO D 125 -18.24 14.13 -25.12
C PRO D 125 -17.71 15.52 -24.81
N ARG D 126 -18.53 16.52 -25.04
CA ARG D 126 -18.09 17.92 -24.93
C ARG D 126 -17.58 18.29 -23.53
N ASP D 127 -18.10 17.60 -22.50
CA ASP D 127 -17.67 17.93 -21.13
C ASP D 127 -16.28 17.35 -20.81
N LYS D 128 -15.71 16.58 -21.74
CA LYS D 128 -14.29 16.19 -21.63
C LYS D 128 -13.36 16.84 -22.71
N LEU D 129 -13.83 17.90 -23.35
CA LEU D 129 -13.14 18.55 -24.46
C LEU D 129 -12.96 20.05 -24.23
N ALA D 130 -11.75 20.55 -24.41
CA ALA D 130 -11.57 22.00 -24.44
C ALA D 130 -11.17 22.39 -25.83
N GLU D 131 -11.93 23.32 -26.40
CA GLU D 131 -11.61 23.82 -27.71
C GLU D 131 -11.00 25.20 -27.54
N LEU D 132 -9.69 25.20 -27.35
CA LEU D 132 -8.95 26.41 -26.96
C LEU D 132 -9.01 27.53 -27.98
N HIS D 133 -9.17 27.20 -29.27
CA HIS D 133 -9.21 28.25 -30.29
C HIS D 133 -10.60 28.47 -30.92
N GLY D 134 -11.61 27.79 -30.41
CA GLY D 134 -12.94 27.89 -30.99
C GLY D 134 -13.29 26.70 -31.86
N ASN D 135 -14.49 26.73 -32.45
CA ASN D 135 -15.01 25.64 -33.28
C ASN D 135 -15.82 26.29 -34.40
N MET D 136 -15.48 25.99 -35.66
CA MET D 136 -16.10 26.60 -36.85
C MET D 136 -17.62 26.49 -36.87
N PHE D 137 -18.16 25.49 -36.18
CA PHE D 137 -19.60 25.16 -36.21
C PHE D 137 -20.38 25.67 -35.00
N VAL D 138 -19.69 26.26 -34.04
CA VAL D 138 -20.30 26.63 -32.77
C VAL D 138 -20.46 28.15 -32.69
N GLU D 139 -21.68 28.59 -32.40
CA GLU D 139 -21.94 29.97 -32.04
C GLU D 139 -22.41 30.07 -30.60
N GLU D 140 -22.20 31.24 -30.00
CA GLU D 140 -22.47 31.47 -28.59
C GLU D 140 -23.20 32.79 -28.32
N CYS D 141 -24.18 32.75 -27.41
CA CYS D 141 -25.00 33.89 -27.05
C CYS D 141 -24.23 34.85 -26.13
N ALA D 142 -24.02 36.07 -26.60
CA ALA D 142 -23.34 37.14 -25.85
C ALA D 142 -23.99 37.43 -24.49
N LYS D 143 -25.32 37.35 -24.45
CA LYS D 143 -26.10 37.58 -23.23
C LYS D 143 -26.05 36.42 -22.22
N CYS D 144 -26.53 35.23 -22.60
CA CYS D 144 -26.62 34.10 -21.65
C CYS D 144 -25.51 33.04 -21.79
N LYS D 145 -24.64 33.23 -22.78
CA LYS D 145 -23.48 32.34 -23.01
C LYS D 145 -23.83 30.89 -23.40
N THR D 146 -25.08 30.64 -23.78
CA THR D 146 -25.40 29.28 -24.25
C THR D 146 -24.77 29.08 -25.62
N GLN D 147 -24.40 27.84 -25.90
CA GLN D 147 -23.73 27.53 -27.16
C GLN D 147 -24.58 26.64 -28.05
N TYR D 148 -24.50 26.89 -29.35
CA TYR D 148 -25.25 26.10 -30.33
C TYR D 148 -24.24 25.46 -31.24
N VAL D 149 -24.39 24.14 -31.42
CA VAL D 149 -23.54 23.35 -32.30
C VAL D 149 -24.28 23.17 -33.63
N ARG D 150 -23.82 23.85 -34.67
CA ARG D 150 -24.55 23.89 -35.95
C ARG D 150 -24.06 22.83 -36.91
N ASP D 151 -24.91 22.47 -37.89
CA ASP D 151 -24.53 21.50 -38.95
C ASP D 151 -23.65 22.05 -40.08
N THR D 152 -23.54 23.37 -40.13
CA THR D 152 -22.75 24.11 -41.16
C THR D 152 -21.84 25.11 -40.39
N VAL D 153 -20.74 25.55 -41.01
CA VAL D 153 -19.88 26.55 -40.38
C VAL D 153 -20.70 27.84 -40.18
N VAL D 154 -20.50 28.53 -39.06
CA VAL D 154 -21.45 29.56 -38.64
C VAL D 154 -21.47 30.82 -39.55
N GLY D 155 -20.35 31.11 -40.20
CA GLY D 155 -20.29 32.16 -41.21
C GLY D 155 -19.34 33.30 -40.92
N THR D 156 -18.98 33.49 -39.64
CA THR D 156 -18.06 34.56 -39.23
C THR D 156 -16.88 34.02 -38.40
N MET D 157 -15.82 34.83 -38.28
CA MET D 157 -14.65 34.47 -37.47
C MET D 157 -14.19 35.73 -36.76
N GLY D 158 -13.71 35.59 -35.52
CA GLY D 158 -13.25 36.74 -34.74
C GLY D 158 -14.23 37.20 -33.67
N LEU D 159 -15.02 36.26 -33.14
CA LEU D 159 -16.04 36.54 -32.12
C LEU D 159 -17.05 37.62 -32.54
N LYS D 160 -17.41 37.60 -33.82
CA LYS D 160 -18.37 38.55 -34.38
C LYS D 160 -19.80 38.03 -34.35
N ALA D 161 -20.77 38.94 -34.49
CA ALA D 161 -22.19 38.59 -34.59
C ALA D 161 -22.45 37.81 -35.86
N THR D 162 -23.26 36.76 -35.75
CA THR D 162 -23.50 35.84 -36.88
C THR D 162 -24.76 36.19 -37.69
N GLY D 163 -25.64 36.98 -37.10
CA GLY D 163 -26.90 37.33 -37.75
C GLY D 163 -28.09 36.66 -37.08
N ARG D 164 -27.78 35.73 -36.15
CA ARG D 164 -28.81 34.95 -35.45
C ARG D 164 -28.89 35.35 -33.96
N LEU D 165 -30.05 35.09 -33.36
CA LEU D 165 -30.33 35.44 -31.97
C LEU D 165 -30.70 34.21 -31.15
N CYS D 166 -30.44 34.24 -29.85
CA CYS D 166 -30.67 33.11 -28.94
C CYS D 166 -32.14 32.64 -28.88
N THR D 167 -32.33 31.38 -28.49
CA THR D 167 -33.66 30.75 -28.43
C THR D 167 -34.01 30.23 -27.04
N VAL D 168 -33.12 30.47 -26.06
CA VAL D 168 -33.38 30.22 -24.63
C VAL D 168 -33.85 28.80 -24.30
N CYS D 177 -34.69 34.54 -24.41
CA CYS D 177 -33.49 35.31 -24.09
C CYS D 177 -33.12 36.27 -25.22
N ARG D 178 -33.20 35.78 -26.46
CA ARG D 178 -33.03 36.58 -27.68
C ARG D 178 -31.71 37.37 -27.83
N GLY D 179 -30.63 36.90 -27.22
CA GLY D 179 -29.33 37.57 -27.34
C GLY D 179 -28.62 37.41 -28.67
N GLU D 180 -27.55 38.19 -28.86
CA GLU D 180 -26.76 38.18 -30.10
C GLU D 180 -25.84 36.97 -30.13
N LEU D 181 -25.97 36.16 -31.18
CA LEU D 181 -25.12 34.99 -31.33
C LEU D 181 -23.88 35.39 -32.10
N ARG D 182 -22.75 34.88 -31.63
CA ARG D 182 -21.45 35.28 -32.12
C ARG D 182 -20.58 34.02 -32.28
N ASP D 183 -19.72 34.03 -33.29
CA ASP D 183 -18.79 32.91 -33.50
C ASP D 183 -17.84 32.77 -32.31
N THR D 184 -17.07 31.67 -32.31
CA THR D 184 -16.12 31.40 -31.25
C THR D 184 -14.70 31.29 -31.81
N ILE D 185 -14.50 31.67 -33.07
CA ILE D 185 -13.17 31.61 -33.68
C ILE D 185 -12.31 32.82 -33.30
N LEU D 186 -11.30 32.59 -32.48
CA LEU D 186 -10.38 33.64 -32.03
C LEU D 186 -9.58 34.24 -33.19
N ASP D 187 -9.41 35.55 -33.15
CA ASP D 187 -8.44 36.23 -34.03
C ASP D 187 -7.11 36.29 -33.28
N TRP D 188 -6.08 36.85 -33.92
CA TRP D 188 -4.74 37.00 -33.31
C TRP D 188 -4.82 37.72 -31.97
N GLU D 189 -5.61 38.78 -31.94
CA GLU D 189 -5.76 39.66 -30.78
C GLU D 189 -6.51 39.06 -29.60
N ASP D 190 -7.12 37.89 -29.79
CA ASP D 190 -8.13 37.40 -28.86
C ASP D 190 -7.57 36.53 -27.74
N SER D 191 -8.14 36.72 -26.55
CA SER D 191 -7.82 35.88 -25.42
C SER D 191 -8.65 34.61 -25.55
N LEU D 192 -8.19 33.53 -24.90
CA LEU D 192 -8.77 32.19 -25.07
C LEU D 192 -10.14 32.03 -24.36
N PRO D 193 -11.00 31.09 -24.84
CA PRO D 193 -12.22 30.82 -24.10
C PRO D 193 -11.88 30.57 -22.64
N ASP D 194 -12.47 31.37 -21.77
CA ASP D 194 -12.13 31.35 -20.35
C ASP D 194 -12.40 30.00 -19.67
N ARG D 195 -13.55 29.42 -19.97
CA ARG D 195 -13.92 28.16 -19.36
C ARG D 195 -13.08 26.99 -19.92
N ASP D 196 -12.80 27.04 -21.22
CA ASP D 196 -12.07 25.96 -21.88
C ASP D 196 -10.61 25.97 -21.40
N LEU D 197 -10.01 27.16 -21.32
CA LEU D 197 -8.62 27.24 -20.83
C LEU D 197 -8.50 26.69 -19.42
N ALA D 198 -9.45 27.06 -18.57
CA ALA D 198 -9.42 26.68 -17.15
C ALA D 198 -9.46 25.18 -17.02
N LEU D 199 -10.39 24.53 -17.71
CA LEU D 199 -10.52 23.07 -17.65
C LEU D 199 -9.26 22.39 -18.21
N ALA D 200 -8.76 22.90 -19.34
CA ALA D 200 -7.51 22.40 -19.92
C ALA D 200 -6.33 22.54 -18.97
N ASP D 201 -6.26 23.66 -18.24
CA ASP D 201 -5.18 23.89 -17.27
C ASP D 201 -5.25 22.90 -16.10
N GLU D 202 -6.44 22.78 -15.51
CA GLU D 202 -6.66 21.83 -14.44
C GLU D 202 -6.35 20.39 -14.83
N ALA D 203 -6.77 19.99 -16.04
CA ALA D 203 -6.54 18.61 -16.53
C ALA D 203 -5.06 18.32 -16.74
N SER D 204 -4.37 19.26 -17.39
CA SER D 204 -2.95 19.18 -17.66
C SER D 204 -2.04 19.11 -16.42
N ARG D 205 -2.32 19.93 -15.40
CA ARG D 205 -1.55 19.91 -14.15
C ARG D 205 -1.81 18.62 -13.34
N ASN D 206 -2.92 17.93 -13.59
CA ASN D 206 -3.27 16.70 -12.86
C ASN D 206 -3.05 15.38 -13.62
N ALA D 207 -2.61 15.46 -14.87
CA ALA D 207 -2.32 14.25 -15.64
C ALA D 207 -1.05 13.54 -15.11
N ASP D 208 -1.04 12.21 -15.11
CA ASP D 208 0.24 11.52 -14.96
C ASP D 208 0.79 11.21 -16.33
N LEU D 209 -0.03 11.36 -17.37
CA LEU D 209 0.45 11.21 -18.74
C LEU D 209 -0.17 12.19 -19.73
N SER D 210 0.64 13.08 -20.30
CA SER D 210 0.17 13.92 -21.42
C SER D 210 0.74 13.45 -22.75
N ILE D 211 -0.14 13.26 -23.72
CA ILE D 211 0.25 12.81 -25.07
C ILE D 211 -0.19 13.88 -26.05
N THR D 212 0.76 14.38 -26.84
CA THR D 212 0.47 15.39 -27.83
C THR D 212 0.48 14.73 -29.19
N LEU D 213 -0.43 15.16 -30.05
CA LEU D 213 -0.61 14.52 -31.36
C LEU D 213 -0.77 15.59 -32.44
N GLY D 214 0.14 15.65 -33.40
CA GLY D 214 -0.07 16.59 -34.53
C GLY D 214 -0.10 18.06 -34.12
N THR D 215 0.72 18.39 -33.14
CA THR D 215 0.96 19.79 -32.79
C THR D 215 2.46 20.06 -32.66
N SER D 216 2.89 21.17 -33.28
CA SER D 216 4.25 21.68 -33.18
C SER D 216 4.51 22.38 -31.82
N LEU D 217 3.44 22.66 -31.06
CA LEU D 217 3.54 23.23 -29.69
C LEU D 217 4.13 24.66 -29.62
N GLN D 218 4.01 25.37 -30.73
CA GLN D 218 4.60 26.69 -30.88
C GLN D 218 3.77 27.85 -30.29
N ILE D 219 2.48 27.61 -30.04
CA ILE D 219 1.58 28.69 -29.65
C ILE D 219 1.21 28.61 -28.19
N ARG D 220 1.44 29.69 -27.43
CA ARG D 220 1.08 29.71 -26.00
C ARG D 220 -0.31 30.34 -25.78
N PRO D 221 -0.99 29.98 -24.64
CA PRO D 221 -0.53 29.01 -23.63
C PRO D 221 -0.80 27.56 -24.05
N SER D 222 -1.54 27.37 -25.12
N SER D 222 -1.51 27.41 -25.15
CA SER D 222 -1.95 26.04 -25.56
CA SER D 222 -1.96 26.13 -25.66
C SER D 222 -0.78 25.05 -25.66
C SER D 222 -0.83 25.08 -25.72
N GLY D 223 0.29 25.47 -26.32
CA GLY D 223 1.47 24.63 -26.46
C GLY D 223 2.25 24.33 -25.18
N ASN D 224 1.97 25.08 -24.11
CA ASN D 224 2.71 24.86 -22.87
C ASN D 224 2.01 23.91 -21.92
N LEU D 225 0.71 23.71 -22.10
CA LEU D 225 -0.08 22.82 -21.23
C LEU D 225 0.51 21.41 -21.03
N PRO D 226 1.00 20.78 -22.11
CA PRO D 226 1.61 19.45 -21.97
C PRO D 226 2.88 19.45 -21.12
N LEU D 227 3.65 20.54 -21.17
CA LEU D 227 4.84 20.67 -20.34
C LEU D 227 4.49 20.83 -18.84
N ALA D 228 3.34 21.44 -18.53
CA ALA D 228 2.85 21.55 -17.14
C ALA D 228 2.62 20.17 -16.51
N THR D 229 2.28 19.18 -17.34
CA THR D 229 2.11 17.81 -16.92
C THR D 229 3.46 17.26 -16.45
N LYS D 230 4.47 17.49 -17.28
CA LYS D 230 5.79 16.90 -17.11
C LYS D 230 6.42 17.53 -15.89
N ARG D 231 6.23 18.84 -15.75
CA ARG D 231 6.83 19.60 -14.64
C ARG D 231 6.30 19.24 -13.25
N ARG D 232 5.09 18.67 -13.19
CA ARG D 232 4.56 18.11 -11.96
C ARG D 232 4.69 16.57 -11.87
N GLY D 233 5.69 16.01 -12.55
CA GLY D 233 6.08 14.62 -12.32
C GLY D 233 5.38 13.60 -13.19
N GLY D 234 4.42 14.08 -13.98
CA GLY D 234 3.78 13.24 -15.01
C GLY D 234 4.71 12.97 -16.19
N ARG D 235 4.32 12.03 -17.05
CA ARG D 235 5.06 11.67 -18.24
C ARG D 235 4.54 12.47 -19.46
N LEU D 236 5.40 12.61 -20.47
CA LEU D 236 5.05 13.41 -21.65
C LEU D 236 5.48 12.67 -22.90
N VAL D 237 4.51 12.47 -23.79
CA VAL D 237 4.73 11.83 -25.09
C VAL D 237 4.35 12.84 -26.18
N ILE D 238 5.27 13.05 -27.12
CA ILE D 238 5.02 13.90 -28.25
C ILE D 238 4.95 13.02 -29.50
N VAL D 239 3.82 13.04 -30.19
CA VAL D 239 3.71 12.33 -31.46
C VAL D 239 3.59 13.40 -32.54
N ASN D 240 4.58 13.45 -33.45
CA ASN D 240 4.66 14.50 -34.48
C ASN D 240 5.64 14.18 -35.60
N LEU D 241 5.35 14.66 -36.81
CA LEU D 241 6.28 14.50 -37.94
C LEU D 241 7.47 15.47 -37.88
N GLN D 242 7.26 16.65 -37.31
CA GLN D 242 8.32 17.65 -37.28
C GLN D 242 8.81 17.79 -35.85
N PRO D 243 10.01 18.41 -35.66
CA PRO D 243 10.38 18.85 -34.32
C PRO D 243 9.26 19.68 -33.71
N THR D 244 9.18 19.72 -32.37
CA THR D 244 8.26 20.59 -31.65
C THR D 244 9.06 21.38 -30.61
N LYS D 245 8.53 22.52 -30.16
CA LYS D 245 9.23 23.38 -29.18
C LYS D 245 9.71 22.62 -27.93
N HIS D 246 8.97 21.57 -27.54
CA HIS D 246 9.24 20.86 -26.28
C HIS D 246 9.87 19.48 -26.38
N ASP D 247 10.50 19.19 -27.51
CA ASP D 247 11.11 17.88 -27.78
C ASP D 247 11.99 17.39 -26.62
N ARG D 248 12.88 18.26 -26.13
CA ARG D 248 13.83 17.90 -25.07
C ARG D 248 13.16 17.43 -23.76
N HIS D 249 11.99 17.97 -23.43
CA HIS D 249 11.30 17.65 -22.18
C HIS D 249 10.49 16.34 -22.20
N ALA D 250 10.33 15.73 -23.37
CA ALA D 250 9.49 14.53 -23.53
C ALA D 250 10.15 13.23 -23.04
N ASP D 251 9.33 12.33 -22.53
CA ASP D 251 9.81 11.01 -22.13
C ASP D 251 9.91 10.13 -23.36
N LEU D 252 9.11 10.44 -24.38
CA LEU D 252 9.06 9.65 -25.63
C LEU D 252 8.66 10.54 -26.82
N ARG D 253 9.42 10.44 -27.90
CA ARG D 253 9.11 11.14 -29.13
C ARG D 253 8.88 10.13 -30.23
N ILE D 254 7.70 10.21 -30.84
CA ILE D 254 7.35 9.28 -31.89
C ILE D 254 7.18 10.09 -33.15
N HIS D 255 8.08 9.85 -34.10
CA HIS D 255 8.06 10.50 -35.40
C HIS D 255 7.45 9.54 -36.43
N GLY D 256 6.18 9.79 -36.73
CA GLY D 256 5.35 8.96 -37.59
C GLY D 256 4.01 9.66 -37.80
N TYR D 257 3.22 9.18 -38.74
CA TYR D 257 1.86 9.67 -38.97
C TYR D 257 1.00 9.28 -37.78
N VAL D 258 0.20 10.22 -37.25
CA VAL D 258 -0.59 9.92 -36.06
C VAL D 258 -1.54 8.73 -36.28
N ASP D 259 -2.14 8.64 -37.48
CA ASP D 259 -3.09 7.55 -37.75
C ASP D 259 -2.40 6.22 -37.64
N GLU D 260 -1.16 6.14 -38.12
CA GLU D 260 -0.43 4.88 -37.98
C GLU D 260 -0.09 4.58 -36.53
N VAL D 261 0.40 5.59 -35.79
CA VAL D 261 0.70 5.44 -34.36
C VAL D 261 -0.51 4.96 -33.56
N MET D 262 -1.64 5.64 -33.74
CA MET D 262 -2.87 5.38 -33.01
C MET D 262 -3.54 4.05 -33.36
N THR D 263 -3.41 3.63 -34.62
CA THR D 263 -3.90 2.31 -35.06
C THR D 263 -3.09 1.17 -34.41
N ARG D 264 -1.76 1.30 -34.40
CA ARG D 264 -0.91 0.37 -33.66
C ARG D 264 -1.15 0.41 -32.14
N LEU D 265 -1.49 1.59 -31.61
CA LEU D 265 -1.72 1.73 -30.16
C LEU D 265 -2.99 0.98 -29.78
N MET D 266 -4.04 1.17 -30.57
CA MET D 266 -5.33 0.51 -30.30
C MET D 266 -5.28 -1.02 -30.43
N LYS D 267 -4.44 -1.53 -31.33
CA LYS D 267 -4.26 -2.98 -31.48
C LYS D 267 -3.56 -3.51 -30.23
N HIS D 268 -2.47 -2.87 -29.81
CA HIS D 268 -1.80 -3.28 -28.57
C HIS D 268 -2.75 -3.25 -27.36
N LEU D 269 -3.62 -2.22 -27.27
CA LEU D 269 -4.59 -2.13 -26.15
C LEU D 269 -5.78 -3.09 -26.28
N GLY D 270 -5.87 -3.75 -27.43
CA GLY D 270 -6.96 -4.68 -27.69
C GLY D 270 -8.30 -3.98 -27.84
N LEU D 271 -8.30 -2.82 -28.48
CA LEU D 271 -9.49 -2.00 -28.67
C LEU D 271 -9.78 -1.81 -30.15
N GLU D 272 -11.07 -1.85 -30.52
CA GLU D 272 -11.49 -1.54 -31.90
C GLU D 272 -11.64 -0.02 -32.04
N ILE D 273 -11.39 0.46 -33.24
CA ILE D 273 -11.70 1.82 -33.61
C ILE D 273 -13.13 1.83 -34.15
N PRO D 274 -14.05 2.52 -33.47
CA PRO D 274 -15.50 2.50 -33.76
C PRO D 274 -15.84 3.24 -35.05
N ALA D 275 -17.00 2.90 -35.63
CA ALA D 275 -17.45 3.51 -36.87
C ALA D 275 -18.03 4.89 -36.65
N TRP D 276 -17.76 5.80 -37.57
CA TRP D 276 -18.39 7.10 -37.58
C TRP D 276 -19.51 7.08 -38.57
N ASP D 277 -20.72 7.28 -38.06
CA ASP D 277 -21.92 7.35 -38.87
C ASP D 277 -22.48 8.75 -38.86
N GLY D 278 -21.67 9.72 -39.29
CA GLY D 278 -22.16 11.05 -39.48
C GLY D 278 -22.00 11.93 -38.25
N PRO D 279 -22.11 13.25 -38.46
CA PRO D 279 -21.96 14.21 -37.38
C PRO D 279 -22.99 13.95 -36.27
N ARG D 280 -22.51 13.79 -35.05
CA ARG D 280 -23.34 13.55 -33.87
C ARG D 280 -22.69 14.34 -32.71
N VAL D 281 -23.51 15.03 -31.93
CA VAL D 281 -23.07 15.81 -30.76
C VAL D 281 -23.47 15.07 -29.48
N LEU D 282 -22.48 14.83 -28.61
CA LEU D 282 -22.67 14.27 -27.27
C LEU D 282 -22.18 15.31 -26.23
N GLU D 283 -23.09 15.74 -25.35
CA GLU D 283 -22.76 16.76 -24.35
C GLU D 283 -21.93 16.25 -23.19
N ARG D 284 -22.28 15.08 -22.68
CA ARG D 284 -21.69 14.56 -21.46
C ARG D 284 -21.20 13.13 -21.61
N ALA D 285 -20.05 12.83 -21.01
CA ALA D 285 -19.51 11.47 -21.05
C ALA D 285 -20.34 10.54 -20.19
N LEU D 286 -20.33 9.26 -20.54
CA LEU D 286 -20.92 8.24 -19.70
C LEU D 286 -19.87 7.56 -18.83
N PRO D 287 -20.34 6.73 -17.87
CA PRO D 287 -19.37 5.82 -17.23
C PRO D 287 -18.60 4.94 -18.25
N PRO D 288 -17.35 4.54 -17.91
CA PRO D 288 -16.55 3.74 -18.83
C PRO D 288 -17.17 2.39 -19.20
N LEU D 289 -17.03 2.06 -20.48
CA LEU D 289 -17.41 0.78 -21.03
C LEU D 289 -16.37 -0.25 -20.61
N PRO D 290 -16.77 -1.54 -20.61
CA PRO D 290 -15.80 -2.59 -20.23
C PRO D 290 -14.58 -2.56 -21.13
N ARG D 291 -13.42 -2.92 -20.60
CA ARG D 291 -12.25 -3.01 -21.46
C ARG D 291 -11.33 -4.17 -21.08
N PRO D 292 -10.40 -4.54 -21.98
CA PRO D 292 -9.56 -5.70 -21.70
C PRO D 292 -8.79 -5.55 -20.38
N PRO D 293 -8.51 -6.68 -19.69
CA PRO D 293 -7.63 -6.61 -18.52
C PRO D 293 -6.22 -6.23 -18.99
N THR D 294 -5.47 -5.68 -18.04
CA THR D 294 -4.14 -5.14 -18.23
C THR D 294 -3.08 -6.24 -18.22
N PRO D 295 -2.12 -6.19 -19.18
CA PRO D 295 -0.99 -7.12 -19.12
C PRO D 295 -0.09 -6.90 -17.90
N LYS D 296 0.80 -7.85 -17.65
CA LYS D 296 1.71 -7.83 -16.51
C LYS D 296 3.01 -7.16 -16.92
N LYS E 15 11.68 4.45 11.77
CA LYS E 15 12.00 4.73 13.20
C LYS E 15 10.80 4.68 14.18
N GLY E 16 9.59 4.50 13.64
CA GLY E 16 8.39 4.23 14.42
C GLY E 16 7.89 5.37 15.30
N LYS E 17 7.12 5.02 16.32
CA LYS E 17 6.51 5.99 17.21
C LYS E 17 7.45 6.29 18.39
N CYS E 18 7.89 7.54 18.47
CA CYS E 18 8.93 7.98 19.39
C CYS E 18 8.39 8.94 20.42
N GLY E 19 8.86 8.83 21.65
CA GLY E 19 8.53 9.79 22.69
C GLY E 19 7.11 9.79 23.20
N LEU E 20 6.44 8.64 23.15
CA LEU E 20 5.13 8.52 23.75
C LEU E 20 5.22 8.66 25.28
N PRO E 21 4.17 9.21 25.90
CA PRO E 21 4.25 9.43 27.37
C PRO E 21 4.40 8.10 28.14
N GLU E 22 5.02 8.17 29.30
CA GLU E 22 5.14 7.00 30.16
C GLU E 22 3.95 6.89 31.07
N ILE E 23 3.58 5.65 31.37
CA ILE E 23 2.47 5.33 32.26
C ILE E 23 3.07 4.50 33.40
N PHE E 24 2.54 4.71 34.61
CA PHE E 24 3.04 4.06 35.84
C PHE E 24 1.91 3.35 36.58
N ASP E 25 2.13 2.10 36.98
CA ASP E 25 1.27 1.50 37.97
C ASP E 25 1.55 2.10 39.36
N PRO E 26 0.50 2.49 40.10
CA PRO E 26 0.71 2.95 41.49
C PRO E 26 1.16 1.78 42.40
N PRO E 27 1.70 2.06 43.58
CA PRO E 27 2.26 1.05 44.45
C PRO E 27 1.45 -0.21 44.68
N GLU E 28 0.20 -0.08 45.04
CA GLU E 28 -0.61 -1.22 45.42
C GLU E 28 -0.98 -2.06 44.22
N GLU E 29 -1.27 -1.41 43.11
CA GLU E 29 -1.62 -2.06 41.86
C GLU E 29 -0.43 -2.74 41.22
N LEU E 30 0.73 -2.17 41.41
CA LEU E 30 1.97 -2.76 40.92
C LEU E 30 2.30 -4.07 41.65
N GLU E 31 2.07 -4.11 42.95
CA GLU E 31 2.37 -5.33 43.71
C GLU E 31 1.45 -6.50 43.35
N ARG E 32 0.17 -6.23 43.10
CA ARG E 32 -0.76 -7.28 42.66
C ARG E 32 -0.30 -7.92 41.33
N LYS E 33 0.22 -7.09 40.43
CA LYS E 33 0.64 -7.56 39.10
C LYS E 33 1.94 -8.34 39.15
N VAL E 34 2.87 -7.92 40.01
CA VAL E 34 4.12 -8.69 40.20
C VAL E 34 3.81 -10.04 40.89
N TRP E 35 2.85 -10.06 41.81
CA TRP E 35 2.32 -11.35 42.30
C TRP E 35 1.78 -12.23 41.18
N GLU E 36 0.99 -11.65 40.27
CA GLU E 36 0.47 -12.43 39.17
C GLU E 36 1.61 -12.91 38.24
N LEU E 37 2.64 -12.09 38.07
CA LEU E 37 3.77 -12.50 37.23
C LEU E 37 4.51 -13.70 37.85
N ALA E 38 4.72 -13.64 39.15
CA ALA E 38 5.28 -14.77 39.91
C ALA E 38 4.48 -16.05 39.73
N ARG E 39 3.14 -15.95 39.78
CA ARG E 39 2.23 -17.10 39.55
C ARG E 39 2.49 -17.68 38.18
N LEU E 40 2.46 -16.81 37.17
CA LEU E 40 2.70 -17.27 35.81
C LEU E 40 4.07 -17.93 35.70
N VAL E 41 5.08 -17.31 36.30
CA VAL E 41 6.45 -17.83 36.23
C VAL E 41 6.52 -19.23 36.88
N TRP E 42 5.90 -19.37 38.04
CA TRP E 42 5.85 -20.62 38.76
C TRP E 42 5.12 -21.74 38.02
N GLN E 43 4.09 -21.41 37.23
CA GLN E 43 3.24 -22.43 36.62
C GLN E 43 3.66 -22.85 35.22
N SER E 44 4.54 -22.07 34.61
CA SER E 44 4.96 -22.32 33.24
C SER E 44 6.14 -23.30 33.15
N SER E 45 6.09 -24.15 32.12
CA SER E 45 7.12 -25.15 31.85
C SER E 45 8.24 -24.60 30.93
N SER E 46 7.92 -23.64 30.06
CA SER E 46 8.92 -23.04 29.16
C SER E 46 8.75 -21.51 29.06
N VAL E 47 9.73 -20.78 29.59
CA VAL E 47 9.64 -19.31 29.78
C VAL E 47 10.72 -18.62 28.95
N VAL E 48 10.28 -17.69 28.10
CA VAL E 48 11.13 -17.01 27.17
C VAL E 48 11.04 -15.49 27.41
N PHE E 49 12.20 -14.88 27.63
CA PHE E 49 12.25 -13.47 27.94
C PHE E 49 12.73 -12.77 26.69
N HIS E 50 12.20 -11.58 26.46
CA HIS E 50 12.56 -10.78 25.29
C HIS E 50 12.96 -9.39 25.78
N THR E 51 14.22 -9.02 25.57
CA THR E 51 14.68 -7.74 26.12
C THR E 51 15.05 -6.68 25.08
N GLY E 52 14.82 -5.44 25.44
CA GLY E 52 15.14 -4.31 24.59
C GLY E 52 15.87 -3.28 25.43
N ALA E 53 16.10 -2.12 24.81
CA ALA E 53 16.98 -1.07 25.36
C ALA E 53 16.55 -0.52 26.73
N GLY E 54 15.26 -0.65 27.02
CA GLY E 54 14.71 -0.31 28.35
C GLY E 54 15.41 -0.92 29.56
N ILE E 55 15.99 -2.12 29.40
CA ILE E 55 16.67 -2.79 30.51
C ILE E 55 18.11 -2.29 30.79
N SER E 56 18.62 -1.35 29.98
CA SER E 56 19.97 -0.81 30.15
C SER E 56 20.00 0.70 30.41
N THR E 57 18.82 1.32 30.46
CA THR E 57 18.77 2.77 30.76
C THR E 57 19.25 3.03 32.21
N ALA E 58 18.95 2.08 33.11
CA ALA E 58 19.34 2.22 34.54
C ALA E 58 20.85 2.06 34.70
N SER E 59 21.53 1.69 33.62
CA SER E 59 22.98 1.65 33.60
C SER E 59 23.64 2.84 32.89
N GLY E 60 22.86 3.81 32.42
CA GLY E 60 23.42 5.01 31.76
C GLY E 60 23.39 4.97 30.23
N ILE E 61 22.82 3.90 29.67
CA ILE E 61 22.70 3.77 28.20
C ILE E 61 21.28 4.16 27.73
N PRO E 62 21.16 5.19 26.89
CA PRO E 62 19.84 5.66 26.47
C PRO E 62 19.13 4.65 25.56
N ASP E 63 17.80 4.62 25.59
CA ASP E 63 17.07 3.73 24.71
C ASP E 63 16.90 4.42 23.33
N PHE E 64 15.95 3.96 22.53
CA PHE E 64 15.72 4.55 21.22
C PHE E 64 14.48 5.43 21.16
N ARG E 65 13.41 5.01 21.81
CA ARG E 65 12.12 5.71 21.65
C ARG E 65 11.52 6.31 22.94
N GLY E 66 12.22 6.17 24.06
CA GLY E 66 11.81 6.83 25.32
C GLY E 66 11.84 8.35 25.23
N PRO E 67 11.39 9.06 26.30
CA PRO E 67 11.40 10.52 26.33
C PRO E 67 12.73 11.11 25.86
N HIS E 68 13.84 10.51 26.28
CA HIS E 68 15.18 10.95 25.88
C HIS E 68 15.95 9.93 25.03
N GLY E 69 15.21 9.06 24.34
CA GLY E 69 15.85 8.04 23.48
C GLY E 69 16.60 8.63 22.30
N VAL E 70 17.41 7.83 21.61
CA VAL E 70 18.24 8.30 20.48
C VAL E 70 17.39 8.95 19.37
N TRP E 71 16.34 8.24 18.92
CA TRP E 71 15.47 8.76 17.86
C TRP E 71 14.59 9.91 18.34
N THR E 72 14.11 9.83 19.58
CA THR E 72 13.32 10.93 20.13
C THR E 72 14.11 12.24 20.23
N MET E 73 15.34 12.18 20.72
CA MET E 73 16.21 13.34 20.78
C MET E 73 16.56 13.89 19.39
N GLU E 74 16.72 12.99 18.40
CA GLU E 74 16.96 13.37 17.02
C GLU E 74 15.84 14.24 16.46
N GLU E 75 14.59 13.95 16.85
CA GLU E 75 13.40 14.74 16.49
C GLU E 75 13.47 16.15 17.03
N ARG E 76 14.26 16.34 18.09
CA ARG E 76 14.41 17.64 18.73
C ARG E 76 15.76 18.27 18.40
N GLY E 77 16.50 17.62 17.51
CA GLY E 77 17.82 18.10 17.13
C GLY E 77 18.81 17.98 18.27
N LEU E 78 18.59 17.02 19.15
CA LEU E 78 19.54 16.74 20.22
C LEU E 78 20.23 15.40 20.06
N ALA E 79 21.45 15.30 20.57
CA ALA E 79 22.13 14.02 20.61
C ALA E 79 21.68 13.23 21.85
N PRO E 80 21.84 11.90 21.82
CA PRO E 80 21.59 11.08 23.01
C PRO E 80 22.66 11.30 24.06
N LYS E 81 22.31 11.10 25.33
CA LYS E 81 23.31 11.17 26.39
C LYS E 81 23.64 9.77 26.94
N PHE E 82 24.94 9.48 27.04
CA PHE E 82 25.44 8.25 27.68
C PHE E 82 26.01 8.68 29.03
N ASP E 83 25.68 7.94 30.10
CA ASP E 83 26.27 8.22 31.44
C ASP E 83 27.37 7.22 31.74
N THR E 84 27.77 6.52 30.68
CA THR E 84 28.76 5.46 30.74
C THR E 84 29.33 5.21 29.34
N THR E 85 30.53 4.64 29.25
CA THR E 85 30.97 3.98 27.99
C THR E 85 30.37 2.58 27.95
N PHE E 86 30.43 1.92 26.79
CA PHE E 86 29.93 0.58 26.76
C PHE E 86 30.77 -0.32 27.66
N GLU E 87 32.05 -0.01 27.76
CA GLU E 87 33.01 -0.78 28.52
C GLU E 87 32.83 -0.67 30.03
N SER E 88 32.51 0.54 30.52
CA SER E 88 32.36 0.75 31.95
C SER E 88 30.92 0.51 32.46
N ALA E 89 30.03 0.11 31.54
CA ALA E 89 28.58 -0.07 31.83
C ALA E 89 28.43 -1.33 32.69
N ARG E 90 27.70 -1.26 33.80
CA ARG E 90 27.50 -2.48 34.57
C ARG E 90 26.11 -3.05 34.34
N PRO E 91 26.02 -4.39 34.25
CA PRO E 91 24.70 -5.01 34.16
C PRO E 91 23.77 -4.50 35.25
N THR E 92 22.51 -4.22 34.90
CA THR E 92 21.51 -3.79 35.88
C THR E 92 21.05 -4.93 36.78
N GLN E 93 20.32 -4.57 37.84
CA GLN E 93 19.61 -5.55 38.66
C GLN E 93 18.79 -6.52 37.77
N THR E 94 18.22 -5.99 36.69
CA THR E 94 17.40 -6.80 35.78
C THR E 94 18.22 -7.80 34.99
N HIS E 95 19.39 -7.36 34.49
CA HIS E 95 20.29 -8.23 33.78
C HIS E 95 20.70 -9.40 34.68
N MET E 96 20.99 -9.11 35.95
CA MET E 96 21.44 -10.15 36.90
C MET E 96 20.31 -10.97 37.42
N ALA E 97 19.09 -10.42 37.43
CA ALA E 97 17.94 -11.24 37.80
C ALA E 97 17.75 -12.36 36.76
N LEU E 98 17.91 -11.99 35.49
CA LEU E 98 17.81 -12.94 34.35
C LEU E 98 18.87 -14.04 34.40
N VAL E 99 20.11 -13.69 34.79
CA VAL E 99 21.15 -14.67 35.07
C VAL E 99 20.62 -15.72 36.05
N GLN E 100 20.13 -15.25 37.21
CA GLN E 100 19.62 -16.15 38.26
C GLN E 100 18.40 -16.98 37.90
N LEU E 101 17.45 -16.37 37.19
CA LEU E 101 16.28 -17.09 36.73
C LEU E 101 16.69 -18.22 35.80
N GLU E 102 17.70 -17.98 34.96
CA GLU E 102 18.24 -19.04 34.12
C GLU E 102 18.94 -20.10 34.97
N ARG E 103 19.77 -19.69 35.93
CA ARG E 103 20.47 -20.67 36.79
C ARG E 103 19.53 -21.66 37.54
N VAL E 104 18.41 -21.16 38.03
CA VAL E 104 17.51 -22.01 38.84
C VAL E 104 16.40 -22.70 38.05
N GLY E 105 16.49 -22.66 36.72
CA GLY E 105 15.56 -23.37 35.82
C GLY E 105 14.26 -22.64 35.45
N LEU E 106 14.18 -21.32 35.66
CA LEU E 106 12.93 -20.58 35.40
C LEU E 106 13.00 -19.70 34.14
N LEU E 107 14.02 -19.93 33.32
CA LEU E 107 14.12 -19.25 32.04
C LEU E 107 14.70 -20.26 31.08
N ARG E 108 13.96 -20.55 30.00
CA ARG E 108 14.41 -21.45 28.93
C ARG E 108 15.29 -20.74 27.91
N PHE E 109 14.90 -19.52 27.53
CA PHE E 109 15.63 -18.78 26.48
C PHE E 109 15.45 -17.27 26.64
N LEU E 110 16.46 -16.53 26.21
CA LEU E 110 16.45 -15.07 26.22
C LEU E 110 16.69 -14.55 24.82
N VAL E 111 15.77 -13.73 24.34
CA VAL E 111 15.90 -13.09 23.05
C VAL E 111 16.11 -11.60 23.23
N SER E 112 17.26 -11.09 22.78
CA SER E 112 17.55 -9.66 22.95
C SER E 112 17.83 -8.91 21.64
N GLN E 113 17.30 -7.68 21.59
CA GLN E 113 17.53 -6.78 20.48
C GLN E 113 18.70 -5.84 20.77
N ASN E 114 19.26 -5.95 21.98
CA ASN E 114 20.29 -5.05 22.44
C ASN E 114 21.66 -5.39 21.92
N VAL E 115 22.39 -4.35 21.55
CA VAL E 115 23.77 -4.48 21.13
C VAL E 115 24.79 -4.09 22.23
N ASP E 116 24.31 -3.58 23.37
CA ASP E 116 25.19 -3.15 24.46
C ASP E 116 26.18 -4.21 25.04
N GLY E 117 26.01 -5.48 24.70
CA GLY E 117 26.87 -6.55 25.17
C GLY E 117 26.69 -6.97 26.63
N LEU E 118 25.63 -6.49 27.26
CA LEU E 118 25.48 -6.64 28.71
C LEU E 118 24.97 -8.01 29.13
N HIS E 119 24.10 -8.63 28.31
CA HIS E 119 23.68 -10.00 28.63
C HIS E 119 24.85 -10.94 28.71
N VAL E 120 25.73 -10.88 27.68
CA VAL E 120 26.98 -11.66 27.65
C VAL E 120 27.88 -11.30 28.82
N ARG E 121 28.16 -10.04 29.02
CA ARG E 121 29.13 -9.66 30.07
C ARG E 121 28.65 -9.99 31.49
N SER E 122 27.33 -10.12 31.65
CA SER E 122 26.68 -10.46 32.92
C SER E 122 26.94 -11.92 33.35
N GLY E 123 27.36 -12.74 32.39
CA GLY E 123 27.59 -14.18 32.62
C GLY E 123 26.45 -15.08 32.20
N PHE E 124 25.48 -14.55 31.44
CA PHE E 124 24.33 -15.32 30.94
C PHE E 124 24.81 -16.32 29.86
N PRO E 125 24.33 -17.58 29.93
CA PRO E 125 24.86 -18.54 28.95
C PRO E 125 24.48 -18.26 27.49
N ARG E 126 25.50 -18.15 26.64
CA ARG E 126 25.30 -17.80 25.22
C ARG E 126 24.44 -18.81 24.46
N ASP E 127 24.40 -20.04 24.93
CA ASP E 127 23.67 -21.08 24.23
C ASP E 127 22.16 -20.99 24.54
N LYS E 128 21.80 -20.07 25.43
CA LYS E 128 20.39 -19.74 25.69
C LYS E 128 20.07 -18.28 25.38
N LEU E 129 20.92 -17.67 24.57
CA LEU E 129 20.78 -16.25 24.24
C LEU E 129 20.79 -16.07 22.74
N ALA E 130 19.82 -15.31 22.20
CA ALA E 130 19.80 -14.90 20.81
C ALA E 130 20.02 -13.38 20.72
N GLU E 131 21.15 -12.96 20.12
CA GLU E 131 21.48 -11.55 20.01
C GLU E 131 21.13 -11.04 18.61
N LEU E 132 19.85 -10.68 18.46
CA LEU E 132 19.24 -10.39 17.17
C LEU E 132 19.88 -9.27 16.37
N HIS E 133 20.35 -8.25 17.07
CA HIS E 133 20.79 -7.05 16.37
C HIS E 133 22.29 -6.92 16.41
N GLY E 134 22.95 -7.89 17.04
CA GLY E 134 24.42 -7.98 17.11
C GLY E 134 24.85 -7.64 18.54
N ASN E 135 26.17 -7.54 18.73
CA ASN E 135 26.80 -7.27 20.02
C ASN E 135 28.01 -6.37 19.74
N MET E 136 28.05 -5.17 20.34
CA MET E 136 29.18 -4.20 20.19
C MET E 136 30.56 -4.84 20.38
N PHE E 137 30.65 -5.87 21.22
CA PHE E 137 31.93 -6.40 21.66
C PHE E 137 32.29 -7.64 20.86
N VAL E 138 31.41 -8.08 19.97
CA VAL E 138 31.65 -9.32 19.26
C VAL E 138 32.01 -9.07 17.78
N GLU E 139 33.14 -9.64 17.33
CA GLU E 139 33.45 -9.64 15.91
C GLU E 139 33.44 -11.09 15.41
N GLU E 140 33.36 -11.24 14.09
CA GLU E 140 33.22 -12.56 13.48
C GLU E 140 34.03 -12.66 12.17
N CYS E 141 34.69 -13.81 11.98
CA CYS E 141 35.52 -14.03 10.81
C CYS E 141 34.66 -14.19 9.57
N ALA E 142 34.98 -13.39 8.56
CA ALA E 142 34.31 -13.44 7.25
C ALA E 142 34.40 -14.81 6.58
N LYS E 143 35.45 -15.59 6.89
CA LYS E 143 35.70 -16.90 6.26
C LYS E 143 35.19 -18.15 7.04
N CYS E 144 35.66 -18.36 8.27
CA CYS E 144 35.24 -19.53 9.05
C CYS E 144 34.09 -19.24 10.02
N LYS E 145 33.78 -17.97 10.18
CA LYS E 145 32.67 -17.49 10.99
C LYS E 145 32.80 -17.72 12.49
N THR E 146 33.98 -17.99 13.00
CA THR E 146 34.22 -17.99 14.46
C THR E 146 34.04 -16.60 15.04
N GLN E 147 33.43 -16.55 16.21
CA GLN E 147 33.20 -15.30 16.96
C GLN E 147 34.19 -15.07 18.08
N TYR E 148 34.50 -13.79 18.32
CA TYR E 148 35.45 -13.35 19.31
C TYR E 148 34.81 -12.30 20.25
N VAL E 149 34.63 -12.68 21.52
CA VAL E 149 33.98 -11.81 22.52
C VAL E 149 35.07 -10.99 23.17
N ARG E 150 35.21 -9.76 22.67
CA ARG E 150 36.31 -8.88 23.08
C ARG E 150 35.96 -8.16 24.36
N ASP E 151 36.97 -7.61 25.00
CA ASP E 151 36.80 -6.84 26.23
C ASP E 151 36.53 -5.35 25.96
N THR E 152 36.52 -4.99 24.68
CA THR E 152 36.30 -3.63 24.23
C THR E 152 35.40 -3.70 23.02
N VAL E 153 34.66 -2.62 22.73
CA VAL E 153 33.82 -2.57 21.55
C VAL E 153 34.71 -2.74 20.32
N VAL E 154 34.20 -3.44 19.33
CA VAL E 154 34.99 -3.85 18.18
C VAL E 154 35.64 -2.67 17.39
N GLY E 155 34.84 -1.64 17.13
CA GLY E 155 35.34 -0.38 16.58
C GLY E 155 34.66 0.05 15.30
N THR E 156 34.01 -0.90 14.62
CA THR E 156 33.20 -0.62 13.46
C THR E 156 31.75 -1.04 13.70
N MET E 157 30.84 -0.51 12.86
CA MET E 157 29.44 -0.93 12.89
C MET E 157 29.03 -1.14 11.46
N GLY E 158 28.07 -2.02 11.23
CA GLY E 158 27.57 -2.25 9.88
C GLY E 158 28.20 -3.42 9.16
N LEU E 159 28.67 -4.41 9.92
CA LEU E 159 29.33 -5.63 9.41
C LEU E 159 30.57 -5.34 8.55
N LYS E 160 31.31 -4.33 9.01
CA LYS E 160 32.56 -3.86 8.40
C LYS E 160 33.78 -4.59 8.96
N ALA E 161 34.85 -4.67 8.15
CA ALA E 161 36.11 -5.23 8.59
C ALA E 161 36.70 -4.41 9.73
N THR E 162 37.13 -5.07 10.79
CA THR E 162 37.64 -4.38 11.97
C THR E 162 39.14 -4.08 11.90
N GLY E 163 39.84 -4.82 11.03
CA GLY E 163 41.31 -4.68 10.89
C GLY E 163 42.09 -5.81 11.56
N ARG E 164 41.39 -6.58 12.40
CA ARG E 164 41.91 -7.80 13.01
C ARG E 164 41.66 -9.01 12.12
N LEU E 165 42.54 -9.98 12.21
CA LEU E 165 42.42 -11.21 11.45
C LEU E 165 42.17 -12.38 12.37
N CYS E 166 41.53 -13.40 11.81
CA CYS E 166 41.22 -14.62 12.51
C CYS E 166 42.47 -15.39 12.99
N THR E 167 42.32 -16.12 14.06
CA THR E 167 43.38 -16.82 14.71
C THR E 167 43.14 -18.29 14.78
N VAL E 168 41.95 -18.75 14.54
CA VAL E 168 41.61 -20.11 14.86
C VAL E 168 41.97 -21.07 13.81
N ALA E 176 47.21 -20.33 10.02
CA ALA E 176 45.91 -19.98 10.59
C ALA E 176 44.95 -19.34 9.59
N CYS E 177 43.68 -19.33 9.93
CA CYS E 177 42.64 -18.92 9.03
C CYS E 177 42.90 -17.65 8.27
N ARG E 178 43.43 -16.64 8.97
CA ARG E 178 43.76 -15.31 8.42
C ARG E 178 42.55 -14.52 7.88
N GLY E 179 41.34 -15.06 8.03
CA GLY E 179 40.15 -14.37 7.55
C GLY E 179 39.91 -13.00 8.20
N GLU E 180 39.41 -12.06 7.41
CA GLU E 180 39.08 -10.71 7.87
C GLU E 180 38.00 -10.74 8.97
N LEU E 181 38.27 -10.17 10.15
CA LEU E 181 37.21 -10.08 11.17
C LEU E 181 36.32 -8.85 10.97
N ARG E 182 35.00 -9.05 11.14
CA ARG E 182 34.01 -7.97 10.97
C ARG E 182 33.07 -7.86 12.17
N ASP E 183 32.48 -6.69 12.36
CA ASP E 183 31.53 -6.47 13.46
C ASP E 183 30.27 -7.28 13.25
N THR E 184 29.45 -7.37 14.29
CA THR E 184 28.17 -8.07 14.12
C THR E 184 26.97 -7.09 14.19
N ILE E 185 27.26 -5.79 14.13
CA ILE E 185 26.21 -4.78 14.24
C ILE E 185 25.47 -4.53 12.91
N LEU E 186 24.25 -5.06 12.80
CA LEU E 186 23.38 -4.77 11.67
C LEU E 186 23.10 -3.29 11.43
N ASP E 187 23.21 -2.87 10.17
CA ASP E 187 22.69 -1.59 9.68
C ASP E 187 21.21 -1.80 9.27
N TRP E 188 20.55 -0.71 8.89
CA TRP E 188 19.12 -0.76 8.51
C TRP E 188 18.82 -1.83 7.48
N GLU E 189 19.69 -1.95 6.50
CA GLU E 189 19.46 -2.86 5.37
C GLU E 189 19.69 -4.33 5.70
N ASP E 190 20.43 -4.61 6.76
CA ASP E 190 20.94 -5.96 7.01
C ASP E 190 19.88 -6.97 7.48
N SER E 191 19.98 -8.18 6.96
CA SER E 191 19.15 -9.30 7.43
C SER E 191 19.63 -9.76 8.81
N LEU E 192 18.71 -10.23 9.64
CA LEU E 192 19.03 -10.76 10.96
C LEU E 192 19.91 -12.00 10.83
N PRO E 193 20.84 -12.21 11.79
CA PRO E 193 21.65 -13.43 11.77
C PRO E 193 20.76 -14.67 11.72
N ASP E 194 20.99 -15.54 10.73
CA ASP E 194 20.10 -16.68 10.46
C ASP E 194 19.99 -17.63 11.65
N ARG E 195 21.14 -17.93 12.27
CA ARG E 195 21.18 -18.88 13.39
C ARG E 195 20.40 -18.39 14.62
N ASP E 196 20.74 -17.20 15.11
CA ASP E 196 20.04 -16.61 16.26
C ASP E 196 18.52 -16.53 16.06
N LEU E 197 18.10 -16.08 14.89
CA LEU E 197 16.67 -15.91 14.61
C LEU E 197 15.91 -17.22 14.65
N ALA E 198 16.49 -18.26 14.06
CA ALA E 198 15.90 -19.59 14.07
C ALA E 198 15.71 -20.08 15.49
N LEU E 199 16.74 -19.91 16.31
CA LEU E 199 16.66 -20.34 17.71
C LEU E 199 15.58 -19.57 18.46
N ALA E 200 15.55 -18.26 18.26
CA ALA E 200 14.58 -17.38 18.94
C ALA E 200 13.16 -17.76 18.56
N ASP E 201 12.95 -18.00 17.26
CA ASP E 201 11.64 -18.33 16.73
C ASP E 201 11.17 -19.68 17.29
N GLU E 202 12.07 -20.66 17.31
CA GLU E 202 11.79 -21.99 17.88
C GLU E 202 11.42 -21.85 19.36
N ALA E 203 12.24 -21.13 20.15
CA ALA E 203 11.95 -20.98 21.57
C ALA E 203 10.64 -20.23 21.81
N SER E 204 10.34 -19.23 20.97
CA SER E 204 9.13 -18.42 21.16
C SER E 204 7.87 -19.23 20.86
N ARG E 205 7.91 -20.01 19.79
CA ARG E 205 6.83 -20.94 19.45
C ARG E 205 6.57 -21.99 20.52
N ASN E 206 7.64 -22.51 21.13
CA ASN E 206 7.52 -23.59 22.12
C ASN E 206 7.29 -23.12 23.55
N ALA E 207 7.45 -21.82 23.79
CA ALA E 207 7.17 -21.23 25.11
C ALA E 207 5.69 -21.33 25.44
N ASP E 208 5.38 -21.48 26.73
CA ASP E 208 4.03 -21.26 27.23
C ASP E 208 3.92 -19.93 27.99
N LEU E 209 5.05 -19.24 28.15
CA LEU E 209 5.07 -17.87 28.70
C LEU E 209 6.17 -17.05 28.06
N SER E 210 5.78 -15.93 27.45
CA SER E 210 6.76 -14.99 26.93
C SER E 210 6.63 -13.70 27.75
N ILE E 211 7.76 -13.15 28.19
CA ILE E 211 7.78 -11.91 29.01
C ILE E 211 8.69 -10.94 28.26
N THR E 212 8.12 -9.81 27.84
CA THR E 212 8.92 -8.78 27.20
C THR E 212 9.30 -7.75 28.27
N LEU E 213 10.54 -7.28 28.21
CA LEU E 213 11.07 -6.34 29.24
C LEU E 213 11.76 -5.17 28.56
N GLY E 214 11.30 -3.95 28.82
CA GLY E 214 11.92 -2.76 28.25
C GLY E 214 12.09 -2.72 26.72
N THR E 215 11.11 -3.26 25.99
CA THR E 215 11.04 -3.11 24.51
C THR E 215 9.67 -2.55 24.09
N SER E 216 9.66 -1.60 23.16
CA SER E 216 8.38 -1.06 22.61
C SER E 216 7.81 -1.98 21.50
N LEU E 217 8.58 -3.01 21.15
CA LEU E 217 8.14 -4.05 20.19
C LEU E 217 7.80 -3.54 18.77
N GLN E 218 8.47 -2.49 18.34
CA GLN E 218 8.13 -1.87 17.07
C GLN E 218 8.89 -2.38 15.84
N ILE E 219 9.92 -3.18 16.04
CA ILE E 219 10.80 -3.60 14.95
C ILE E 219 10.62 -5.10 14.66
N ARG E 220 10.27 -5.39 13.41
CA ARG E 220 10.07 -6.79 12.98
C ARG E 220 11.39 -7.37 12.44
N PRO E 221 11.59 -8.70 12.57
CA PRO E 221 10.64 -9.63 13.16
C PRO E 221 10.79 -9.74 14.66
N SER E 222 11.87 -9.19 15.23
CA SER E 222 12.19 -9.30 16.66
C SER E 222 10.98 -9.06 17.54
N GLY E 223 10.28 -7.97 17.27
CA GLY E 223 9.15 -7.53 18.08
C GLY E 223 7.89 -8.36 17.89
N ASN E 224 7.86 -9.18 16.84
CA ASN E 224 6.73 -10.08 16.63
C ASN E 224 6.95 -11.45 17.31
N LEU E 225 8.19 -11.78 17.63
CA LEU E 225 8.49 -13.05 18.27
C LEU E 225 7.64 -13.38 19.51
N PRO E 226 7.36 -12.38 20.40
CA PRO E 226 6.54 -12.76 21.55
C PRO E 226 5.11 -13.21 21.19
N LEU E 227 4.64 -12.82 20.01
CA LEU E 227 3.27 -13.18 19.58
C LEU E 227 3.20 -14.63 19.17
N ALA E 228 4.34 -15.16 18.71
CA ALA E 228 4.45 -16.58 18.35
C ALA E 228 4.03 -17.45 19.53
N THR E 229 4.39 -17.03 20.73
CA THR E 229 4.03 -17.71 21.97
C THR E 229 2.50 -17.71 22.15
N LYS E 230 1.86 -16.63 21.74
CA LYS E 230 0.43 -16.40 21.94
C LYS E 230 -0.43 -17.15 20.88
N ARG E 231 -0.03 -17.11 19.62
CA ARG E 231 -0.70 -17.90 18.57
C ARG E 231 -0.73 -19.40 18.93
N ARG E 232 0.38 -19.90 19.47
CA ARG E 232 0.52 -21.32 19.84
C ARG E 232 -0.21 -21.76 21.12
N GLY E 233 -0.85 -20.84 21.83
CA GLY E 233 -1.53 -21.17 23.10
C GLY E 233 -0.97 -20.55 24.39
N GLY E 234 0.29 -20.10 24.37
CA GLY E 234 0.95 -19.59 25.61
C GLY E 234 0.43 -18.25 26.13
N ARG E 235 1.00 -17.77 27.24
CA ARG E 235 0.71 -16.43 27.75
C ARG E 235 1.78 -15.37 27.38
N LEU E 236 1.38 -14.10 27.39
CA LEU E 236 2.29 -12.98 27.08
C LEU E 236 2.23 -11.96 28.22
N VAL E 237 3.41 -11.61 28.75
CA VAL E 237 3.53 -10.51 29.71
C VAL E 237 4.38 -9.43 29.06
N ILE E 238 3.89 -8.19 29.13
CA ILE E 238 4.65 -7.04 28.63
C ILE E 238 4.96 -6.13 29.81
N VAL E 239 6.25 -5.85 30.02
CA VAL E 239 6.70 -4.88 31.03
C VAL E 239 7.42 -3.69 30.34
N ASN E 240 6.83 -2.50 30.44
CA ASN E 240 7.36 -1.34 29.71
C ASN E 240 6.77 -0.05 30.26
N LEU E 241 7.61 0.98 30.37
CA LEU E 241 7.08 2.29 30.80
C LEU E 241 6.16 2.91 29.73
N GLN E 242 6.64 2.95 28.49
CA GLN E 242 5.79 3.42 27.40
C GLN E 242 4.81 2.36 26.98
N PRO E 243 3.75 2.76 26.24
CA PRO E 243 3.00 1.76 25.47
C PRO E 243 3.93 0.97 24.55
N THR E 244 3.50 -0.23 24.14
CA THR E 244 4.20 -1.00 23.13
C THR E 244 3.21 -1.35 22.01
N LYS E 245 3.75 -1.71 20.85
CA LYS E 245 2.97 -2.11 19.68
C LYS E 245 1.96 -3.21 19.97
N HIS E 246 2.32 -4.14 20.84
CA HIS E 246 1.49 -5.31 21.05
C HIS E 246 0.70 -5.32 22.32
N ASP E 247 0.46 -4.15 22.92
CA ASP E 247 -0.27 -4.06 24.18
C ASP E 247 -1.58 -4.81 24.19
N ARG E 248 -2.37 -4.68 23.11
CA ARG E 248 -3.64 -5.42 22.92
C ARG E 248 -3.56 -6.96 23.10
N HIS E 249 -2.37 -7.54 22.86
CA HIS E 249 -2.22 -9.00 22.95
C HIS E 249 -1.76 -9.55 24.32
N ALA E 250 -1.35 -8.67 25.23
CA ALA E 250 -0.85 -9.07 26.55
C ALA E 250 -1.94 -9.66 27.43
N ASP E 251 -1.57 -10.74 28.11
CA ASP E 251 -2.41 -11.29 29.17
C ASP E 251 -2.19 -10.52 30.45
N LEU E 252 -1.00 -9.93 30.59
CA LEU E 252 -0.61 -9.16 31.77
C LEU E 252 0.30 -8.02 31.37
N ARG E 253 -0.08 -6.83 31.78
CA ARG E 253 0.58 -5.65 31.31
C ARG E 253 0.98 -4.84 32.52
N ILE E 254 2.28 -4.59 32.63
CA ILE E 254 2.84 -3.86 33.78
C ILE E 254 3.51 -2.58 33.31
N HIS E 255 3.20 -1.48 33.96
CA HIS E 255 3.81 -0.20 33.63
C HIS E 255 4.69 0.24 34.78
N GLY E 256 5.97 -0.04 34.68
CA GLY E 256 6.86 0.18 35.83
C GLY E 256 8.30 0.10 35.37
N TYR E 257 9.20 0.54 36.25
CA TYR E 257 10.63 0.38 36.00
C TYR E 257 10.97 -1.11 36.10
N VAL E 258 11.74 -1.59 35.14
CA VAL E 258 11.97 -3.01 35.07
C VAL E 258 12.77 -3.55 36.26
N ASP E 259 13.73 -2.76 36.77
CA ASP E 259 14.52 -3.12 37.95
C ASP E 259 13.58 -3.30 39.15
N GLU E 260 12.65 -2.38 39.34
CA GLU E 260 11.68 -2.50 40.42
C GLU E 260 10.74 -3.71 40.28
N VAL E 261 10.23 -3.93 39.06
CA VAL E 261 9.43 -5.10 38.77
C VAL E 261 10.26 -6.36 39.06
N MET E 262 11.51 -6.40 38.61
CA MET E 262 12.31 -7.64 38.67
C MET E 262 12.82 -7.90 40.09
N THR E 263 13.10 -6.83 40.83
CA THR E 263 13.49 -6.93 42.25
C THR E 263 12.35 -7.53 43.09
N ARG E 264 11.12 -7.04 42.90
CA ARG E 264 9.93 -7.57 43.59
C ARG E 264 9.66 -9.00 43.17
N LEU E 265 9.80 -9.27 41.86
CA LEU E 265 9.55 -10.62 41.38
C LEU E 265 10.50 -11.61 42.04
N MET E 266 11.79 -11.32 42.05
CA MET E 266 12.78 -12.18 42.71
C MET E 266 12.51 -12.35 44.21
N LYS E 267 12.16 -11.29 44.90
CA LYS E 267 11.71 -11.42 46.26
C LYS E 267 10.56 -12.42 46.44
N HIS E 268 9.53 -12.30 45.62
CA HIS E 268 8.43 -13.25 45.65
C HIS E 268 8.85 -14.69 45.39
N LEU E 269 9.79 -14.88 44.46
CA LEU E 269 10.24 -16.24 44.13
C LEU E 269 11.25 -16.76 45.14
N GLY E 270 11.57 -15.91 46.13
CA GLY E 270 12.57 -16.18 47.16
C GLY E 270 13.96 -16.38 46.61
N LEU E 271 14.29 -15.70 45.51
CA LEU E 271 15.65 -15.75 44.95
C LEU E 271 16.41 -14.46 45.20
N GLU E 272 17.71 -14.59 45.38
CA GLU E 272 18.62 -13.47 45.48
C GLU E 272 19.12 -13.10 44.08
N ILE E 273 19.45 -11.83 43.91
CA ILE E 273 20.09 -11.37 42.68
C ILE E 273 21.61 -11.51 42.82
N PRO E 274 22.28 -12.27 41.89
CA PRO E 274 23.72 -12.48 42.11
C PRO E 274 24.58 -11.25 41.88
N ALA E 275 25.72 -11.23 42.55
CA ALA E 275 26.71 -10.18 42.40
C ALA E 275 27.36 -10.23 41.03
N TRP E 276 27.61 -9.07 40.45
CA TRP E 276 28.39 -9.05 39.22
C TRP E 276 29.83 -8.68 39.52
N ASP E 277 30.73 -9.61 39.22
CA ASP E 277 32.15 -9.44 39.51
C ASP E 277 32.96 -9.21 38.23
N GLY E 278 32.54 -8.23 37.42
CA GLY E 278 33.26 -7.90 36.19
C GLY E 278 32.84 -8.78 35.01
N PRO E 279 33.22 -8.38 33.77
CA PRO E 279 32.66 -9.16 32.63
C PRO E 279 33.15 -10.58 32.60
N ARG E 280 32.20 -11.50 32.39
CA ARG E 280 32.47 -12.92 32.33
C ARG E 280 31.67 -13.57 31.19
N VAL E 281 32.34 -14.31 30.32
CA VAL E 281 31.69 -15.00 29.19
C VAL E 281 31.46 -16.47 29.53
N LEU E 282 30.20 -16.90 29.54
CA LEU E 282 29.85 -18.26 29.78
C LEU E 282 29.28 -18.75 28.45
N GLU E 283 29.88 -19.76 27.85
CA GLU E 283 29.37 -20.29 26.56
C GLU E 283 28.14 -21.17 26.72
N ARG E 284 28.12 -21.98 27.79
CA ARG E 284 27.06 -22.99 27.94
C ARG E 284 26.32 -23.06 29.27
N ALA E 285 25.01 -23.25 29.18
CA ALA E 285 24.16 -23.31 30.36
C ALA E 285 24.40 -24.61 31.13
N LEU E 286 24.26 -24.55 32.46
CA LEU E 286 24.38 -25.73 33.34
C LEU E 286 23.01 -26.26 33.76
N PRO E 287 22.95 -27.45 34.39
CA PRO E 287 21.63 -27.89 34.89
C PRO E 287 21.13 -26.98 35.99
N PRO E 288 19.81 -26.98 36.25
CA PRO E 288 19.19 -26.09 37.23
C PRO E 288 19.78 -26.21 38.63
N LEU E 289 20.12 -25.06 39.23
CA LEU E 289 20.43 -25.00 40.67
C LEU E 289 19.13 -25.18 41.45
N PRO E 290 19.23 -25.52 42.75
CA PRO E 290 18.01 -25.62 43.54
C PRO E 290 17.30 -24.28 43.75
N ARG E 291 15.98 -24.31 43.87
CA ARG E 291 15.19 -23.09 44.09
C ARG E 291 14.11 -23.36 45.15
N PRO E 292 13.60 -22.31 45.80
CA PRO E 292 12.59 -22.55 46.83
C PRO E 292 11.36 -23.27 46.26
N PRO E 293 10.68 -24.08 47.10
CA PRO E 293 9.46 -24.74 46.60
C PRO E 293 8.37 -23.72 46.26
N THR E 294 7.44 -24.13 45.41
CA THR E 294 6.33 -23.30 44.89
C THR E 294 5.19 -23.14 45.92
N PRO E 295 4.58 -21.93 46.00
CA PRO E 295 3.41 -21.77 46.88
C PRO E 295 2.18 -22.48 46.30
N LYS E 296 1.14 -22.67 47.11
CA LYS E 296 -0.15 -23.23 46.67
C LYS E 296 -0.98 -22.18 45.94
N LEU E 297 -1.13 -22.32 44.62
CA LEU E 297 -1.65 -21.19 43.85
C LEU E 297 -3.13 -21.32 43.47
N ASP F 14 9.38 -21.88 -7.49
CA ASP F 14 9.90 -20.86 -8.48
C ASP F 14 11.13 -21.39 -9.25
N LYS F 15 10.88 -21.80 -10.48
CA LYS F 15 11.93 -22.42 -11.31
C LYS F 15 12.55 -21.46 -12.32
N GLY F 16 12.09 -20.21 -12.30
CA GLY F 16 12.67 -19.14 -13.11
C GLY F 16 12.36 -19.23 -14.58
N LYS F 17 13.06 -18.43 -15.38
CA LYS F 17 12.86 -18.42 -16.83
C LYS F 17 13.50 -19.66 -17.46
N CYS F 18 12.67 -20.49 -18.07
CA CYS F 18 13.14 -21.74 -18.68
C CYS F 18 12.98 -21.71 -20.20
N GLY F 19 13.99 -22.24 -20.90
CA GLY F 19 13.91 -22.41 -22.33
C GLY F 19 13.93 -21.14 -23.14
N LEU F 20 14.63 -20.10 -22.65
CA LEU F 20 14.87 -18.95 -23.50
C LEU F 20 15.60 -19.43 -24.77
N PRO F 21 15.34 -18.77 -25.90
CA PRO F 21 16.09 -19.09 -27.12
C PRO F 21 17.60 -18.91 -26.90
N GLU F 22 18.40 -19.68 -27.63
CA GLU F 22 19.84 -19.63 -27.47
C GLU F 22 20.39 -18.61 -28.43
N ILE F 23 21.52 -18.03 -28.05
CA ILE F 23 22.20 -17.03 -28.88
C ILE F 23 23.56 -17.55 -29.35
N PHE F 24 23.86 -17.37 -30.64
CA PHE F 24 25.15 -17.75 -31.17
C PHE F 24 25.87 -16.56 -31.80
N ASP F 25 26.97 -16.14 -31.19
CA ASP F 25 27.86 -15.15 -31.81
C ASP F 25 28.46 -15.79 -33.06
N PRO F 26 28.48 -15.03 -34.20
CA PRO F 26 29.11 -15.59 -35.41
C PRO F 26 30.63 -15.63 -35.26
N PRO F 27 31.32 -16.46 -36.08
CA PRO F 27 32.76 -16.73 -35.96
C PRO F 27 33.64 -15.51 -35.67
N GLU F 28 33.52 -14.48 -36.48
CA GLU F 28 34.35 -13.32 -36.29
C GLU F 28 34.16 -12.73 -34.92
N GLU F 29 32.92 -12.48 -34.57
CA GLU F 29 32.60 -11.88 -33.27
C GLU F 29 33.09 -12.75 -32.12
N LEU F 30 32.88 -14.05 -32.24
CA LEU F 30 33.27 -15.02 -31.23
C LEU F 30 34.78 -15.02 -31.04
N GLU F 31 35.51 -15.06 -32.17
CA GLU F 31 36.96 -14.94 -32.16
C GLU F 31 37.44 -13.62 -31.51
N ARG F 32 36.79 -12.51 -31.84
CA ARG F 32 37.10 -11.22 -31.21
C ARG F 32 36.88 -11.20 -29.70
N LYS F 33 35.81 -11.84 -29.25
CA LYS F 33 35.44 -11.82 -27.82
C LYS F 33 36.37 -12.68 -26.95
N VAL F 34 36.77 -13.85 -27.47
CA VAL F 34 37.69 -14.73 -26.77
C VAL F 34 39.09 -14.09 -26.73
N TRP F 35 39.43 -13.32 -27.78
CA TRP F 35 40.66 -12.52 -27.75
C TRP F 35 40.59 -11.49 -26.62
N GLU F 36 39.44 -10.84 -26.47
CA GLU F 36 39.26 -9.83 -25.43
C GLU F 36 39.22 -10.46 -24.02
N LEU F 37 38.67 -11.68 -23.90
CA LEU F 37 38.72 -12.43 -22.65
C LEU F 37 40.17 -12.74 -22.25
N ALA F 38 40.98 -13.21 -23.20
CA ALA F 38 42.40 -13.46 -22.89
C ALA F 38 43.09 -12.20 -22.31
N ARG F 39 42.80 -11.05 -22.93
CA ARG F 39 43.37 -9.76 -22.56
C ARG F 39 42.97 -9.39 -21.13
N LEU F 40 41.70 -9.61 -20.82
CA LEU F 40 41.20 -9.41 -19.46
C LEU F 40 41.87 -10.37 -18.47
N VAL F 41 42.09 -11.63 -18.90
CA VAL F 41 42.76 -12.62 -18.05
C VAL F 41 44.21 -12.23 -17.80
N TRP F 42 44.93 -11.82 -18.84
CA TRP F 42 46.31 -11.34 -18.67
C TRP F 42 46.41 -10.13 -17.74
N GLN F 43 45.46 -9.20 -17.83
CA GLN F 43 45.54 -7.92 -17.12
C GLN F 43 45.06 -7.92 -15.68
N SER F 44 44.58 -9.07 -15.19
CA SER F 44 43.95 -9.17 -13.87
C SER F 44 44.81 -9.92 -12.85
N SER F 45 44.73 -9.49 -11.58
CA SER F 45 45.46 -10.10 -10.46
C SER F 45 44.69 -11.18 -9.71
N SER F 46 43.36 -11.11 -9.77
CA SER F 46 42.55 -12.05 -9.02
C SER F 46 41.34 -12.44 -9.84
N VAL F 47 41.47 -13.59 -10.50
CA VAL F 47 40.45 -14.13 -11.42
C VAL F 47 39.61 -15.19 -10.71
N VAL F 48 38.31 -14.95 -10.59
CA VAL F 48 37.39 -15.96 -10.03
C VAL F 48 36.45 -16.42 -11.14
N PHE F 49 36.28 -17.73 -11.21
CA PHE F 49 35.39 -18.39 -12.14
C PHE F 49 34.17 -18.91 -11.39
N HIS F 50 33.01 -18.81 -12.04
CA HIS F 50 31.71 -19.21 -11.50
C HIS F 50 31.10 -20.19 -12.54
N THR F 51 30.84 -21.42 -12.13
CA THR F 51 30.34 -22.39 -13.11
C THR F 51 28.98 -22.94 -12.66
N GLY F 52 28.12 -23.22 -13.65
CA GLY F 52 26.82 -23.85 -13.44
C GLY F 52 26.67 -25.03 -14.42
N ALA F 53 25.45 -25.49 -14.62
CA ALA F 53 25.16 -26.78 -15.30
C ALA F 53 25.60 -26.85 -16.77
N GLY F 54 25.74 -25.66 -17.37
CA GLY F 54 26.16 -25.49 -18.75
C GLY F 54 27.51 -26.11 -19.09
N ILE F 55 28.39 -26.22 -18.10
CA ILE F 55 29.72 -26.79 -18.35
C ILE F 55 29.74 -28.32 -18.27
N SER F 56 28.60 -28.95 -17.99
CA SER F 56 28.57 -30.42 -17.88
C SER F 56 27.66 -31.04 -18.93
N THR F 57 26.94 -30.20 -19.68
CA THR F 57 26.10 -30.69 -20.77
C THR F 57 26.88 -31.50 -21.82
N ALA F 58 28.09 -31.03 -22.16
CA ALA F 58 28.96 -31.75 -23.10
C ALA F 58 29.47 -33.14 -22.61
N SER F 59 29.28 -33.44 -21.33
CA SER F 59 29.56 -34.76 -20.78
C SER F 59 28.31 -35.66 -20.68
N GLY F 60 27.15 -35.17 -21.12
CA GLY F 60 25.89 -35.97 -21.12
C GLY F 60 24.94 -35.72 -19.94
N ILE F 61 25.22 -34.67 -19.16
CA ILE F 61 24.36 -34.28 -18.02
C ILE F 61 23.53 -33.08 -18.39
N PRO F 62 22.19 -33.23 -18.44
CA PRO F 62 21.39 -32.07 -18.86
C PRO F 62 21.46 -30.90 -17.88
N ASP F 63 21.23 -29.67 -18.37
CA ASP F 63 21.16 -28.47 -17.49
C ASP F 63 19.73 -28.35 -16.94
N PHE F 64 19.42 -27.23 -16.28
CA PHE F 64 18.09 -27.01 -15.69
C PHE F 64 17.17 -26.18 -16.57
N ARG F 65 17.72 -25.16 -17.22
CA ARG F 65 16.88 -24.18 -17.91
C ARG F 65 17.09 -24.06 -19.44
N GLY F 66 18.02 -24.83 -19.96
CA GLY F 66 18.20 -24.87 -21.42
C GLY F 66 16.98 -25.51 -22.09
N PRO F 67 16.96 -25.53 -23.43
CA PRO F 67 15.84 -26.06 -24.24
C PRO F 67 15.40 -27.44 -23.76
N HIS F 68 16.37 -28.25 -23.37
CA HIS F 68 16.10 -29.63 -22.95
C HIS F 68 16.53 -29.86 -21.53
N GLY F 69 16.57 -28.77 -20.76
CA GLY F 69 16.96 -28.84 -19.35
C GLY F 69 15.89 -29.43 -18.46
N VAL F 70 16.28 -29.81 -17.26
CA VAL F 70 15.39 -30.48 -16.31
C VAL F 70 14.06 -29.76 -16.14
N TRP F 71 14.10 -28.46 -15.80
CA TRP F 71 12.86 -27.71 -15.59
C TRP F 71 12.11 -27.50 -16.90
N THR F 72 12.86 -27.31 -17.99
CA THR F 72 12.26 -27.06 -19.29
C THR F 72 11.41 -28.25 -19.77
N MET F 73 11.95 -29.46 -19.63
CA MET F 73 11.24 -30.66 -20.10
C MET F 73 10.02 -30.92 -19.24
N GLU F 74 10.09 -30.46 -17.99
CA GLU F 74 8.94 -30.52 -17.11
C GLU F 74 7.77 -29.67 -17.61
N GLU F 75 8.05 -28.47 -18.13
CA GLU F 75 6.98 -27.65 -18.76
C GLU F 75 6.39 -28.36 -19.99
N ARG F 76 7.22 -29.16 -20.65
CA ARG F 76 6.84 -29.84 -21.90
C ARG F 76 6.04 -31.12 -21.65
N GLY F 77 5.96 -31.55 -20.40
CA GLY F 77 5.43 -32.86 -20.04
C GLY F 77 6.34 -33.99 -20.49
N LEU F 78 7.65 -33.71 -20.56
CA LEU F 78 8.66 -34.68 -21.00
C LEU F 78 9.74 -34.89 -19.92
N ALA F 79 10.67 -35.82 -20.15
CA ALA F 79 11.76 -36.08 -19.16
C ALA F 79 13.12 -35.58 -19.64
N PRO F 80 13.98 -35.11 -18.69
CA PRO F 80 15.37 -34.83 -19.08
C PRO F 80 16.07 -36.15 -19.44
N LYS F 81 17.11 -36.06 -20.26
CA LYS F 81 17.89 -37.21 -20.65
C LYS F 81 19.35 -37.05 -20.20
N PHE F 82 19.87 -38.11 -19.58
CA PHE F 82 21.29 -38.28 -19.26
C PHE F 82 21.91 -39.28 -20.23
N ASP F 83 23.07 -38.95 -20.79
CA ASP F 83 23.81 -39.85 -21.68
C ASP F 83 24.97 -40.49 -20.95
N THR F 84 24.93 -40.36 -19.61
CA THR F 84 25.92 -40.90 -18.68
C THR F 84 25.31 -41.03 -17.27
N THR F 85 25.94 -41.82 -16.41
CA THR F 85 25.65 -41.81 -14.98
C THR F 85 26.62 -40.78 -14.41
N PHE F 86 26.33 -40.27 -13.21
CA PHE F 86 27.26 -39.34 -12.56
C PHE F 86 28.65 -39.99 -12.42
N GLU F 87 28.64 -41.28 -12.07
CA GLU F 87 29.88 -42.05 -11.88
C GLU F 87 30.71 -42.21 -13.15
N SER F 88 30.06 -42.38 -14.30
CA SER F 88 30.80 -42.53 -15.54
C SER F 88 31.02 -41.19 -16.23
N ALA F 89 30.50 -40.10 -15.67
CA ALA F 89 30.65 -38.80 -16.34
C ALA F 89 32.14 -38.48 -16.43
N ARG F 90 32.54 -37.89 -17.54
CA ARG F 90 33.93 -37.46 -17.69
C ARG F 90 34.00 -35.93 -17.67
N PRO F 91 34.90 -35.33 -16.84
CA PRO F 91 35.16 -33.89 -16.89
C PRO F 91 35.34 -33.43 -18.34
N THR F 92 34.75 -32.29 -18.69
CA THR F 92 34.81 -31.80 -20.06
C THR F 92 36.11 -31.07 -20.28
N GLN F 93 36.35 -30.71 -21.52
CA GLN F 93 37.44 -29.81 -21.86
C GLN F 93 37.47 -28.57 -20.94
N THR F 94 36.30 -28.00 -20.65
CA THR F 94 36.22 -26.80 -19.78
C THR F 94 36.70 -27.13 -18.36
N HIS F 95 36.21 -28.24 -17.81
CA HIS F 95 36.69 -28.77 -16.52
C HIS F 95 38.21 -28.82 -16.36
N MET F 96 38.84 -29.44 -17.33
CA MET F 96 40.28 -29.63 -17.34
C MET F 96 41.01 -28.33 -17.61
N ALA F 97 40.42 -27.45 -18.43
CA ALA F 97 40.97 -26.12 -18.69
C ALA F 97 41.09 -25.33 -17.36
N LEU F 98 40.05 -25.42 -16.55
CA LEU F 98 40.01 -24.77 -15.25
C LEU F 98 41.09 -25.33 -14.29
N VAL F 99 41.31 -26.64 -14.37
CA VAL F 99 42.34 -27.31 -13.58
C VAL F 99 43.68 -26.67 -13.91
N GLN F 100 43.97 -26.63 -15.21
CA GLN F 100 45.20 -26.02 -15.70
C GLN F 100 45.33 -24.54 -15.33
N LEU F 101 44.28 -23.75 -15.48
CA LEU F 101 44.35 -22.33 -15.12
C LEU F 101 44.74 -22.17 -13.65
N GLU F 102 44.18 -23.03 -12.79
CA GLU F 102 44.52 -23.02 -11.37
C GLU F 102 45.98 -23.40 -11.14
N ARG F 103 46.41 -24.45 -11.84
CA ARG F 103 47.77 -25.00 -11.67
C ARG F 103 48.83 -23.95 -11.98
N VAL F 104 48.60 -23.14 -13.01
CA VAL F 104 49.60 -22.14 -13.41
C VAL F 104 49.42 -20.77 -12.72
N GLY F 105 48.50 -20.69 -11.78
CA GLY F 105 48.30 -19.47 -10.99
C GLY F 105 47.43 -18.41 -11.65
N LEU F 106 46.68 -18.80 -12.68
CA LEU F 106 45.85 -17.84 -13.39
C LEU F 106 44.41 -17.80 -12.86
N LEU F 107 44.03 -18.78 -12.05
CA LEU F 107 42.72 -18.84 -11.41
C LEU F 107 42.92 -18.79 -9.89
N ARG F 108 42.31 -17.81 -9.23
CA ARG F 108 42.38 -17.67 -7.75
C ARG F 108 41.40 -18.56 -6.97
N PHE F 109 40.16 -18.58 -7.43
CA PHE F 109 39.10 -19.37 -6.80
C PHE F 109 38.02 -19.77 -7.80
N LEU F 110 37.36 -20.90 -7.51
CA LEU F 110 36.29 -21.45 -8.34
C LEU F 110 35.01 -21.60 -7.52
N VAL F 111 33.97 -20.89 -7.94
CA VAL F 111 32.67 -21.03 -7.32
C VAL F 111 31.75 -21.88 -8.20
N SER F 112 31.28 -23.01 -7.66
CA SER F 112 30.37 -23.86 -8.43
C SER F 112 29.02 -24.09 -7.80
N GLN F 113 28.02 -24.01 -8.67
CA GLN F 113 26.66 -24.38 -8.36
C GLN F 113 26.38 -25.87 -8.66
N ASN F 114 27.34 -26.55 -9.28
CA ASN F 114 27.14 -27.95 -9.75
C ASN F 114 27.29 -28.99 -8.65
N VAL F 115 26.34 -29.94 -8.60
CA VAL F 115 26.38 -31.07 -7.67
C VAL F 115 27.03 -32.31 -8.30
N ASP F 116 27.39 -32.24 -9.57
CA ASP F 116 27.85 -33.40 -10.34
C ASP F 116 29.19 -34.04 -9.93
N GLY F 117 29.88 -33.41 -8.98
CA GLY F 117 31.14 -33.91 -8.45
C GLY F 117 32.31 -33.83 -9.41
N LEU F 118 32.09 -33.25 -10.59
CA LEU F 118 33.11 -33.31 -11.63
C LEU F 118 34.32 -32.41 -11.36
N HIS F 119 34.13 -31.25 -10.71
CA HIS F 119 35.31 -30.42 -10.36
C HIS F 119 36.28 -31.17 -9.43
N VAL F 120 35.77 -31.75 -8.34
CA VAL F 120 36.61 -32.60 -7.45
C VAL F 120 37.28 -33.76 -8.20
N ARG F 121 36.47 -34.49 -8.96
CA ARG F 121 36.94 -35.65 -9.69
C ARG F 121 37.98 -35.33 -10.77
N SER F 122 37.90 -34.12 -11.35
CA SER F 122 38.88 -33.58 -12.31
C SER F 122 40.30 -33.36 -11.75
N GLY F 123 40.45 -33.29 -10.41
CA GLY F 123 41.73 -33.08 -9.78
C GLY F 123 41.96 -31.62 -9.35
N PHE F 124 40.89 -30.82 -9.42
CA PHE F 124 40.92 -29.43 -8.98
C PHE F 124 41.10 -29.38 -7.46
N PRO F 125 41.93 -28.45 -6.91
CA PRO F 125 42.16 -28.48 -5.46
C PRO F 125 40.96 -27.98 -4.67
N ARG F 126 40.54 -28.78 -3.70
CA ARG F 126 39.33 -28.51 -2.93
C ARG F 126 39.40 -27.23 -2.13
N ASP F 127 40.59 -26.80 -1.76
CA ASP F 127 40.75 -25.54 -1.00
C ASP F 127 40.64 -24.29 -1.87
N LYS F 128 40.45 -24.47 -3.17
CA LYS F 128 40.16 -23.34 -4.05
C LYS F 128 38.80 -23.43 -4.70
N LEU F 129 37.97 -24.30 -4.14
CA LEU F 129 36.68 -24.64 -4.70
C LEU F 129 35.57 -24.43 -3.67
N ALA F 130 34.51 -23.70 -4.03
CA ALA F 130 33.29 -23.69 -3.20
C ALA F 130 32.22 -24.41 -4.00
N GLU F 131 31.62 -25.42 -3.36
CA GLU F 131 30.52 -26.18 -3.96
C GLU F 131 29.25 -25.73 -3.27
N LEU F 132 28.66 -24.68 -3.83
CA LEU F 132 27.52 -23.96 -3.22
C LEU F 132 26.26 -24.76 -2.94
N HIS F 133 25.97 -25.75 -3.79
CA HIS F 133 24.71 -26.47 -3.71
C HIS F 133 24.92 -27.94 -3.37
N GLY F 134 26.18 -28.30 -3.09
CA GLY F 134 26.47 -29.66 -2.67
C GLY F 134 27.26 -30.44 -3.72
N ASN F 135 27.62 -31.66 -3.35
CA ASN F 135 28.37 -32.58 -4.23
C ASN F 135 27.79 -33.98 -4.03
N MET F 136 27.37 -34.63 -5.10
CA MET F 136 26.77 -36.00 -5.09
C MET F 136 27.62 -37.09 -4.45
N PHE F 137 28.94 -36.87 -4.43
CA PHE F 137 29.87 -37.87 -3.94
C PHE F 137 30.34 -37.56 -2.54
N VAL F 138 29.92 -36.42 -2.00
CA VAL F 138 30.41 -35.98 -0.69
C VAL F 138 29.39 -36.06 0.46
N GLU F 139 29.70 -36.88 1.45
CA GLU F 139 28.86 -36.89 2.65
C GLU F 139 29.60 -36.24 3.82
N GLU F 140 28.85 -35.69 4.76
CA GLU F 140 29.38 -34.89 5.87
C GLU F 140 28.83 -35.33 7.23
N CYS F 141 29.69 -35.38 8.25
CA CYS F 141 29.29 -35.67 9.62
C CYS F 141 28.51 -34.49 10.21
N ALA F 142 27.35 -34.76 10.81
CA ALA F 142 26.55 -33.72 11.46
C ALA F 142 27.18 -33.21 12.76
N LYS F 143 28.03 -34.03 13.37
CA LYS F 143 28.63 -33.70 14.66
C LYS F 143 29.87 -32.81 14.49
N CYS F 144 30.80 -33.24 13.64
CA CYS F 144 32.09 -32.58 13.51
C CYS F 144 32.37 -31.95 12.12
N LYS F 145 31.38 -31.99 11.24
CA LYS F 145 31.47 -31.40 9.89
C LYS F 145 32.58 -31.97 8.97
N THR F 146 33.21 -33.08 9.39
CA THR F 146 34.21 -33.78 8.58
C THR F 146 33.50 -34.30 7.32
N GLN F 147 34.13 -34.13 6.16
CA GLN F 147 33.53 -34.58 4.88
C GLN F 147 34.26 -35.78 4.33
N TYR F 148 33.54 -36.60 3.55
CA TYR F 148 34.07 -37.81 2.93
C TYR F 148 33.76 -37.76 1.44
N VAL F 149 34.80 -37.78 0.60
CA VAL F 149 34.67 -37.82 -0.87
C VAL F 149 34.65 -39.30 -1.30
N ARG F 150 33.51 -39.77 -1.81
CA ARG F 150 33.32 -41.18 -2.12
C ARG F 150 33.50 -41.43 -3.61
N ASP F 151 33.88 -42.65 -3.96
CA ASP F 151 33.99 -43.02 -5.37
C ASP F 151 32.66 -43.25 -6.07
N THR F 152 31.58 -43.41 -5.29
N THR F 152 31.59 -43.46 -5.29
CA THR F 152 30.23 -43.66 -5.79
CA THR F 152 30.23 -43.61 -5.85
C THR F 152 29.27 -42.59 -5.24
C THR F 152 29.29 -42.55 -5.26
N VAL F 153 28.21 -42.26 -5.99
CA VAL F 153 27.21 -41.27 -5.51
C VAL F 153 26.58 -41.70 -4.20
N VAL F 154 26.44 -40.71 -3.32
CA VAL F 154 25.87 -40.87 -2.00
C VAL F 154 24.36 -40.88 -2.24
N GLY F 155 23.71 -41.96 -1.83
CA GLY F 155 22.34 -42.27 -2.24
C GLY F 155 21.17 -41.44 -1.71
N THR F 156 21.47 -40.38 -0.94
CA THR F 156 20.44 -39.49 -0.45
C THR F 156 20.65 -38.05 -0.95
N MET F 157 19.58 -37.26 -0.89
CA MET F 157 19.61 -35.85 -1.27
C MET F 157 18.75 -35.09 -0.30
N GLY F 158 19.09 -33.82 -0.07
CA GLY F 158 18.32 -32.97 0.83
C GLY F 158 18.78 -32.99 2.28
N LEU F 159 20.08 -33.26 2.50
CA LEU F 159 20.76 -33.21 3.82
C LEU F 159 20.21 -34.23 4.85
N LYS F 160 20.04 -35.46 4.39
CA LYS F 160 19.51 -36.53 5.23
C LYS F 160 20.58 -37.58 5.48
N ALA F 161 20.35 -38.43 6.50
CA ALA F 161 21.28 -39.47 6.91
C ALA F 161 21.46 -40.53 5.85
N THR F 162 22.70 -40.93 5.66
CA THR F 162 23.04 -41.92 4.64
C THR F 162 23.06 -43.33 5.24
N GLY F 163 23.14 -43.43 6.56
CA GLY F 163 23.29 -44.70 7.24
C GLY F 163 24.69 -44.89 7.83
N ARG F 164 25.69 -44.32 7.17
CA ARG F 164 27.10 -44.41 7.64
C ARG F 164 27.45 -43.45 8.77
N LEU F 165 28.45 -43.82 9.56
CA LEU F 165 28.85 -43.01 10.73
C LEU F 165 30.25 -42.46 10.52
N CYS F 166 30.51 -41.33 11.17
CA CYS F 166 31.81 -40.68 11.13
C CYS F 166 32.92 -41.63 11.60
N THR F 167 33.99 -41.72 10.81
CA THR F 167 35.08 -42.66 11.05
C THR F 167 36.25 -42.06 11.83
N VAL F 168 36.48 -40.74 11.73
CA VAL F 168 37.70 -40.13 12.32
C VAL F 168 37.67 -40.06 13.85
N ALA F 169 38.85 -40.05 14.46
CA ALA F 169 38.96 -39.96 15.92
C ALA F 169 38.33 -38.67 16.50
N LYS F 170 37.61 -38.81 17.61
CA LYS F 170 37.02 -37.64 18.30
C LYS F 170 38.05 -36.94 19.18
N ARG F 175 38.80 -42.29 20.71
CA ARG F 175 37.73 -43.06 20.08
C ARG F 175 37.08 -42.25 18.94
N ALA F 176 36.42 -42.94 18.02
CA ALA F 176 35.79 -42.31 16.85
C ALA F 176 34.69 -41.32 17.18
N CYS F 177 34.45 -40.39 16.25
CA CYS F 177 33.38 -39.39 16.38
C CYS F 177 32.00 -40.05 16.36
N ARG F 178 31.85 -41.05 15.50
CA ARG F 178 30.61 -41.81 15.37
C ARG F 178 29.39 -40.96 14.96
N GLY F 179 29.61 -39.68 14.66
CA GLY F 179 28.52 -38.79 14.23
C GLY F 179 27.79 -39.29 12.97
N GLU F 180 26.56 -38.83 12.78
CA GLU F 180 25.74 -39.25 11.65
C GLU F 180 26.14 -38.63 10.30
N LEU F 181 26.45 -39.46 9.29
CA LEU F 181 26.79 -38.92 7.97
C LEU F 181 25.56 -38.62 7.10
N ARG F 182 25.63 -37.49 6.39
CA ARG F 182 24.52 -36.96 5.59
C ARG F 182 25.02 -36.44 4.26
N ASP F 183 24.19 -36.54 3.23
CA ASP F 183 24.51 -35.95 1.93
C ASP F 183 24.69 -34.44 2.04
N THR F 184 25.24 -33.82 1.01
CA THR F 184 25.48 -32.38 1.06
C THR F 184 24.60 -31.65 0.06
N ILE F 185 23.72 -32.41 -0.59
CA ILE F 185 22.83 -31.89 -1.62
C ILE F 185 21.68 -31.10 -1.01
N LEU F 186 21.79 -29.77 -1.12
CA LEU F 186 20.76 -28.85 -0.68
C LEU F 186 19.38 -29.12 -1.28
N ASP F 187 18.36 -28.94 -0.45
CA ASP F 187 16.96 -28.95 -0.90
C ASP F 187 16.52 -27.51 -1.11
N TRP F 188 15.28 -27.33 -1.57
CA TRP F 188 14.70 -26.02 -1.83
C TRP F 188 14.73 -25.10 -0.60
N GLU F 189 14.39 -25.65 0.56
CA GLU F 189 14.27 -24.85 1.77
C GLU F 189 15.60 -24.62 2.50
N ASP F 190 16.67 -25.23 2.00
CA ASP F 190 17.95 -25.24 2.71
C ASP F 190 18.83 -24.08 2.36
N SER F 191 19.49 -23.54 3.38
CA SER F 191 20.50 -22.51 3.21
C SER F 191 21.84 -23.11 2.79
N LEU F 192 22.66 -22.29 2.16
CA LEU F 192 23.97 -22.67 1.63
C LEU F 192 25.00 -22.93 2.73
N PRO F 193 25.93 -23.90 2.52
CA PRO F 193 26.99 -24.19 3.50
C PRO F 193 27.76 -22.92 3.90
N ASP F 194 27.97 -22.70 5.20
CA ASP F 194 28.69 -21.52 5.70
C ASP F 194 30.07 -21.29 5.09
N ARG F 195 30.93 -22.32 5.12
CA ARG F 195 32.30 -22.22 4.59
C ARG F 195 32.32 -21.89 3.10
N ASP F 196 31.59 -22.66 2.31
CA ASP F 196 31.59 -22.47 0.85
C ASP F 196 31.12 -21.08 0.41
N LEU F 197 29.95 -20.64 0.90
CA LEU F 197 29.44 -19.30 0.61
C LEU F 197 30.37 -18.17 1.07
N ALA F 198 30.91 -18.31 2.27
CA ALA F 198 31.80 -17.29 2.86
C ALA F 198 33.03 -17.14 2.01
N LEU F 199 33.66 -18.27 1.72
CA LEU F 199 34.83 -18.27 0.83
C LEU F 199 34.51 -17.77 -0.57
N ALA F 200 33.31 -18.06 -1.06
CA ALA F 200 32.92 -17.62 -2.41
C ALA F 200 32.60 -16.14 -2.42
N ASP F 201 31.96 -15.66 -1.35
CA ASP F 201 31.69 -14.24 -1.16
C ASP F 201 33.02 -13.46 -1.08
N GLU F 202 33.91 -13.86 -0.17
CA GLU F 202 35.24 -13.26 -0.05
C GLU F 202 36.01 -13.25 -1.38
N ALA F 203 36.03 -14.39 -2.07
CA ALA F 203 36.76 -14.46 -3.31
C ALA F 203 36.18 -13.49 -4.34
N SER F 204 34.85 -13.37 -4.37
CA SER F 204 34.19 -12.56 -5.41
C SER F 204 34.38 -11.06 -5.16
N ARG F 205 34.30 -10.68 -3.87
CA ARG F 205 34.53 -9.29 -3.43
C ARG F 205 35.95 -8.83 -3.73
N ASN F 206 36.91 -9.73 -3.55
CA ASN F 206 38.33 -9.42 -3.78
C ASN F 206 38.81 -9.49 -5.24
N ALA F 207 38.01 -10.11 -6.11
CA ALA F 207 38.42 -10.32 -7.51
C ALA F 207 38.40 -9.03 -8.32
N ASP F 208 39.34 -8.90 -9.25
CA ASP F 208 39.22 -7.89 -10.31
C ASP F 208 38.61 -8.41 -11.62
N LEU F 209 38.43 -9.74 -11.70
CA LEU F 209 37.73 -10.38 -12.84
C LEU F 209 36.94 -11.61 -12.39
N SER F 210 35.65 -11.60 -12.71
CA SER F 210 34.78 -12.74 -12.47
C SER F 210 34.31 -13.22 -13.85
N ILE F 211 34.39 -14.52 -14.08
CA ILE F 211 33.97 -15.10 -15.34
C ILE F 211 32.93 -16.17 -15.05
N THR F 212 31.73 -16.00 -15.61
CA THR F 212 30.69 -17.03 -15.47
C THR F 212 30.65 -17.92 -16.70
N LEU F 213 30.47 -19.22 -16.46
CA LEU F 213 30.51 -20.23 -17.51
C LEU F 213 29.30 -21.12 -17.33
N GLY F 214 28.43 -21.13 -18.33
CA GLY F 214 27.29 -22.04 -18.33
C GLY F 214 26.34 -21.94 -17.15
N THR F 215 26.09 -20.71 -16.69
CA THR F 215 25.06 -20.47 -15.65
C THR F 215 24.13 -19.31 -16.04
N SER F 216 22.83 -19.46 -15.76
CA SER F 216 21.85 -18.41 -16.07
C SER F 216 21.76 -17.34 -14.97
N LEU F 217 22.50 -17.58 -13.88
CA LEU F 217 22.63 -16.67 -12.73
C LEU F 217 21.28 -16.27 -12.15
N GLN F 218 20.35 -17.22 -12.15
CA GLN F 218 18.97 -16.97 -11.70
C GLN F 218 18.73 -17.30 -10.22
N ILE F 219 19.69 -17.98 -9.59
CA ILE F 219 19.52 -18.43 -8.21
C ILE F 219 20.28 -17.51 -7.29
N ARG F 220 19.61 -17.05 -6.24
CA ARG F 220 20.26 -16.20 -5.24
C ARG F 220 20.53 -17.06 -4.01
N PRO F 221 21.66 -16.80 -3.29
CA PRO F 221 22.70 -15.78 -3.55
C PRO F 221 23.72 -16.14 -4.63
N SER F 222 23.75 -17.39 -5.04
CA SER F 222 24.76 -17.97 -5.96
C SER F 222 24.97 -17.14 -7.22
N GLY F 223 23.89 -16.82 -7.93
CA GLY F 223 23.99 -16.08 -9.20
C GLY F 223 24.32 -14.60 -9.06
N ASN F 224 24.27 -14.12 -7.81
CA ASN F 224 24.61 -12.75 -7.44
C ASN F 224 26.09 -12.54 -7.12
N LEU F 225 26.82 -13.60 -6.80
CA LEU F 225 28.24 -13.43 -6.39
C LEU F 225 29.10 -12.73 -7.45
N PRO F 226 28.86 -13.00 -8.77
CA PRO F 226 29.69 -12.31 -9.78
C PRO F 226 29.53 -10.77 -9.77
N LEU F 227 28.40 -10.28 -9.25
CA LEU F 227 28.18 -8.84 -9.05
C LEU F 227 29.02 -8.24 -7.92
N ALA F 228 29.33 -9.04 -6.89
CA ALA F 228 30.26 -8.58 -5.84
C ALA F 228 31.58 -8.05 -6.42
N THR F 229 32.00 -8.63 -7.54
CA THR F 229 33.21 -8.22 -8.24
C THR F 229 32.99 -6.87 -8.93
N LYS F 230 31.89 -6.79 -9.69
CA LYS F 230 31.42 -5.56 -10.31
C LYS F 230 31.33 -4.43 -9.27
N ARG F 231 30.50 -4.66 -8.24
CA ARG F 231 30.29 -3.74 -7.11
C ARG F 231 31.57 -3.07 -6.63
N ARG F 232 32.58 -3.88 -6.30
CA ARG F 232 33.79 -3.40 -5.63
C ARG F 232 34.74 -2.68 -6.59
N GLY F 233 34.67 -2.99 -7.88
CA GLY F 233 35.48 -2.33 -8.91
C GLY F 233 35.82 -3.18 -10.13
N GLY F 234 35.71 -4.51 -10.00
CA GLY F 234 36.29 -5.46 -10.97
C GLY F 234 35.53 -5.58 -12.28
N ARG F 235 36.01 -6.44 -13.18
CA ARG F 235 35.33 -6.69 -14.45
C ARG F 235 34.45 -7.97 -14.37
N LEU F 236 33.37 -7.99 -15.14
CA LEU F 236 32.48 -9.17 -15.23
C LEU F 236 32.43 -9.71 -16.67
N VAL F 237 32.70 -11.01 -16.84
CA VAL F 237 32.52 -11.69 -18.11
C VAL F 237 31.50 -12.81 -17.93
N ILE F 238 30.56 -12.93 -18.87
CA ILE F 238 29.52 -13.95 -18.79
C ILE F 238 29.54 -14.75 -20.09
N VAL F 239 29.72 -16.06 -19.95
CA VAL F 239 29.79 -16.96 -21.09
C VAL F 239 28.61 -17.92 -20.94
N ASN F 240 27.69 -17.78 -21.88
CA ASN F 240 26.47 -18.56 -21.84
C ASN F 240 25.76 -18.59 -23.20
N LEU F 241 25.08 -19.70 -23.49
CA LEU F 241 24.29 -19.77 -24.72
C LEU F 241 22.98 -18.95 -24.62
N GLN F 242 22.35 -18.99 -23.46
CA GLN F 242 21.15 -18.21 -23.21
C GLN F 242 21.43 -16.85 -22.57
N PRO F 243 20.48 -15.92 -22.66
CA PRO F 243 20.63 -14.71 -21.86
C PRO F 243 20.67 -15.09 -20.39
N THR F 244 21.30 -14.25 -19.57
CA THR F 244 21.34 -14.49 -18.13
C THR F 244 20.69 -13.31 -17.41
N LYS F 245 20.28 -13.55 -16.17
CA LYS F 245 19.73 -12.49 -15.32
C LYS F 245 20.59 -11.19 -15.27
N HIS F 246 21.92 -11.34 -15.31
CA HIS F 246 22.82 -10.19 -15.09
C HIS F 246 23.54 -9.68 -16.34
N ASP F 247 23.02 -10.01 -17.53
CA ASP F 247 23.65 -9.62 -18.80
C ASP F 247 24.01 -8.15 -18.92
N ARG F 248 23.14 -7.28 -18.39
CA ARG F 248 23.36 -5.84 -18.55
C ARG F 248 24.59 -5.36 -17.77
N HIS F 249 24.94 -6.07 -16.70
CA HIS F 249 26.05 -5.70 -15.83
C HIS F 249 27.44 -6.18 -16.32
N ALA F 250 27.46 -7.05 -17.33
CA ALA F 250 28.71 -7.63 -17.82
C ALA F 250 29.47 -6.63 -18.67
N ASP F 251 30.80 -6.73 -18.65
CA ASP F 251 31.68 -5.96 -19.55
C ASP F 251 31.87 -6.66 -20.87
N LEU F 252 31.55 -7.95 -20.90
CA LEU F 252 31.71 -8.80 -22.07
C LEU F 252 30.75 -9.98 -21.92
N ARG F 253 29.93 -10.24 -22.93
CA ARG F 253 29.05 -11.42 -22.98
C ARG F 253 29.43 -12.32 -24.16
N ILE F 254 29.77 -13.57 -23.88
CA ILE F 254 30.19 -14.46 -24.97
C ILE F 254 29.13 -15.55 -25.16
N HIS F 255 28.51 -15.52 -26.33
CA HIS F 255 27.46 -16.48 -26.68
C HIS F 255 27.99 -17.57 -27.62
N GLY F 256 28.31 -18.70 -27.01
CA GLY F 256 28.84 -19.90 -27.67
C GLY F 256 28.98 -21.05 -26.67
N TYR F 257 29.44 -22.20 -27.15
CA TYR F 257 29.68 -23.36 -26.29
C TYR F 257 30.92 -23.13 -25.45
N VAL F 258 30.80 -23.27 -24.13
CA VAL F 258 31.95 -23.10 -23.24
C VAL F 258 33.20 -23.86 -23.71
N ASP F 259 33.06 -25.10 -24.20
CA ASP F 259 34.25 -25.86 -24.60
C ASP F 259 35.04 -25.12 -25.70
N GLU F 260 34.32 -24.61 -26.69
CA GLU F 260 34.94 -23.86 -27.76
C GLU F 260 35.55 -22.54 -27.25
N VAL F 261 34.83 -21.84 -26.36
CA VAL F 261 35.41 -20.63 -25.73
C VAL F 261 36.71 -20.95 -25.00
N MET F 262 36.66 -21.95 -24.12
CA MET F 262 37.78 -22.33 -23.28
C MET F 262 38.95 -22.90 -24.07
N THR F 263 38.65 -23.69 -25.10
CA THR F 263 39.70 -24.26 -25.96
C THR F 263 40.51 -23.15 -26.66
N ARG F 264 39.80 -22.15 -27.18
CA ARG F 264 40.45 -21.02 -27.87
C ARG F 264 41.14 -20.10 -26.88
N LEU F 265 40.51 -19.90 -25.73
CA LEU F 265 41.16 -19.14 -24.65
C LEU F 265 42.51 -19.74 -24.22
N MET F 266 42.54 -21.06 -24.01
CA MET F 266 43.78 -21.74 -23.62
C MET F 266 44.86 -21.59 -24.70
N LYS F 267 44.46 -21.67 -25.94
CA LYS F 267 45.38 -21.52 -27.03
C LYS F 267 45.98 -20.14 -27.02
N HIS F 268 45.21 -19.13 -26.69
CA HIS F 268 45.72 -17.76 -26.57
C HIS F 268 46.70 -17.57 -25.42
N LEU F 269 46.41 -18.24 -24.32
CA LEU F 269 47.28 -18.20 -23.14
C LEU F 269 48.52 -19.08 -23.29
N GLY F 270 48.56 -19.87 -24.36
CA GLY F 270 49.71 -20.74 -24.64
C GLY F 270 49.75 -21.94 -23.70
N LEU F 271 48.59 -22.32 -23.18
CA LEU F 271 48.45 -23.41 -22.23
C LEU F 271 47.80 -24.61 -22.89
N GLU F 272 48.25 -25.81 -22.52
CA GLU F 272 47.57 -27.04 -22.93
C GLU F 272 46.55 -27.44 -21.86
N ILE F 273 45.47 -28.05 -22.33
CA ILE F 273 44.53 -28.68 -21.44
C ILE F 273 45.07 -30.08 -21.09
N PRO F 274 45.32 -30.34 -19.80
CA PRO F 274 45.85 -31.62 -19.35
C PRO F 274 44.86 -32.77 -19.47
N ALA F 275 45.39 -33.96 -19.69
CA ALA F 275 44.59 -35.21 -19.72
C ALA F 275 43.92 -35.54 -18.38
N TRP F 276 42.71 -36.11 -18.42
CA TRP F 276 42.13 -36.71 -17.21
C TRP F 276 42.30 -38.22 -17.25
N ASP F 277 42.87 -38.77 -16.18
CA ASP F 277 43.10 -40.22 -16.13
C ASP F 277 42.22 -40.98 -15.11
N GLY F 278 41.00 -40.52 -14.88
CA GLY F 278 40.11 -41.12 -13.89
C GLY F 278 40.00 -40.21 -12.67
N PRO F 279 39.06 -40.50 -11.75
CA PRO F 279 38.80 -39.62 -10.62
C PRO F 279 39.96 -39.60 -9.65
N ARG F 280 40.32 -38.40 -9.20
CA ARG F 280 41.45 -38.16 -8.30
C ARG F 280 41.09 -36.96 -7.47
N VAL F 281 41.36 -37.04 -6.18
CA VAL F 281 41.00 -36.00 -5.23
C VAL F 281 42.24 -35.27 -4.75
N LEU F 282 42.28 -33.95 -4.96
CA LEU F 282 43.39 -33.14 -4.48
C LEU F 282 42.83 -32.19 -3.43
N GLU F 283 43.29 -32.33 -2.19
CA GLU F 283 42.76 -31.49 -1.11
C GLU F 283 43.30 -30.07 -1.19
N ARG F 284 44.57 -29.95 -1.56
CA ARG F 284 45.25 -28.67 -1.38
C ARG F 284 46.03 -28.24 -2.62
N ALA F 285 45.78 -27.01 -3.04
CA ALA F 285 46.54 -26.35 -4.09
C ALA F 285 48.06 -26.34 -3.84
N LEU F 286 48.83 -26.47 -4.89
CA LEU F 286 50.28 -26.28 -4.82
C LEU F 286 50.65 -24.89 -5.35
N PRO F 287 51.93 -24.48 -5.16
CA PRO F 287 52.46 -23.27 -5.81
C PRO F 287 52.32 -23.35 -7.32
N PRO F 288 52.07 -22.20 -7.98
CA PRO F 288 51.82 -22.24 -9.42
C PRO F 288 52.98 -22.86 -10.19
N LEU F 289 52.63 -23.68 -11.18
CA LEU F 289 53.57 -24.17 -12.17
C LEU F 289 54.01 -23.03 -13.07
N PRO F 290 55.18 -23.18 -13.72
CA PRO F 290 55.61 -22.16 -14.68
C PRO F 290 54.62 -21.94 -15.82
N ARG F 291 54.46 -20.69 -16.22
CA ARG F 291 53.56 -20.35 -17.32
C ARG F 291 54.21 -19.33 -18.27
N PRO F 292 53.71 -19.26 -19.53
CA PRO F 292 54.39 -18.38 -20.49
C PRO F 292 54.41 -16.90 -20.06
N PRO F 293 55.46 -16.17 -20.48
CA PRO F 293 55.44 -14.73 -20.25
C PRO F 293 54.22 -14.07 -20.92
N THR F 294 53.83 -12.94 -20.37
CA THR F 294 52.64 -12.17 -20.77
C THR F 294 52.89 -11.28 -21.99
N PRO F 295 51.89 -11.14 -22.89
CA PRO F 295 52.13 -10.27 -24.06
C PRO F 295 52.08 -8.77 -23.73
N LYS F 296 52.62 -7.96 -24.62
CA LYS F 296 52.72 -6.53 -24.43
C LYS F 296 51.40 -5.91 -24.77
N LEU F 297 50.66 -5.38 -23.82
CA LEU F 297 49.40 -4.78 -24.25
C LEU F 297 49.26 -3.31 -23.95
#